data_2ZZK
#
_entry.id   2ZZK
#
_cell.length_a   78.834
_cell.length_b   90.139
_cell.length_c   251.376
_cell.angle_alpha   90.00
_cell.angle_beta   90.00
_cell.angle_gamma   90.00
#
_symmetry.space_group_name_H-M   'P 21 21 21'
#
loop_
_entity.id
_entity.type
_entity.pdbx_description
1 polymer 'Leucine carboxyl methyltransferase 2'
2 non-polymer 'CITRIC ACID'
3 non-polymer 'TETRAETHYLENE GLYCOL'
4 water water
#
_entity_poly.entity_id   1
_entity_poly.type   'polypeptide(L)'
_entity_poly.pdbx_seq_one_letter_code
;MKNLTTIKQTNKNVKQERRKKYADLAIQGTNNSSIASKRSVELLYLPKLSSANNFQMDKNNKLLEYFKFFVPKKIKRSPC
INRGYWLRLFAIRSRLNSIIEQTPQDKKIVVVNLGCGYDPLPFQLLDTNNIQSQQYHDRVSFIDIDYSDLLKIKIELIKT
IPELSKIIGLSEDKDYVDDSNVDFLTTPKYLARPCDLNDSKMFSTLLNECQLYDPNVVKVFVAEVSLAYMKPERSDSIIE
ATSKMENSHFIILEQLIPKGPFEPFSKQMLAHFKRNDSPLQSVLKYNTIESQVQRFNKLGFAYVNVGDMFQLWESADEAT
KKELLKVEPFDELEEFHLFCHHYVLCHATNYKEFAFTQGFLFDRSISEINLTVDEDYQLLECECPINRKFGDVDVAGNDV
FYMGGSNPYRVNEILQLSIHYDKIDMKNIEVSSSEVPVARMCHTFTTISRNNQLLLIGGRKAPHQGLSDNWIFDMKTREW
SMIKSLSHTRFRHSACSLPDGNVLILGGVTEGPAMLLYNVTEEIFKDVTPKDEFFQNSLVSAGLEFDPVSKQGIILGGGF
MDQTTVSDKAIIFKYDAENATEPITVIKKLQHPLFQRYGSQIKYITPRKLLIVGGTSPSGLFDRTNSIISLDPLSETLTS
IPISRRIWEDHSLMLAGFSLVSTSMGTIHIIGGGATCYGFGSVTNVGLKLIAIAK
;
_entity_poly.pdbx_strand_id   A,B
#
# COMPACT_ATOMS: atom_id res chain seq x y z
N ASN A 13 -36.49 28.44 -34.21
CA ASN A 13 -37.62 27.57 -33.91
C ASN A 13 -38.48 28.15 -32.79
N VAL A 14 -39.79 28.23 -33.04
CA VAL A 14 -40.73 28.88 -32.12
C VAL A 14 -40.82 28.16 -30.78
N LYS A 15 -40.90 26.83 -30.83
CA LYS A 15 -40.97 26.02 -29.61
C LYS A 15 -39.67 26.12 -28.83
N GLN A 16 -38.55 25.90 -29.51
CA GLN A 16 -37.22 25.94 -28.88
C GLN A 16 -36.93 27.28 -28.19
N GLU A 17 -37.44 28.36 -28.77
CA GLU A 17 -37.27 29.69 -28.19
C GLU A 17 -38.07 29.82 -26.89
N ARG A 18 -39.27 29.27 -26.89
CA ARG A 18 -40.13 29.25 -25.71
C ARG A 18 -39.48 28.41 -24.61
N ARG A 19 -39.09 27.19 -24.97
CA ARG A 19 -38.42 26.27 -24.05
C ARG A 19 -37.26 26.95 -23.30
N LYS A 20 -36.31 27.52 -24.03
CA LYS A 20 -35.19 28.22 -23.41
C LYS A 20 -35.66 29.34 -22.49
N LYS A 21 -36.65 30.10 -22.95
CA LYS A 21 -37.14 31.25 -22.19
C LYS A 21 -37.46 30.87 -20.75
N TYR A 22 -38.36 29.90 -20.59
CA TYR A 22 -38.75 29.46 -19.25
C TYR A 22 -37.76 28.46 -18.66
N ALA A 23 -36.89 27.93 -19.52
CA ALA A 23 -35.81 27.07 -19.06
C ALA A 23 -34.90 27.86 -18.13
N ASP A 24 -34.62 29.11 -18.52
CA ASP A 24 -33.80 29.99 -17.71
C ASP A 24 -34.52 30.38 -16.42
N LEU A 25 -35.81 30.65 -16.53
CA LEU A 25 -36.61 31.00 -15.37
C LEU A 25 -36.57 29.89 -14.32
N ALA A 26 -36.69 28.65 -14.78
CA ALA A 26 -36.62 27.50 -13.88
C ALA A 26 -35.29 27.48 -13.12
N ILE A 27 -34.24 27.99 -13.73
CA ILE A 27 -32.91 27.98 -13.11
C ILE A 27 -32.79 28.97 -11.95
N GLN A 28 -33.37 30.16 -12.09
CA GLN A 28 -33.32 31.15 -11.03
C GLN A 28 -33.84 30.58 -9.71
N GLY A 29 -34.42 29.39 -9.77
CA GLY A 29 -34.92 28.70 -8.60
C GLY A 29 -34.59 27.22 -8.57
N THR A 30 -33.40 26.84 -9.03
CA THR A 30 -32.98 25.43 -9.03
C THR A 30 -31.66 25.17 -8.31
N ASN A 31 -30.66 26.05 -8.48
CA ASN A 31 -29.35 25.80 -7.87
C ASN A 31 -29.29 26.08 -6.36
N ASN A 32 -28.43 25.34 -5.67
CA ASN A 32 -28.58 25.10 -4.24
C ASN A 32 -30.03 24.86 -3.83
N SER A 33 -30.73 24.07 -4.64
CA SER A 33 -32.03 23.55 -4.30
C SER A 33 -31.91 22.04 -4.29
N SER A 34 -32.96 21.36 -3.85
CA SER A 34 -32.96 19.92 -3.78
C SER A 34 -32.93 19.31 -5.18
N ILE A 35 -33.51 20.02 -6.14
CA ILE A 35 -33.53 19.54 -7.53
C ILE A 35 -32.11 19.49 -8.09
N ALA A 36 -31.38 20.59 -7.91
CA ALA A 36 -29.99 20.67 -8.34
C ALA A 36 -29.18 19.49 -7.79
N SER A 37 -29.37 19.20 -6.51
CA SER A 37 -28.66 18.11 -5.85
C SER A 37 -29.11 16.74 -6.34
N LYS A 38 -30.35 16.64 -6.82
CA LYS A 38 -30.82 15.39 -7.39
C LYS A 38 -30.22 15.17 -8.78
N ARG A 39 -30.02 16.27 -9.52
CA ARG A 39 -29.35 16.20 -10.82
C ARG A 39 -27.93 15.68 -10.61
N SER A 40 -27.32 16.14 -9.52
CA SER A 40 -25.99 15.67 -9.15
C SER A 40 -25.99 14.15 -9.03
N VAL A 41 -26.91 13.63 -8.22
CA VAL A 41 -27.01 12.19 -8.04
C VAL A 41 -27.35 11.50 -9.35
N GLU A 42 -28.15 12.16 -10.17
CA GLU A 42 -28.56 11.58 -11.45
C GLU A 42 -27.36 11.41 -12.37
N LEU A 43 -26.40 12.32 -12.26
CA LEU A 43 -25.21 12.29 -13.10
C LEU A 43 -24.21 11.25 -12.62
N LEU A 44 -23.88 11.28 -11.34
CA LEU A 44 -22.84 10.43 -10.77
C LEU A 44 -23.35 9.05 -10.32
N TYR A 45 -24.32 9.05 -9.42
CA TYR A 45 -24.74 7.82 -8.76
C TYR A 45 -25.55 6.86 -9.62
N LEU A 46 -26.52 7.38 -10.36
CA LEU A 46 -27.47 6.52 -11.06
C LEU A 46 -26.85 5.66 -12.17
N PRO A 47 -25.81 6.16 -12.84
CA PRO A 47 -25.18 5.32 -13.87
C PRO A 47 -24.37 4.16 -13.28
N LYS A 48 -23.86 4.33 -12.06
CA LYS A 48 -23.03 3.31 -11.43
C LYS A 48 -23.82 2.32 -10.59
N LEU A 49 -25.14 2.35 -10.67
CA LEU A 49 -25.96 1.46 -9.85
C LEU A 49 -26.73 0.45 -10.69
N SER A 50 -26.93 -0.73 -10.12
CA SER A 50 -27.60 -1.82 -10.82
C SER A 50 -29.10 -1.64 -10.76
N SER A 51 -29.81 -2.35 -11.64
CA SER A 51 -31.26 -2.25 -11.74
C SER A 51 -31.94 -1.71 -10.46
N ALA A 52 -32.05 -2.57 -9.46
CA ALA A 52 -32.74 -2.26 -8.21
C ALA A 52 -32.74 -0.77 -7.84
N ASN A 53 -31.59 -0.13 -7.94
CA ASN A 53 -31.43 1.20 -7.33
C ASN A 53 -31.03 2.35 -8.26
N ASN A 54 -31.34 2.23 -9.56
CA ASN A 54 -31.10 3.36 -10.46
C ASN A 54 -32.37 4.12 -10.84
N PHE A 55 -33.52 3.58 -10.46
CA PHE A 55 -34.80 4.25 -10.64
C PHE A 55 -35.16 4.56 -12.11
N GLN A 56 -34.15 4.64 -12.97
CA GLN A 56 -34.35 5.17 -14.31
C GLN A 56 -33.52 4.43 -15.35
N MET A 57 -34.15 3.47 -16.04
CA MET A 57 -33.40 2.63 -16.97
C MET A 57 -34.31 2.08 -18.07
N ASP A 58 -33.83 2.11 -19.31
CA ASP A 58 -34.62 1.59 -20.43
C ASP A 58 -34.46 0.07 -20.57
N LYS A 59 -35.11 -0.49 -21.58
CA LYS A 59 -35.08 -1.95 -21.78
C LYS A 59 -33.67 -2.49 -21.98
N ASN A 60 -32.82 -1.70 -22.64
CA ASN A 60 -31.45 -2.10 -22.94
C ASN A 60 -30.46 -1.72 -21.84
N ASN A 61 -31.00 -1.43 -20.66
CA ASN A 61 -30.17 -1.07 -19.51
C ASN A 61 -29.43 0.26 -19.67
N LYS A 62 -29.93 1.13 -20.55
CA LYS A 62 -29.40 2.49 -20.65
C LYS A 62 -30.11 3.41 -19.67
N LEU A 63 -29.34 4.10 -18.83
CA LEU A 63 -29.90 5.05 -17.88
C LEU A 63 -30.74 6.11 -18.60
N LEU A 64 -31.87 6.47 -18.00
CA LEU A 64 -32.74 7.52 -18.53
C LEU A 64 -32.64 8.75 -17.64
N GLU A 65 -32.74 9.92 -18.24
CA GLU A 65 -32.66 11.16 -17.45
C GLU A 65 -33.98 11.92 -17.39
N TYR A 66 -34.22 12.58 -16.27
CA TYR A 66 -35.43 13.38 -16.07
C TYR A 66 -35.10 14.71 -15.39
N PHE A 67 -34.28 14.66 -14.36
CA PHE A 67 -33.91 15.89 -13.64
C PHE A 67 -33.20 16.87 -14.58
N LYS A 68 -32.70 16.38 -15.70
CA LYS A 68 -32.01 17.21 -16.68
C LYS A 68 -32.98 18.17 -17.37
N PHE A 69 -34.27 17.84 -17.31
CA PHE A 69 -35.28 18.67 -17.96
C PHE A 69 -35.51 20.00 -17.22
N PHE A 70 -35.19 20.03 -15.93
CA PHE A 70 -35.30 21.27 -15.17
C PHE A 70 -33.95 21.85 -14.76
N VAL A 71 -32.95 20.96 -14.61
CA VAL A 71 -31.57 21.38 -14.36
C VAL A 71 -30.61 20.61 -15.26
N PRO A 72 -30.46 21.07 -16.51
CA PRO A 72 -29.56 20.46 -17.50
C PRO A 72 -28.07 20.45 -17.12
N LYS A 73 -27.58 21.57 -16.59
CA LYS A 73 -26.17 21.70 -16.22
C LYS A 73 -25.63 20.48 -15.47
N LYS A 74 -24.35 20.19 -15.68
CA LYS A 74 -23.65 19.17 -14.88
C LYS A 74 -23.44 19.71 -13.46
N ILE A 75 -24.27 19.25 -12.53
CA ILE A 75 -24.17 19.68 -11.14
C ILE A 75 -23.26 18.73 -10.35
N LYS A 76 -22.54 19.29 -9.39
CA LYS A 76 -21.64 18.48 -8.56
C LYS A 76 -21.75 18.87 -7.09
N ARG A 77 -21.56 17.90 -6.20
CA ARG A 77 -21.72 18.11 -4.77
C ARG A 77 -20.76 17.20 -4.03
N SER A 78 -20.43 17.56 -2.79
CA SER A 78 -19.58 16.72 -1.94
C SER A 78 -20.16 15.32 -1.84
N PRO A 79 -19.31 14.33 -1.52
CA PRO A 79 -19.76 12.95 -1.35
C PRO A 79 -20.74 12.75 -0.19
N CYS A 80 -20.85 13.73 0.70
CA CYS A 80 -21.82 13.63 1.79
C CYS A 80 -23.22 14.11 1.37
N ILE A 81 -23.28 15.23 0.66
CA ILE A 81 -24.56 15.73 0.14
C ILE A 81 -25.14 14.75 -0.89
N ASN A 82 -24.28 14.03 -1.59
CA ASN A 82 -24.75 13.11 -2.62
C ASN A 82 -25.37 11.84 -2.06
N ARG A 83 -24.70 11.20 -1.12
CA ARG A 83 -25.22 10.02 -0.48
C ARG A 83 -26.55 10.36 0.19
N GLY A 84 -26.59 11.52 0.83
CA GLY A 84 -27.81 12.01 1.44
C GLY A 84 -28.92 12.09 0.42
N TYR A 85 -28.67 12.75 -0.70
CA TYR A 85 -29.71 12.92 -1.72
C TYR A 85 -30.04 11.63 -2.49
N TRP A 86 -29.15 10.65 -2.44
CA TRP A 86 -29.54 9.33 -2.94
C TRP A 86 -30.50 8.70 -1.94
N LEU A 87 -30.18 8.82 -0.65
CA LEU A 87 -31.06 8.34 0.41
C LEU A 87 -32.43 8.98 0.29
N ARG A 88 -32.44 10.18 -0.29
CA ARG A 88 -33.64 11.00 -0.29
C ARG A 88 -34.56 10.62 -1.43
N LEU A 89 -33.98 10.20 -2.56
CA LEU A 89 -34.79 9.70 -3.66
C LEU A 89 -35.28 8.32 -3.28
N PHE A 90 -34.45 7.60 -2.55
CA PHE A 90 -34.74 6.23 -2.14
C PHE A 90 -35.75 6.24 -1.01
N ALA A 91 -35.81 7.37 -0.29
CA ALA A 91 -36.82 7.55 0.75
C ALA A 91 -38.21 7.54 0.14
N ILE A 92 -38.46 8.49 -0.75
CA ILE A 92 -39.74 8.58 -1.42
C ILE A 92 -40.08 7.29 -2.18
N ARG A 93 -39.12 6.77 -2.94
CA ARG A 93 -39.37 5.60 -3.79
C ARG A 93 -39.64 4.30 -3.03
N SER A 94 -38.98 4.12 -1.90
CA SER A 94 -39.24 2.93 -1.09
C SER A 94 -40.65 2.95 -0.51
N ARG A 95 -41.11 4.14 -0.11
CA ARG A 95 -42.44 4.30 0.45
C ARG A 95 -43.51 4.14 -0.62
N LEU A 96 -43.35 4.84 -1.75
CA LEU A 96 -44.28 4.68 -2.86
C LEU A 96 -44.36 3.22 -3.30
N ASN A 97 -43.23 2.52 -3.23
CA ASN A 97 -43.17 1.10 -3.57
C ASN A 97 -44.04 0.24 -2.65
N SER A 98 -43.90 0.43 -1.35
CA SER A 98 -44.64 -0.36 -0.39
C SER A 98 -46.15 -0.21 -0.63
N ILE A 99 -46.55 0.99 -1.02
CA ILE A 99 -47.96 1.28 -1.30
C ILE A 99 -48.42 0.62 -2.60
N ILE A 100 -47.61 0.71 -3.64
CA ILE A 100 -47.95 0.12 -4.93
C ILE A 100 -47.96 -1.41 -4.90
N GLU A 101 -47.03 -1.99 -4.14
CA GLU A 101 -46.93 -3.45 -4.04
C GLU A 101 -48.12 -4.08 -3.33
N GLN A 102 -48.64 -3.40 -2.32
CA GLN A 102 -49.67 -3.96 -1.46
C GLN A 102 -51.10 -3.65 -1.92
N THR A 103 -51.34 -2.42 -2.37
CA THR A 103 -52.66 -2.04 -2.86
C THR A 103 -53.09 -2.89 -4.06
N PRO A 104 -54.31 -3.46 -3.99
CA PRO A 104 -54.86 -4.34 -5.04
C PRO A 104 -54.70 -3.72 -6.42
N GLN A 105 -54.33 -4.55 -7.39
CA GLN A 105 -53.83 -4.07 -8.67
C GLN A 105 -54.83 -3.33 -9.57
N ASP A 106 -56.09 -3.26 -9.13
CA ASP A 106 -57.12 -2.62 -9.92
C ASP A 106 -57.52 -1.25 -9.35
N LYS A 107 -57.21 -1.02 -8.09
CA LYS A 107 -57.49 0.28 -7.46
C LYS A 107 -56.64 1.39 -8.08
N LYS A 108 -57.26 2.56 -8.25
CA LYS A 108 -56.56 3.74 -8.73
C LYS A 108 -55.79 4.38 -7.58
N ILE A 109 -54.49 4.60 -7.78
CA ILE A 109 -53.67 5.27 -6.78
C ILE A 109 -53.34 6.69 -7.23
N VAL A 110 -53.43 7.64 -6.32
CA VAL A 110 -53.14 9.02 -6.67
C VAL A 110 -52.02 9.59 -5.80
N VAL A 111 -50.96 10.03 -6.45
CA VAL A 111 -49.85 10.65 -5.76
C VAL A 111 -49.98 12.17 -5.88
N VAL A 112 -50.12 12.83 -4.73
CA VAL A 112 -50.28 14.27 -4.71
C VAL A 112 -49.08 14.88 -4.04
N ASN A 113 -48.26 15.54 -4.84
CA ASN A 113 -47.01 16.14 -4.38
C ASN A 113 -47.21 17.58 -3.90
N LEU A 114 -47.15 17.77 -2.59
CA LEU A 114 -47.44 19.07 -1.98
C LEU A 114 -46.24 20.01 -1.99
N GLY A 115 -46.27 20.98 -2.90
CA GLY A 115 -45.15 21.89 -3.05
C GLY A 115 -44.08 21.23 -3.88
N CYS A 116 -44.50 20.66 -5.01
CA CYS A 116 -43.65 19.82 -5.83
C CYS A 116 -42.43 20.56 -6.36
N GLY A 117 -42.55 21.86 -6.52
CA GLY A 117 -41.50 22.61 -7.18
C GLY A 117 -41.26 21.99 -8.54
N TYR A 118 -40.01 21.88 -8.96
CA TYR A 118 -39.71 21.32 -10.27
C TYR A 118 -39.42 19.81 -10.24
N ASP A 119 -39.80 19.16 -9.15
CA ASP A 119 -39.63 17.73 -8.98
C ASP A 119 -40.29 16.98 -10.14
N PRO A 120 -39.49 16.22 -10.92
CA PRO A 120 -39.93 15.49 -12.10
C PRO A 120 -40.46 14.10 -11.77
N LEU A 121 -40.68 13.83 -10.49
CA LEU A 121 -41.06 12.49 -10.05
C LEU A 121 -42.15 11.83 -10.88
N PRO A 122 -43.25 12.56 -11.16
CA PRO A 122 -44.32 11.93 -11.96
C PRO A 122 -43.79 11.34 -13.26
N PHE A 123 -42.95 12.10 -13.96
CA PHE A 123 -42.48 11.70 -15.28
C PHE A 123 -41.50 10.54 -15.21
N GLN A 124 -40.68 10.51 -14.17
CA GLN A 124 -39.80 9.38 -13.91
C GLN A 124 -40.64 8.10 -13.81
N LEU A 125 -41.83 8.24 -13.27
CA LEU A 125 -42.67 7.08 -12.96
C LEU A 125 -43.64 6.71 -14.08
N LEU A 126 -44.16 7.72 -14.78
CA LEU A 126 -45.16 7.51 -15.82
C LEU A 126 -44.59 7.03 -17.16
N ASP A 127 -43.27 7.06 -17.29
CA ASP A 127 -42.62 6.82 -18.57
C ASP A 127 -42.48 5.32 -18.88
N THR A 128 -43.27 4.84 -19.83
CA THR A 128 -43.18 3.42 -20.23
C THR A 128 -41.78 3.01 -20.68
N ASN A 129 -40.92 3.97 -21.00
CA ASN A 129 -39.56 3.64 -21.41
C ASN A 129 -38.72 3.23 -20.22
N ASN A 130 -39.17 3.61 -19.02
CA ASN A 130 -38.46 3.30 -17.79
C ASN A 130 -38.98 2.02 -17.15
N ILE A 131 -38.26 0.92 -17.35
CA ILE A 131 -38.70 -0.38 -16.87
C ILE A 131 -38.48 -0.56 -15.36
N GLN A 132 -38.00 0.48 -14.70
CA GLN A 132 -37.78 0.43 -13.25
C GLN A 132 -38.95 1.11 -12.52
N SER A 133 -40.01 1.36 -13.26
CA SER A 133 -41.21 1.95 -12.71
C SER A 133 -42.43 1.38 -13.43
N GLN A 134 -42.33 0.12 -13.84
CA GLN A 134 -43.38 -0.55 -14.60
C GLN A 134 -44.66 -0.68 -13.77
N GLN A 135 -44.51 -0.81 -12.46
CA GLN A 135 -45.66 -0.91 -11.56
C GLN A 135 -46.42 0.41 -11.43
N TYR A 136 -45.91 1.46 -12.08
CA TYR A 136 -46.55 2.77 -12.06
C TYR A 136 -47.13 3.12 -13.43
N HIS A 137 -46.84 2.31 -14.43
CA HIS A 137 -47.23 2.62 -15.81
C HIS A 137 -48.75 2.62 -16.04
N ASP A 138 -49.50 1.89 -15.23
CA ASP A 138 -50.91 1.63 -15.55
C ASP A 138 -51.91 2.39 -14.69
N ARG A 139 -51.86 2.17 -13.38
CA ARG A 139 -52.93 2.63 -12.49
C ARG A 139 -52.52 3.72 -11.51
N VAL A 140 -51.46 4.45 -11.81
CA VAL A 140 -51.03 5.52 -10.91
C VAL A 140 -51.19 6.87 -11.59
N SER A 141 -51.68 7.85 -10.84
CA SER A 141 -51.92 9.17 -11.38
C SER A 141 -51.26 10.23 -10.50
N PHE A 142 -51.01 11.40 -11.05
CA PHE A 142 -50.19 12.39 -10.34
C PHE A 142 -50.77 13.80 -10.37
N ILE A 143 -50.83 14.42 -9.19
CA ILE A 143 -51.26 15.80 -9.08
C ILE A 143 -50.13 16.62 -8.49
N ASP A 144 -49.70 17.64 -9.23
CA ASP A 144 -48.65 18.56 -8.79
C ASP A 144 -49.25 19.85 -8.25
N ILE A 145 -48.92 20.19 -7.00
CA ILE A 145 -49.44 21.42 -6.42
C ILE A 145 -48.31 22.32 -5.96
N ASP A 146 -48.30 23.56 -6.44
CA ASP A 146 -47.43 24.59 -5.90
C ASP A 146 -47.96 26.00 -6.24
N TYR A 147 -47.24 27.03 -5.80
CA TYR A 147 -47.63 28.40 -6.11
C TYR A 147 -47.88 28.60 -7.59
N SER A 148 -48.85 29.46 -7.91
CA SER A 148 -49.26 29.67 -9.29
C SER A 148 -48.08 30.01 -10.22
N ASP A 149 -47.32 31.03 -9.85
CA ASP A 149 -46.18 31.45 -10.66
C ASP A 149 -45.31 30.26 -11.06
N LEU A 150 -44.94 29.44 -10.08
CA LEU A 150 -44.02 28.33 -10.30
C LEU A 150 -44.58 27.28 -11.26
N LEU A 151 -45.86 26.96 -11.10
CA LEU A 151 -46.49 25.96 -11.96
C LEU A 151 -46.63 26.45 -13.41
N LYS A 152 -46.74 27.76 -13.59
CA LYS A 152 -46.78 28.33 -14.93
C LYS A 152 -45.53 27.91 -15.68
N ILE A 153 -44.37 28.29 -15.14
CA ILE A 153 -43.08 27.97 -15.74
C ILE A 153 -42.93 26.47 -15.96
N LYS A 154 -43.21 25.69 -14.92
CA LYS A 154 -43.12 24.24 -14.98
C LYS A 154 -44.01 23.63 -16.07
N ILE A 155 -45.15 24.27 -16.35
CA ILE A 155 -46.04 23.76 -17.39
C ILE A 155 -45.54 24.16 -18.79
N GLU A 156 -44.97 25.35 -18.91
CA GLU A 156 -44.29 25.74 -20.14
C GLU A 156 -43.30 24.67 -20.56
N LEU A 157 -42.48 24.21 -19.62
CA LEU A 157 -41.45 23.22 -19.89
C LEU A 157 -42.06 21.86 -20.23
N ILE A 158 -43.12 21.48 -19.53
CA ILE A 158 -43.80 20.23 -19.79
C ILE A 158 -44.37 20.18 -21.21
N LYS A 159 -44.81 21.34 -21.71
CA LYS A 159 -45.39 21.43 -23.05
C LYS A 159 -44.34 21.53 -24.15
N THR A 160 -43.35 22.37 -23.92
CA THR A 160 -42.33 22.62 -24.95
C THR A 160 -41.23 21.56 -25.02
N ILE A 161 -41.15 20.70 -24.00
CA ILE A 161 -40.17 19.60 -23.99
C ILE A 161 -40.78 18.26 -24.42
N PRO A 162 -40.64 17.92 -25.70
CA PRO A 162 -41.26 16.75 -26.33
C PRO A 162 -41.17 15.48 -25.47
N GLU A 163 -40.00 15.22 -24.90
CA GLU A 163 -39.82 14.01 -24.10
C GLU A 163 -40.81 13.95 -22.94
N LEU A 164 -41.19 15.13 -22.43
CA LEU A 164 -42.13 15.20 -21.31
C LEU A 164 -43.58 15.09 -21.77
N SER A 165 -43.94 15.89 -22.76
CA SER A 165 -45.28 15.82 -23.35
C SER A 165 -45.61 14.39 -23.77
N LYS A 166 -44.63 13.73 -24.36
CA LYS A 166 -44.76 12.34 -24.79
C LYS A 166 -45.29 11.46 -23.67
N ILE A 167 -44.80 11.69 -22.46
CA ILE A 167 -45.11 10.82 -21.34
C ILE A 167 -46.58 10.88 -20.93
N ILE A 168 -47.09 12.09 -20.77
CA ILE A 168 -48.44 12.29 -20.21
C ILE A 168 -49.54 12.47 -21.25
N GLY A 169 -49.18 12.42 -22.53
CA GLY A 169 -50.16 12.38 -23.60
C GLY A 169 -50.37 13.64 -24.42
N LEU A 170 -49.74 14.74 -24.02
CA LEU A 170 -49.78 15.98 -24.81
C LEU A 170 -49.09 15.81 -26.15
N SER A 171 -49.43 16.65 -27.12
CA SER A 171 -48.86 16.52 -28.46
C SER A 171 -47.42 16.99 -28.52
N GLU A 172 -46.58 16.18 -29.19
CA GLU A 172 -45.22 16.59 -29.49
C GLU A 172 -45.21 17.16 -30.89
N ASP A 173 -45.07 18.48 -31.00
CA ASP A 173 -45.11 19.13 -32.30
C ASP A 173 -44.13 20.30 -32.35
N LYS A 174 -43.09 20.17 -33.15
CA LYS A 174 -42.12 21.24 -33.35
C LYS A 174 -42.87 22.46 -33.88
N ASP A 175 -44.00 22.19 -34.51
CA ASP A 175 -44.78 23.22 -35.20
C ASP A 175 -46.09 23.53 -34.47
N TYR A 176 -46.07 23.46 -33.14
CA TYR A 176 -47.23 23.85 -32.35
C TYR A 176 -46.81 24.56 -31.06
N VAL A 177 -47.55 25.61 -30.70
CA VAL A 177 -47.21 26.40 -29.51
C VAL A 177 -48.46 26.74 -28.70
N ASP A 178 -48.36 26.58 -27.39
CA ASP A 178 -49.45 26.93 -26.48
C ASP A 178 -49.05 28.14 -25.64
N ASP A 179 -49.44 29.32 -26.09
CA ASP A 179 -48.99 30.58 -25.48
C ASP A 179 -49.82 31.03 -24.27
N SER A 180 -50.79 30.23 -23.86
CA SER A 180 -51.73 30.63 -22.80
C SER A 180 -51.05 30.93 -21.45
N ASN A 181 -49.98 30.19 -21.15
CA ASN A 181 -49.20 30.42 -19.93
C ASN A 181 -50.02 30.28 -18.65
N VAL A 182 -50.88 29.27 -18.60
CA VAL A 182 -51.76 29.05 -17.44
C VAL A 182 -51.03 28.39 -16.29
N ASP A 183 -51.68 28.37 -15.12
CA ASP A 183 -51.11 27.77 -13.93
C ASP A 183 -51.70 26.40 -13.63
N PHE A 184 -52.36 25.80 -14.61
CA PHE A 184 -53.01 24.51 -14.42
C PHE A 184 -52.95 23.64 -15.68
N LEU A 185 -52.90 22.33 -15.49
CA LEU A 185 -52.82 21.39 -16.59
C LEU A 185 -53.64 20.16 -16.26
N THR A 186 -54.33 19.60 -17.26
CA THR A 186 -55.18 18.44 -17.02
C THR A 186 -54.97 17.31 -18.03
N THR A 187 -54.47 16.17 -17.54
CA THR A 187 -54.33 14.97 -18.36
C THR A 187 -54.77 13.74 -17.56
N PRO A 188 -55.04 12.62 -18.25
CA PRO A 188 -55.53 11.42 -17.58
C PRO A 188 -54.62 10.92 -16.44
N LYS A 189 -53.33 11.23 -16.52
CA LYS A 189 -52.37 10.67 -15.57
C LYS A 189 -51.60 11.75 -14.83
N TYR A 190 -51.74 12.98 -15.28
CA TYR A 190 -51.08 14.11 -14.64
C TYR A 190 -51.92 15.37 -14.66
N LEU A 191 -52.14 15.95 -13.49
CA LEU A 191 -52.66 17.31 -13.43
C LEU A 191 -51.80 18.17 -12.52
N ALA A 192 -51.67 19.44 -12.88
CA ALA A 192 -51.07 20.44 -12.00
C ALA A 192 -52.18 21.37 -11.50
N ARG A 193 -52.13 21.72 -10.22
CA ARG A 193 -53.13 22.61 -9.64
C ARG A 193 -52.47 23.67 -8.77
N PRO A 194 -52.74 24.95 -9.07
CA PRO A 194 -52.16 26.04 -8.29
C PRO A 194 -52.80 26.08 -6.91
N CYS A 195 -52.05 26.53 -5.91
CA CYS A 195 -52.56 26.66 -4.56
C CYS A 195 -51.50 27.16 -3.58
N ASP A 196 -51.88 28.14 -2.77
CA ASP A 196 -51.02 28.64 -1.71
C ASP A 196 -51.29 27.81 -0.47
N LEU A 197 -50.36 26.92 -0.15
CA LEU A 197 -50.58 25.94 0.93
C LEU A 197 -50.84 26.59 2.28
N ASN A 198 -50.46 27.85 2.42
CA ASN A 198 -50.70 28.59 3.66
C ASN A 198 -52.18 28.96 3.83
N ASP A 199 -52.97 28.66 2.81
CA ASP A 199 -54.40 28.95 2.82
C ASP A 199 -55.18 27.65 2.95
N SER A 200 -55.31 27.17 4.18
CA SER A 200 -55.94 25.87 4.46
C SER A 200 -57.28 25.69 3.74
N LYS A 201 -58.02 26.78 3.58
CA LYS A 201 -59.37 26.71 3.03
C LYS A 201 -59.40 26.60 1.51
N MET A 202 -58.44 27.24 0.84
CA MET A 202 -58.34 27.08 -0.60
C MET A 202 -57.85 25.67 -0.94
N PHE A 203 -56.98 25.14 -0.08
CA PHE A 203 -56.46 23.79 -0.24
C PHE A 203 -57.57 22.75 -0.09
N SER A 204 -58.38 22.91 0.96
CA SER A 204 -59.46 21.97 1.23
C SER A 204 -60.48 21.97 0.10
N THR A 205 -60.71 23.14 -0.47
CA THR A 205 -61.52 23.26 -1.67
C THR A 205 -60.91 22.40 -2.76
N LEU A 206 -59.62 22.61 -3.01
CA LEU A 206 -58.89 21.92 -4.06
C LEU A 206 -58.97 20.39 -3.93
N LEU A 207 -58.90 19.90 -2.70
CA LEU A 207 -59.00 18.46 -2.47
C LEU A 207 -60.25 17.89 -3.12
N ASN A 208 -61.36 18.60 -2.97
CA ASN A 208 -62.62 18.15 -3.53
C ASN A 208 -62.74 18.42 -5.03
N GLU A 209 -62.29 19.58 -5.48
CA GLU A 209 -62.31 19.87 -6.91
C GLU A 209 -61.64 18.70 -7.64
N CYS A 210 -60.66 18.08 -6.97
CA CYS A 210 -59.90 16.96 -7.54
C CYS A 210 -60.50 15.60 -7.20
N GLN A 211 -61.60 15.60 -6.47
CA GLN A 211 -62.35 14.39 -6.14
C GLN A 211 -61.53 13.38 -5.35
N LEU A 212 -60.67 13.90 -4.47
CA LEU A 212 -59.84 13.05 -3.64
C LEU A 212 -60.62 12.46 -2.46
N TYR A 213 -61.91 12.80 -2.37
CA TYR A 213 -62.77 12.28 -1.31
C TYR A 213 -63.19 10.83 -1.56
N ASP A 214 -63.16 10.43 -2.83
CA ASP A 214 -63.56 9.08 -3.26
C ASP A 214 -62.77 7.98 -2.53
N PRO A 215 -63.48 7.18 -1.72
CA PRO A 215 -62.86 6.15 -0.87
C PRO A 215 -62.30 4.98 -1.68
N ASN A 216 -62.70 4.86 -2.95
CA ASN A 216 -62.23 3.76 -3.79
C ASN A 216 -60.87 4.09 -4.40
N VAL A 217 -60.45 5.33 -4.24
CA VAL A 217 -59.15 5.78 -4.72
C VAL A 217 -58.19 5.95 -3.53
N VAL A 218 -57.04 5.29 -3.61
CA VAL A 218 -56.02 5.42 -2.58
C VAL A 218 -55.20 6.69 -2.81
N LYS A 219 -55.07 7.51 -1.78
CA LYS A 219 -54.29 8.74 -1.89
C LYS A 219 -52.91 8.65 -1.22
N VAL A 220 -51.91 9.19 -1.91
CA VAL A 220 -50.58 9.30 -1.32
C VAL A 220 -50.15 10.76 -1.32
N PHE A 221 -50.28 11.43 -0.18
CA PHE A 221 -49.86 12.81 -0.07
C PHE A 221 -48.40 12.87 0.33
N VAL A 222 -47.62 13.59 -0.45
CA VAL A 222 -46.18 13.68 -0.24
C VAL A 222 -45.75 15.11 0.07
N ALA A 223 -45.13 15.28 1.23
CA ALA A 223 -44.59 16.56 1.63
C ALA A 223 -43.07 16.44 1.77
N GLU A 224 -42.35 16.76 0.70
CA GLU A 224 -40.89 16.68 0.76
C GLU A 224 -40.27 18.05 0.99
N VAL A 225 -39.87 18.31 2.22
CA VAL A 225 -39.27 19.58 2.60
C VAL A 225 -40.07 20.74 2.00
N SER A 226 -41.27 20.97 2.52
CA SER A 226 -42.12 22.04 2.05
C SER A 226 -42.98 22.53 3.18
N LEU A 227 -43.66 21.60 3.84
CA LEU A 227 -44.40 21.91 5.06
C LEU A 227 -43.41 22.09 6.21
N ALA A 228 -42.13 22.23 5.87
CA ALA A 228 -41.10 22.41 6.87
C ALA A 228 -40.76 23.89 7.00
N TYR A 229 -41.01 24.64 5.94
CA TYR A 229 -40.80 26.08 5.94
C TYR A 229 -42.01 26.85 6.48
N MET A 230 -43.13 26.13 6.62
CA MET A 230 -44.38 26.73 7.09
C MET A 230 -44.52 26.62 8.60
N LYS A 231 -45.18 27.59 9.21
CA LYS A 231 -45.37 27.58 10.66
C LYS A 231 -46.20 26.37 11.05
N PRO A 232 -45.90 25.77 12.21
CA PRO A 232 -46.57 24.55 12.67
C PRO A 232 -48.08 24.56 12.40
N GLU A 233 -48.76 25.65 12.77
CA GLU A 233 -50.20 25.75 12.57
C GLU A 233 -50.59 25.68 11.09
N ARG A 234 -49.83 26.38 10.25
CA ARG A 234 -50.11 26.43 8.81
C ARG A 234 -49.89 25.08 8.12
N SER A 235 -48.95 24.29 8.63
CA SER A 235 -48.64 23.00 8.05
C SER A 235 -49.52 21.90 8.64
N ASP A 236 -49.76 21.97 9.95
CA ASP A 236 -50.64 21.02 10.61
C ASP A 236 -52.02 20.99 9.98
N SER A 237 -52.44 22.12 9.41
CA SER A 237 -53.75 22.19 8.79
C SER A 237 -53.77 21.42 7.48
N ILE A 238 -52.71 21.56 6.69
CA ILE A 238 -52.60 20.82 5.45
C ILE A 238 -52.73 19.33 5.74
N ILE A 239 -51.97 18.88 6.74
CA ILE A 239 -51.96 17.47 7.15
C ILE A 239 -53.34 16.99 7.55
N GLU A 240 -54.02 17.80 8.37
CA GLU A 240 -55.32 17.44 8.90
C GLU A 240 -56.39 17.44 7.81
N ALA A 241 -56.35 18.45 6.95
CA ALA A 241 -57.28 18.52 5.83
C ALA A 241 -57.32 17.22 5.03
N THR A 242 -56.17 16.56 4.87
CA THR A 242 -56.08 15.33 4.07
C THR A 242 -56.55 14.10 4.84
N SER A 243 -56.40 14.13 6.16
CA SER A 243 -56.80 12.99 7.00
C SER A 243 -58.27 12.62 6.80
N LYS A 244 -59.03 13.57 6.27
CA LYS A 244 -60.47 13.39 6.10
C LYS A 244 -60.79 12.82 4.73
N MET A 245 -59.75 12.52 3.96
CA MET A 245 -59.93 11.78 2.72
C MET A 245 -59.77 10.28 3.01
N GLU A 246 -60.87 9.54 2.94
CA GLU A 246 -60.84 8.13 3.28
C GLU A 246 -59.76 7.39 2.47
N ASN A 247 -59.03 6.51 3.15
CA ASN A 247 -57.97 5.71 2.52
C ASN A 247 -56.83 6.57 1.97
N SER A 248 -56.08 7.20 2.87
CA SER A 248 -54.99 8.07 2.45
C SER A 248 -53.68 7.83 3.19
N HIS A 249 -52.57 7.93 2.45
CA HIS A 249 -51.24 7.92 3.04
C HIS A 249 -50.67 9.32 3.05
N PHE A 250 -49.90 9.65 4.08
CA PHE A 250 -49.16 10.91 4.09
C PHE A 250 -47.68 10.63 4.30
N ILE A 251 -46.86 11.07 3.36
CA ILE A 251 -45.42 10.86 3.47
C ILE A 251 -44.74 12.20 3.65
N ILE A 252 -44.07 12.36 4.78
CA ILE A 252 -43.38 13.62 5.05
C ILE A 252 -41.87 13.42 5.24
N LEU A 253 -41.09 14.22 4.53
CA LEU A 253 -39.64 14.14 4.59
C LEU A 253 -39.15 15.53 4.96
N GLU A 254 -38.61 15.67 6.15
CA GLU A 254 -38.17 16.99 6.61
C GLU A 254 -37.24 16.93 7.81
N GLN A 255 -36.76 18.10 8.20
CA GLN A 255 -35.72 18.23 9.22
C GLN A 255 -36.20 17.96 10.65
N LEU A 256 -35.26 17.56 11.50
CA LEU A 256 -35.52 17.38 12.93
C LEU A 256 -34.39 18.08 13.67
N ILE A 257 -34.66 18.48 14.90
CA ILE A 257 -33.61 18.98 15.77
C ILE A 257 -33.66 18.22 17.09
N PRO A 258 -33.44 16.90 17.03
CA PRO A 258 -33.66 15.93 18.11
C PRO A 258 -33.18 16.37 19.49
N LYS A 259 -32.18 17.24 19.55
CA LYS A 259 -31.64 17.63 20.85
C LYS A 259 -31.69 19.13 21.11
N GLY A 260 -32.56 19.81 20.38
CA GLY A 260 -32.71 21.25 20.55
C GLY A 260 -31.95 22.04 19.51
N PRO A 261 -32.20 23.35 19.46
CA PRO A 261 -31.61 24.24 18.45
C PRO A 261 -30.17 24.59 18.78
N PHE A 262 -29.53 23.80 19.64
CA PHE A 262 -28.17 24.11 20.04
C PHE A 262 -27.25 22.90 19.92
N GLU A 263 -27.80 21.80 19.41
CA GLU A 263 -26.97 20.68 19.01
C GLU A 263 -26.03 21.20 17.90
N PRO A 264 -24.75 20.82 17.97
CA PRO A 264 -23.72 21.31 17.05
C PRO A 264 -24.18 21.43 15.59
N PHE A 265 -24.75 20.35 15.04
CA PHE A 265 -25.29 20.36 13.68
C PHE A 265 -26.58 21.19 13.58
N SER A 266 -27.47 21.02 14.56
CA SER A 266 -28.74 21.75 14.57
C SER A 266 -28.51 23.24 14.50
N LYS A 267 -27.57 23.73 15.31
CA LYS A 267 -27.27 25.13 15.39
C LYS A 267 -27.00 25.70 14.00
N GLN A 268 -26.15 25.01 13.25
CA GLN A 268 -25.77 25.45 11.91
C GLN A 268 -26.89 25.35 10.88
N MET A 269 -27.67 24.28 10.94
CA MET A 269 -28.79 24.07 10.02
C MET A 269 -29.85 25.17 10.06
N LEU A 270 -30.33 25.48 11.26
CA LEU A 270 -31.33 26.53 11.41
C LEU A 270 -30.78 27.86 10.92
N ALA A 271 -29.55 28.16 11.33
CA ALA A 271 -28.91 29.42 11.00
C ALA A 271 -28.72 29.57 9.49
N HIS A 272 -28.44 28.47 8.82
CA HIS A 272 -28.25 28.51 7.37
C HIS A 272 -29.54 28.94 6.69
N PHE A 273 -30.64 28.29 7.03
CA PHE A 273 -31.92 28.58 6.41
C PHE A 273 -32.39 30.00 6.73
N LYS A 274 -32.10 30.47 7.94
CA LYS A 274 -32.38 31.86 8.30
C LYS A 274 -31.72 32.82 7.30
N ARG A 275 -30.46 32.54 6.96
CA ARG A 275 -29.75 33.36 5.99
C ARG A 275 -30.44 33.33 4.63
N ASN A 276 -30.88 32.16 4.20
CA ASN A 276 -31.57 32.03 2.93
C ASN A 276 -32.99 32.58 2.99
N ASP A 277 -33.31 33.22 4.10
CA ASP A 277 -34.69 33.67 4.36
C ASP A 277 -35.73 32.61 4.04
N SER A 278 -35.46 31.40 4.53
CA SER A 278 -36.42 30.30 4.48
C SER A 278 -36.24 29.49 5.75
N PRO A 279 -36.48 30.13 6.91
CA PRO A 279 -36.26 29.51 8.22
C PRO A 279 -36.93 28.14 8.29
N LEU A 280 -36.45 27.27 9.16
CA LEU A 280 -37.21 26.08 9.50
C LEU A 280 -38.11 26.45 10.68
N GLN A 281 -39.41 26.37 10.46
CA GLN A 281 -40.37 26.77 11.49
C GLN A 281 -41.02 25.58 12.19
N SER A 282 -41.64 24.69 11.40
CA SER A 282 -42.33 23.52 11.96
C SER A 282 -41.45 22.70 12.90
N VAL A 283 -40.17 22.57 12.56
CA VAL A 283 -39.27 21.73 13.34
C VAL A 283 -39.14 22.27 14.77
N LEU A 284 -39.35 23.57 14.92
CA LEU A 284 -39.29 24.20 16.23
C LEU A 284 -40.33 23.58 17.16
N LYS A 285 -41.51 23.31 16.61
CA LYS A 285 -42.56 22.67 17.38
C LYS A 285 -42.28 21.17 17.50
N TYR A 286 -41.84 20.56 16.40
CA TYR A 286 -41.67 19.11 16.33
C TYR A 286 -40.21 18.67 16.22
N ASN A 287 -39.52 18.66 17.37
CA ASN A 287 -38.10 18.38 17.44
C ASN A 287 -37.71 16.97 17.02
N THR A 288 -38.38 15.97 17.57
CA THR A 288 -37.91 14.60 17.47
C THR A 288 -38.79 13.72 16.60
N ILE A 289 -38.39 12.46 16.46
CA ILE A 289 -39.17 11.47 15.74
C ILE A 289 -40.52 11.22 16.40
N GLU A 290 -40.51 10.97 17.71
CA GLU A 290 -41.74 10.67 18.43
C GLU A 290 -42.70 11.84 18.36
N SER A 291 -42.13 13.04 18.41
CA SER A 291 -42.87 14.28 18.24
C SER A 291 -43.72 14.27 16.96
N GLN A 292 -43.21 13.65 15.91
CA GLN A 292 -43.92 13.55 14.64
C GLN A 292 -45.08 12.56 14.73
N VAL A 293 -44.88 11.48 15.48
CA VAL A 293 -45.92 10.46 15.65
C VAL A 293 -47.18 11.06 16.28
N GLN A 294 -47.01 11.60 17.48
CA GLN A 294 -48.13 12.22 18.19
C GLN A 294 -48.82 13.27 17.33
N ARG A 295 -48.01 14.02 16.58
CA ARG A 295 -48.52 15.03 15.66
C ARG A 295 -49.47 14.42 14.63
N PHE A 296 -49.06 13.35 13.97
CA PHE A 296 -49.90 12.73 12.95
C PHE A 296 -51.12 12.01 13.50
N ASN A 297 -50.99 11.45 14.70
CA ASN A 297 -52.12 10.85 15.40
C ASN A 297 -53.15 11.93 15.71
N LYS A 298 -52.69 12.99 16.36
CA LYS A 298 -53.55 14.10 16.73
C LYS A 298 -54.26 14.69 15.52
N LEU A 299 -53.61 14.65 14.36
CA LEU A 299 -54.14 15.34 13.20
C LEU A 299 -54.91 14.45 12.22
N GLY A 300 -55.27 13.24 12.67
CA GLY A 300 -56.09 12.36 11.87
C GLY A 300 -55.49 11.00 11.56
N PHE A 301 -54.22 10.98 11.21
CA PHE A 301 -53.57 9.75 10.82
C PHE A 301 -53.17 8.94 12.05
N ALA A 302 -53.82 7.80 12.22
CA ALA A 302 -53.69 6.99 13.42
C ALA A 302 -52.62 5.90 13.29
N TYR A 303 -52.13 5.70 12.07
CA TYR A 303 -51.15 4.65 11.81
C TYR A 303 -49.88 5.28 11.24
N VAL A 304 -48.79 5.16 11.99
CA VAL A 304 -47.55 5.87 11.67
C VAL A 304 -46.32 4.98 11.76
N ASN A 305 -45.47 5.09 10.74
CA ASN A 305 -44.21 4.35 10.64
C ASN A 305 -43.10 5.34 10.31
N VAL A 306 -42.21 5.60 11.27
CA VAL A 306 -41.28 6.71 11.13
C VAL A 306 -39.87 6.47 11.69
N GLY A 307 -38.87 6.97 10.97
CA GLY A 307 -37.49 6.90 11.40
C GLY A 307 -36.66 7.93 10.64
N ASP A 308 -35.41 8.11 11.04
CA ASP A 308 -34.52 9.07 10.37
C ASP A 308 -33.74 8.42 9.21
N MET A 309 -33.02 9.25 8.46
CA MET A 309 -32.32 8.78 7.27
C MET A 309 -31.38 7.61 7.51
N PHE A 310 -30.81 7.53 8.71
CA PHE A 310 -29.84 6.48 8.98
C PHE A 310 -30.50 5.10 9.21
N GLN A 311 -31.73 5.09 9.68
CA GLN A 311 -32.49 3.85 9.76
C GLN A 311 -32.81 3.38 8.35
N LEU A 312 -33.00 4.34 7.46
CA LEU A 312 -33.23 4.05 6.05
C LEU A 312 -31.98 3.49 5.38
N TRP A 313 -30.81 3.94 5.85
CA TRP A 313 -29.53 3.49 5.31
C TRP A 313 -29.22 2.06 5.77
N GLU A 314 -29.38 1.79 7.05
CA GLU A 314 -29.21 0.43 7.56
C GLU A 314 -30.17 -0.50 6.84
N SER A 315 -31.31 0.04 6.43
CA SER A 315 -32.39 -0.72 5.80
C SER A 315 -32.03 -1.27 4.41
N ALA A 316 -31.06 -0.66 3.76
CA ALA A 316 -30.64 -1.11 2.43
C ALA A 316 -30.01 -2.50 2.51
N ASP A 317 -30.31 -3.36 1.54
CA ASP A 317 -29.69 -4.68 1.49
C ASP A 317 -28.21 -4.54 1.19
N GLU A 318 -27.40 -5.46 1.69
CA GLU A 318 -25.95 -5.35 1.58
C GLU A 318 -25.45 -5.24 0.13
N ALA A 319 -26.21 -5.78 -0.81
CA ALA A 319 -25.84 -5.68 -2.22
C ALA A 319 -25.91 -4.23 -2.67
N THR A 320 -26.81 -3.47 -2.05
CA THR A 320 -27.00 -2.07 -2.40
C THR A 320 -25.92 -1.19 -1.79
N LYS A 321 -25.64 -1.38 -0.50
CA LYS A 321 -24.58 -0.61 0.15
C LYS A 321 -23.24 -0.78 -0.56
N LYS A 322 -22.90 -2.02 -0.92
CA LYS A 322 -21.64 -2.32 -1.59
C LYS A 322 -21.46 -1.48 -2.85
N GLU A 323 -22.53 -1.36 -3.63
CA GLU A 323 -22.50 -0.51 -4.82
C GLU A 323 -22.32 0.95 -4.45
N LEU A 324 -23.09 1.41 -3.47
CA LEU A 324 -23.04 2.81 -3.06
C LEU A 324 -21.63 3.21 -2.62
N LEU A 325 -21.02 2.41 -1.75
CA LEU A 325 -19.68 2.70 -1.23
C LEU A 325 -18.67 2.83 -2.35
N LYS A 326 -18.93 2.18 -3.48
CA LYS A 326 -18.01 2.14 -4.61
C LYS A 326 -18.38 3.20 -5.66
N VAL A 327 -19.39 4.01 -5.38
CA VAL A 327 -19.79 5.02 -6.35
C VAL A 327 -18.72 6.09 -6.47
N GLU A 328 -18.42 6.76 -5.36
CA GLU A 328 -17.40 7.80 -5.32
C GLU A 328 -16.60 7.72 -4.04
N PRO A 329 -15.36 8.21 -4.07
CA PRO A 329 -14.57 8.26 -2.84
C PRO A 329 -15.33 9.03 -1.76
N PHE A 330 -15.36 8.47 -0.55
CA PHE A 330 -16.11 9.08 0.56
C PHE A 330 -15.41 8.79 1.89
N ASP A 331 -15.32 9.79 2.75
CA ASP A 331 -14.73 9.57 4.08
C ASP A 331 -15.16 10.60 5.10
N GLU A 332 -16.37 11.13 4.93
CA GLU A 332 -16.94 12.04 5.91
C GLU A 332 -18.16 11.39 6.54
N LEU A 333 -17.93 10.45 7.46
CA LEU A 333 -19.01 9.66 8.03
C LEU A 333 -19.58 10.28 9.30
N GLU A 334 -18.79 11.09 9.99
CA GLU A 334 -19.32 11.80 11.15
C GLU A 334 -20.32 12.85 10.69
N GLU A 335 -20.06 13.45 9.54
CA GLU A 335 -20.99 14.39 8.92
C GLU A 335 -22.24 13.66 8.46
N PHE A 336 -22.06 12.51 7.82
CA PHE A 336 -23.18 11.70 7.37
C PHE A 336 -24.10 11.28 8.53
N HIS A 337 -23.50 10.90 9.66
CA HIS A 337 -24.27 10.54 10.83
C HIS A 337 -25.17 11.70 11.27
N LEU A 338 -24.54 12.84 11.55
CA LEU A 338 -25.27 14.02 11.97
C LEU A 338 -26.39 14.35 10.99
N PHE A 339 -26.06 14.56 9.73
CA PHE A 339 -27.05 14.89 8.72
C PHE A 339 -28.23 13.93 8.77
N CYS A 340 -27.93 12.64 8.72
CA CYS A 340 -28.98 11.62 8.73
C CYS A 340 -29.94 11.81 9.91
N HIS A 341 -29.40 12.08 11.08
CA HIS A 341 -30.22 12.19 12.28
C HIS A 341 -31.10 13.42 12.26
N HIS A 342 -30.83 14.35 11.34
CA HIS A 342 -31.55 15.61 11.28
C HIS A 342 -32.57 15.63 10.14
N TYR A 343 -32.91 14.44 9.65
CA TYR A 343 -33.90 14.29 8.58
C TYR A 343 -34.77 13.08 8.83
N VAL A 344 -36.08 13.28 8.90
CA VAL A 344 -37.00 12.21 9.23
C VAL A 344 -37.83 11.79 8.03
N LEU A 345 -38.11 10.49 7.94
CA LEU A 345 -39.02 9.96 6.94
C LEU A 345 -40.20 9.35 7.68
N CYS A 346 -41.38 9.95 7.49
CA CYS A 346 -42.57 9.62 8.27
C CYS A 346 -43.72 9.20 7.38
N HIS A 347 -44.14 7.95 7.52
CA HIS A 347 -45.19 7.35 6.69
C HIS A 347 -46.48 7.16 7.50
N ALA A 348 -47.53 7.85 7.11
CA ALA A 348 -48.77 7.83 7.86
C ALA A 348 -49.97 7.32 7.06
N THR A 349 -50.89 6.66 7.75
CA THR A 349 -52.10 6.15 7.13
C THR A 349 -53.36 6.52 7.93
N ASN A 350 -54.49 6.67 7.25
CA ASN A 350 -55.76 6.82 7.96
C ASN A 350 -56.68 5.63 7.76
N TYR A 351 -56.12 4.53 7.26
CA TYR A 351 -56.84 3.27 7.21
C TYR A 351 -55.96 2.12 7.69
N LYS A 352 -56.56 1.20 8.43
CA LYS A 352 -55.79 0.16 9.12
C LYS A 352 -55.51 -1.06 8.25
N GLU A 353 -56.19 -1.17 7.12
CA GLU A 353 -55.95 -2.27 6.20
C GLU A 353 -54.49 -2.30 5.74
N PHE A 354 -53.94 -1.13 5.46
CA PHE A 354 -52.56 -1.04 5.00
C PHE A 354 -51.58 -1.38 6.12
N ALA A 355 -50.75 -2.39 5.87
CA ALA A 355 -49.76 -2.84 6.85
C ALA A 355 -48.34 -2.44 6.44
N PHE A 356 -47.57 -1.95 7.40
CA PHE A 356 -46.15 -1.70 7.17
C PHE A 356 -45.41 -3.02 7.35
N THR A 357 -45.17 -3.72 6.25
CA THR A 357 -44.51 -5.02 6.31
C THR A 357 -43.12 -4.85 6.88
N GLN A 358 -42.54 -5.93 7.40
CA GLN A 358 -41.21 -5.84 8.00
C GLN A 358 -40.14 -5.35 7.02
N GLY A 359 -40.44 -5.43 5.73
CA GLY A 359 -39.55 -4.88 4.73
C GLY A 359 -39.34 -3.38 4.89
N PHE A 360 -40.36 -2.70 5.39
CA PHE A 360 -40.36 -1.23 5.44
C PHE A 360 -40.47 -0.67 6.85
N LEU A 361 -40.72 -1.55 7.83
CA LEU A 361 -40.98 -1.12 9.20
C LEU A 361 -39.73 -0.56 9.86
N PHE A 362 -39.90 0.51 10.64
CA PHE A 362 -38.80 1.09 11.41
C PHE A 362 -38.91 0.69 12.87
N ASP A 363 -37.83 0.14 13.43
CA ASP A 363 -37.82 -0.23 14.83
C ASP A 363 -37.96 1.02 15.71
N ARG A 364 -38.74 0.92 16.78
CA ARG A 364 -38.94 2.04 17.69
C ARG A 364 -37.62 2.41 18.37
N SER A 365 -37.48 3.69 18.69
CA SER A 365 -36.24 4.18 19.31
C SER A 365 -36.09 3.67 20.74
N ILE A 366 -34.96 3.02 21.01
CA ILE A 366 -34.70 2.51 22.36
C ILE A 366 -34.38 3.65 23.32
N SER A 367 -35.08 3.66 24.45
CA SER A 367 -34.94 4.73 25.45
C SER A 367 -33.48 5.03 25.79
N GLU A 368 -33.22 6.29 26.14
CA GLU A 368 -31.88 6.71 26.55
C GLU A 368 -31.73 6.53 28.05
N ILE A 369 -30.49 6.34 28.49
CA ILE A 369 -30.21 6.14 29.90
C ILE A 369 -29.68 7.42 30.54
N ASN A 370 -30.13 7.70 31.76
CA ASN A 370 -29.59 8.82 32.51
C ASN A 370 -28.36 8.36 33.28
N LEU A 371 -27.34 9.21 33.35
CA LEU A 371 -26.09 8.83 34.01
C LEU A 371 -25.74 9.73 35.19
N THR A 372 -24.99 9.17 36.13
CA THR A 372 -24.55 9.89 37.33
C THR A 372 -23.48 10.93 37.01
N VAL A 373 -23.68 12.17 37.47
CA VAL A 373 -22.71 13.23 37.23
C VAL A 373 -21.37 12.90 37.88
N ASP A 374 -20.29 13.17 37.15
CA ASP A 374 -18.95 12.93 37.67
C ASP A 374 -18.60 13.97 38.73
N GLU A 375 -18.18 13.49 39.89
CA GLU A 375 -17.96 14.34 41.05
C GLU A 375 -16.56 14.95 41.11
N ASP A 376 -15.69 14.53 40.19
CA ASP A 376 -14.27 14.89 40.26
C ASP A 376 -13.79 15.85 39.16
N TYR A 377 -14.25 15.66 37.93
CA TYR A 377 -13.75 16.46 36.81
C TYR A 377 -14.87 17.15 36.04
N GLN A 378 -14.56 18.33 35.49
CA GLN A 378 -15.56 19.11 34.77
C GLN A 378 -14.98 19.77 33.52
N LEU A 379 -15.86 20.32 32.68
CA LEU A 379 -15.44 21.02 31.46
C LEU A 379 -15.38 22.53 31.64
N LEU A 380 -14.40 23.14 30.96
CA LEU A 380 -14.23 24.58 31.02
C LEU A 380 -13.49 25.06 29.78
N GLU A 381 -14.18 25.83 28.94
CA GLU A 381 -13.62 26.27 27.66
C GLU A 381 -12.13 26.61 27.73
N CYS A 382 -11.39 26.25 26.69
CA CYS A 382 -9.97 26.60 26.59
C CYS A 382 -9.58 26.79 25.13
N GLU A 383 -9.81 28.01 24.63
CA GLU A 383 -9.53 28.33 23.24
C GLU A 383 -8.25 27.69 22.71
N CYS A 384 -8.41 26.87 21.68
CA CYS A 384 -7.27 26.33 20.95
C CYS A 384 -7.59 26.36 19.47
N PRO A 385 -7.69 27.57 18.89
CA PRO A 385 -8.06 27.74 17.49
C PRO A 385 -6.92 27.30 16.56
N ILE A 386 -6.55 26.02 16.62
CA ILE A 386 -5.57 25.49 15.69
C ILE A 386 -6.21 25.42 14.31
N ASN A 387 -7.53 25.55 14.29
CA ASN A 387 -8.27 25.68 13.05
C ASN A 387 -7.97 24.58 12.04
N ARG A 388 -8.01 23.33 12.51
CA ARG A 388 -7.75 22.18 11.66
C ARG A 388 -8.30 20.88 12.27
N LYS A 389 -8.67 19.94 11.40
CA LYS A 389 -9.23 18.67 11.84
C LYS A 389 -8.44 17.49 11.31
N PHE A 390 -8.47 16.39 12.04
CA PHE A 390 -7.90 15.13 11.58
C PHE A 390 -6.39 15.15 11.35
N GLY A 391 -5.68 15.84 12.23
CA GLY A 391 -4.26 15.63 12.39
C GLY A 391 -4.12 14.74 13.62
N ASP A 392 -2.89 14.59 14.10
CA ASP A 392 -2.69 13.95 15.40
C ASP A 392 -1.67 14.75 16.18
N VAL A 393 -1.50 14.42 17.45
CA VAL A 393 -0.63 15.19 18.32
C VAL A 393 -0.16 14.35 19.48
N ASP A 394 1.11 14.53 19.85
CA ASP A 394 1.66 13.82 21.00
C ASP A 394 2.64 14.70 21.76
N VAL A 395 2.88 14.36 23.02
CA VAL A 395 3.75 15.16 23.87
C VAL A 395 5.18 14.63 23.81
N ALA A 396 6.13 15.55 23.76
CA ALA A 396 7.55 15.21 23.74
C ALA A 396 8.31 16.10 24.73
N GLY A 397 8.80 15.49 25.80
CA GLY A 397 9.37 16.26 26.90
C GLY A 397 8.27 17.02 27.59
N ASN A 398 8.29 18.35 27.47
CA ASN A 398 7.23 19.21 27.98
C ASN A 398 6.56 19.94 26.82
N ASP A 399 7.00 19.60 25.61
CA ASP A 399 6.51 20.24 24.40
C ASP A 399 5.36 19.45 23.78
N VAL A 400 4.57 20.11 22.94
CA VAL A 400 3.46 19.46 22.25
C VAL A 400 3.61 19.66 20.75
N PHE A 401 3.25 18.65 19.97
CA PHE A 401 3.43 18.70 18.53
C PHE A 401 2.22 18.20 17.74
N TYR A 402 1.64 19.08 16.94
CA TYR A 402 0.51 18.73 16.10
C TYR A 402 0.95 18.69 14.65
N MET A 403 0.61 17.62 13.94
CA MET A 403 1.07 17.47 12.57
C MET A 403 -0.08 17.21 11.59
N GLY A 404 0.06 17.73 10.37
CA GLY A 404 -0.89 17.48 9.31
C GLY A 404 -2.31 17.94 9.62
N GLY A 405 -3.27 17.30 8.96
CA GLY A 405 -4.67 17.68 9.11
C GLY A 405 -5.13 18.51 7.92
N SER A 406 -6.40 18.90 7.95
CA SER A 406 -6.96 19.77 6.91
C SER A 406 -7.54 21.01 7.57
N ASN A 407 -7.64 22.10 6.81
CA ASN A 407 -8.02 23.38 7.40
C ASN A 407 -8.42 24.49 6.41
N PRO A 408 -9.35 24.18 5.49
CA PRO A 408 -10.01 22.91 5.23
C PRO A 408 -9.18 22.01 4.30
N TYR A 409 -8.05 22.51 3.84
CA TYR A 409 -7.18 21.74 2.94
C TYR A 409 -6.12 20.96 3.71
N ARG A 410 -5.62 19.89 3.11
CA ARG A 410 -4.66 19.05 3.81
C ARG A 410 -3.30 19.71 3.85
N VAL A 411 -2.71 19.76 5.04
CA VAL A 411 -1.39 20.34 5.23
C VAL A 411 -0.38 19.30 5.73
N ASN A 412 0.90 19.61 5.61
CA ASN A 412 1.92 18.71 6.14
C ASN A 412 2.65 19.34 7.31
N GLU A 413 2.30 20.59 7.62
CA GLU A 413 3.07 21.38 8.58
C GLU A 413 2.95 20.88 10.01
N ILE A 414 3.95 21.22 10.83
CA ILE A 414 3.99 20.82 12.22
C ILE A 414 3.82 22.04 13.12
N LEU A 415 2.99 21.91 14.14
CA LEU A 415 2.73 23.00 15.05
C LEU A 415 3.22 22.65 16.45
N GLN A 416 3.98 23.55 17.05
CA GLN A 416 4.33 23.38 18.45
C GLN A 416 3.31 24.12 19.30
N LEU A 417 2.69 23.38 20.22
CA LEU A 417 1.64 23.96 21.04
C LEU A 417 2.16 24.26 22.44
N SER A 418 2.17 25.54 22.78
CA SER A 418 2.47 25.97 24.14
C SER A 418 1.16 26.04 24.90
N ILE A 419 0.88 25.00 25.68
CA ILE A 419 -0.39 24.90 26.38
C ILE A 419 -0.43 25.77 27.62
N HIS A 420 -1.47 26.60 27.72
CA HIS A 420 -1.66 27.42 28.90
C HIS A 420 -3.08 27.36 29.43
N TYR A 421 -3.21 27.52 30.74
CA TYR A 421 -4.47 27.44 31.48
C TYR A 421 -5.65 28.11 30.78
N ASP A 422 -5.39 29.24 30.14
CA ASP A 422 -6.45 30.03 29.51
C ASP A 422 -6.48 29.90 27.98
N LYS A 423 -5.31 29.79 27.37
CA LYS A 423 -5.20 29.71 25.91
C LYS A 423 -3.96 28.92 25.49
N ILE A 424 -3.88 28.61 24.20
CA ILE A 424 -2.75 27.83 23.69
C ILE A 424 -1.98 28.57 22.58
N ASP A 425 -0.67 28.70 22.78
CA ASP A 425 0.19 29.38 21.80
C ASP A 425 0.64 28.42 20.70
N MET A 426 0.79 28.94 19.49
CA MET A 426 1.16 28.11 18.35
C MET A 426 2.26 28.74 17.52
N LYS A 427 3.30 27.96 17.25
CA LYS A 427 4.39 28.37 16.39
C LYS A 427 4.60 27.31 15.31
N ASN A 428 4.64 27.73 14.05
CA ASN A 428 4.96 26.79 12.97
C ASN A 428 6.43 26.44 12.95
N ILE A 429 6.75 25.21 13.29
CA ILE A 429 8.11 24.72 13.19
C ILE A 429 8.54 24.78 11.73
N GLU A 430 9.84 24.93 11.50
CA GLU A 430 10.37 24.95 10.14
C GLU A 430 11.11 23.65 9.84
N VAL A 431 10.77 23.02 8.73
CA VAL A 431 11.43 21.79 8.32
C VAL A 431 12.81 22.10 7.76
N SER A 432 13.76 21.20 8.00
CA SER A 432 15.14 21.44 7.61
C SER A 432 15.61 20.52 6.48
N SER A 433 14.84 19.49 6.18
CA SER A 433 15.20 18.54 5.13
C SER A 433 14.59 18.90 3.77
N SER A 434 15.15 18.34 2.71
CA SER A 434 14.67 18.60 1.36
C SER A 434 13.47 17.73 1.02
N GLU A 435 13.34 16.60 1.72
CA GLU A 435 12.19 15.73 1.58
C GLU A 435 11.22 15.89 2.74
N VAL A 436 9.92 15.87 2.45
CA VAL A 436 8.91 15.94 3.49
C VAL A 436 7.71 15.05 3.19
N PRO A 437 6.99 14.62 4.24
CA PRO A 437 5.79 13.82 4.04
C PRO A 437 4.75 14.61 3.27
N VAL A 438 4.12 14.00 2.29
CA VAL A 438 3.07 14.67 1.53
C VAL A 438 1.94 15.08 2.50
N ALA A 439 1.19 16.12 2.14
CA ALA A 439 0.14 16.61 3.03
C ALA A 439 -0.97 15.57 3.21
N ARG A 440 -1.37 15.35 4.47
CA ARG A 440 -2.24 14.23 4.79
C ARG A 440 -3.12 14.46 6.01
N MET A 441 -4.21 13.69 6.10
CA MET A 441 -5.07 13.67 7.28
C MET A 441 -5.39 12.22 7.63
N CYS A 442 -5.87 11.99 8.85
CA CYS A 442 -6.28 10.66 9.28
C CYS A 442 -5.10 9.70 9.43
N HIS A 443 -3.93 10.25 9.71
CA HIS A 443 -2.73 9.49 10.01
C HIS A 443 -2.61 9.37 11.52
N THR A 444 -1.45 8.93 11.99
CA THR A 444 -1.15 8.98 13.42
C THR A 444 0.24 9.55 13.67
N PHE A 445 0.34 10.35 14.73
CA PHE A 445 1.60 10.98 15.10
C PHE A 445 1.93 10.54 16.52
N THR A 446 2.99 9.77 16.68
CA THR A 446 3.25 9.14 17.97
C THR A 446 4.68 9.37 18.44
N THR A 447 4.84 9.56 19.74
CA THR A 447 6.17 9.79 20.31
C THR A 447 6.98 8.51 20.50
N ILE A 448 8.24 8.56 20.07
CA ILE A 448 9.15 7.44 20.23
C ILE A 448 10.55 7.94 20.58
N SER A 449 11.50 7.02 20.69
CA SER A 449 12.88 7.37 20.95
C SER A 449 13.02 8.19 22.21
N ARG A 450 12.56 7.64 23.33
CA ARG A 450 12.63 8.34 24.62
C ARG A 450 12.35 9.84 24.48
N ASN A 451 11.26 10.17 23.79
CA ASN A 451 10.83 11.57 23.62
C ASN A 451 11.77 12.45 22.79
N ASN A 452 12.43 11.86 21.80
CA ASN A 452 13.32 12.62 20.94
C ASN A 452 12.80 12.73 19.51
N GLN A 453 11.89 11.84 19.14
CA GLN A 453 11.38 11.78 17.77
C GLN A 453 9.88 11.49 17.71
N LEU A 454 9.29 11.74 16.54
CA LEU A 454 7.86 11.56 16.34
C LEU A 454 7.60 10.70 15.11
N LEU A 455 6.73 9.71 15.25
CA LEU A 455 6.51 8.70 14.20
C LEU A 455 5.21 8.92 13.43
N LEU A 456 5.34 9.23 12.14
CA LEU A 456 4.18 9.44 11.29
C LEU A 456 3.79 8.16 10.57
N ILE A 457 2.61 7.62 10.87
CA ILE A 457 2.15 6.38 10.25
C ILE A 457 0.90 6.59 9.38
N GLY A 458 0.94 6.07 8.16
CA GLY A 458 -0.22 6.05 7.28
C GLY A 458 -0.81 7.42 6.99
N GLY A 459 -2.13 7.45 6.85
CA GLY A 459 -2.85 8.66 6.54
C GLY A 459 -3.38 8.63 5.12
N ARG A 460 -4.04 9.70 4.70
CA ARG A 460 -4.55 9.77 3.34
C ARG A 460 -4.54 11.19 2.81
N LYS A 461 -4.62 11.30 1.48
CA LYS A 461 -4.98 12.54 0.85
C LYS A 461 -6.49 12.51 0.65
N ALA A 462 -6.94 12.34 -0.58
CA ALA A 462 -8.35 12.10 -0.84
C ALA A 462 -8.66 10.67 -0.39
N PRO A 463 -9.95 10.35 -0.16
CA PRO A 463 -10.36 9.07 0.41
C PRO A 463 -9.94 7.84 -0.41
N HIS A 464 -9.68 8.04 -1.69
CA HIS A 464 -9.23 6.92 -2.53
C HIS A 464 -7.70 6.86 -2.58
N GLN A 465 -7.07 7.84 -1.94
CA GLN A 465 -5.62 7.95 -1.92
C GLN A 465 -5.06 7.69 -0.53
N GLY A 466 -5.36 6.50 0.01
CA GLY A 466 -4.73 6.05 1.23
C GLY A 466 -3.22 6.01 1.05
N LEU A 467 -2.49 6.22 2.13
CA LEU A 467 -1.05 6.32 2.08
C LEU A 467 -0.37 5.14 2.78
N SER A 468 0.85 4.83 2.37
CA SER A 468 1.60 3.72 2.97
C SER A 468 2.97 4.16 3.44
N ASP A 469 3.32 5.41 3.15
CA ASP A 469 4.62 5.94 3.55
C ASP A 469 4.60 6.48 4.96
N ASN A 470 5.36 5.83 5.84
CA ASN A 470 5.56 6.32 7.20
C ASN A 470 6.81 7.19 7.28
N TRP A 471 6.90 7.99 8.33
CA TRP A 471 8.04 8.89 8.50
C TRP A 471 8.46 9.01 9.96
N ILE A 472 9.63 9.57 10.19
CA ILE A 472 10.05 9.95 11.54
C ILE A 472 10.53 11.39 11.52
N PHE A 473 10.08 12.17 12.49
CA PHE A 473 10.54 13.55 12.63
C PHE A 473 11.43 13.67 13.86
N ASP A 474 12.63 14.23 13.67
CA ASP A 474 13.58 14.45 14.75
C ASP A 474 13.54 15.90 15.23
N MET A 475 13.23 16.11 16.51
CA MET A 475 13.11 17.46 17.06
C MET A 475 14.39 18.28 16.98
N LYS A 476 15.51 17.70 17.40
CA LYS A 476 16.79 18.39 17.36
C LYS A 476 17.11 18.87 15.95
N THR A 477 17.12 17.92 15.02
CA THR A 477 17.56 18.19 13.66
C THR A 477 16.47 18.89 12.86
N ARG A 478 15.23 18.78 13.35
CA ARG A 478 14.06 19.29 12.64
C ARG A 478 14.01 18.74 11.21
N GLU A 479 14.35 17.47 11.07
CA GLU A 479 14.42 16.81 9.77
C GLU A 479 13.37 15.70 9.64
N TRP A 480 12.87 15.53 8.42
CA TRP A 480 11.97 14.43 8.10
C TRP A 480 12.74 13.30 7.44
N SER A 481 12.50 12.08 7.89
CA SER A 481 13.14 10.91 7.30
C SER A 481 12.07 9.87 6.97
N MET A 482 12.04 9.41 5.72
CA MET A 482 11.09 8.34 5.37
C MET A 482 11.66 7.00 5.79
N ILE A 483 11.08 6.41 6.83
CA ILE A 483 11.47 5.10 7.27
C ILE A 483 10.85 4.04 6.38
N LYS A 484 10.63 2.87 6.94
CA LYS A 484 10.07 1.75 6.19
C LYS A 484 8.64 2.08 5.85
N SER A 485 8.06 1.37 4.89
CA SER A 485 6.68 1.65 4.50
C SER A 485 5.72 0.47 4.74
N LEU A 486 4.49 0.81 5.12
CA LEU A 486 3.45 -0.19 5.37
C LEU A 486 3.15 -0.99 4.10
N SER A 487 3.00 -2.30 4.25
CA SER A 487 2.70 -3.15 3.11
C SER A 487 1.36 -2.74 2.50
N HIS A 488 0.38 -2.50 3.36
CA HIS A 488 -0.93 -2.03 2.92
C HIS A 488 -1.10 -0.58 3.33
N THR A 489 -1.79 0.21 2.50
CA THR A 489 -2.11 1.59 2.86
C THR A 489 -3.02 1.57 4.07
N ARG A 490 -3.12 2.70 4.78
CA ARG A 490 -3.90 2.74 6.02
C ARG A 490 -4.17 4.14 6.55
N PHE A 491 -5.43 4.43 6.85
CA PHE A 491 -5.81 5.68 7.51
C PHE A 491 -6.98 5.49 8.48
N ARG A 492 -7.29 6.54 9.23
CA ARG A 492 -8.31 6.45 10.28
C ARG A 492 -8.05 5.28 11.23
N HIS A 493 -6.77 4.91 11.35
CA HIS A 493 -6.36 3.90 12.31
C HIS A 493 -6.05 4.58 13.64
N SER A 494 -5.91 3.80 14.70
CA SER A 494 -5.55 4.36 16.00
C SER A 494 -4.14 3.91 16.41
N ALA A 495 -3.56 4.64 17.36
CA ALA A 495 -2.20 4.38 17.78
C ALA A 495 -1.99 4.81 19.22
N CYS A 496 -0.99 4.21 19.87
CA CYS A 496 -0.61 4.59 21.22
C CYS A 496 0.72 3.98 21.62
N SER A 497 1.63 4.81 22.09
CA SER A 497 2.93 4.33 22.54
C SER A 497 2.77 3.33 23.68
N LEU A 498 3.46 2.21 23.57
CA LEU A 498 3.47 1.18 24.59
C LEU A 498 4.58 1.47 25.61
N PRO A 499 4.54 0.79 26.77
CA PRO A 499 5.53 1.04 27.83
C PRO A 499 6.97 0.94 27.33
N ASP A 500 7.25 -0.07 26.51
CA ASP A 500 8.61 -0.35 26.07
C ASP A 500 9.13 0.66 25.05
N GLY A 501 8.27 1.54 24.58
CA GLY A 501 8.67 2.56 23.62
C GLY A 501 8.25 2.24 22.21
N ASN A 502 7.51 1.14 22.06
CA ASN A 502 6.99 0.73 20.77
C ASN A 502 5.60 1.30 20.52
N VAL A 503 5.07 1.08 19.31
CA VAL A 503 3.82 1.73 18.91
C VAL A 503 2.79 0.74 18.38
N LEU A 504 1.71 0.56 19.14
CA LEU A 504 0.58 -0.26 18.70
C LEU A 504 -0.16 0.47 17.57
N ILE A 505 -0.76 -0.29 16.66
CA ILE A 505 -1.50 0.29 15.54
C ILE A 505 -2.80 -0.47 15.30
N LEU A 506 -3.94 0.21 15.48
CA LEU A 506 -5.24 -0.45 15.43
C LEU A 506 -6.02 -0.20 14.15
N GLY A 507 -6.50 -1.29 13.54
CA GLY A 507 -7.40 -1.25 12.41
C GLY A 507 -7.23 -0.13 11.41
N GLY A 508 -8.30 0.63 11.20
CA GLY A 508 -8.33 1.69 10.21
C GLY A 508 -8.98 1.20 8.92
N VAL A 509 -9.01 2.07 7.91
CA VAL A 509 -9.48 1.67 6.59
C VAL A 509 -8.29 1.10 5.82
N THR A 510 -8.18 -0.23 5.80
CA THR A 510 -7.03 -0.90 5.20
C THR A 510 -7.33 -2.33 4.77
N GLU A 511 -6.44 -2.90 3.97
CA GLU A 511 -6.53 -4.31 3.62
C GLU A 511 -5.55 -5.12 4.46
N GLY A 512 -4.74 -4.41 5.24
CA GLY A 512 -3.72 -5.05 6.05
C GLY A 512 -4.26 -5.63 7.34
N PRO A 513 -3.36 -6.18 8.17
CA PRO A 513 -3.71 -6.83 9.43
C PRO A 513 -4.54 -5.91 10.31
N ALA A 514 -5.37 -6.49 11.18
CA ALA A 514 -6.27 -5.71 12.03
C ALA A 514 -5.49 -4.95 13.11
N MET A 515 -4.35 -5.51 13.51
CA MET A 515 -3.52 -4.86 14.53
C MET A 515 -2.02 -5.03 14.26
N LEU A 516 -1.31 -3.92 14.21
CA LEU A 516 0.14 -3.94 13.97
C LEU A 516 0.93 -3.49 15.21
N LEU A 517 2.19 -3.92 15.26
CA LEU A 517 3.11 -3.52 16.31
C LEU A 517 4.39 -3.05 15.64
N TYR A 518 4.80 -1.82 15.86
CA TYR A 518 6.03 -1.32 15.25
C TYR A 518 7.17 -1.25 16.24
N ASN A 519 8.15 -2.13 16.07
CA ASN A 519 9.36 -2.12 16.88
C ASN A 519 10.28 -1.01 16.43
N VAL A 520 10.40 0.03 17.25
CA VAL A 520 11.20 1.20 16.88
C VAL A 520 12.67 0.84 16.69
N THR A 521 13.27 0.23 17.71
CA THR A 521 14.69 -0.13 17.66
C THR A 521 15.00 -1.11 16.52
N GLU A 522 14.11 -2.08 16.31
CA GLU A 522 14.30 -3.07 15.25
C GLU A 522 13.78 -2.59 13.88
N GLU A 523 13.04 -1.49 13.90
CA GLU A 523 12.57 -0.85 12.66
C GLU A 523 11.71 -1.77 11.81
N ILE A 524 10.82 -2.53 12.44
CA ILE A 524 9.92 -3.41 11.70
C ILE A 524 8.50 -3.49 12.29
N PHE A 525 7.53 -3.79 11.42
CA PHE A 525 6.15 -3.97 11.84
C PHE A 525 5.87 -5.44 12.11
N LYS A 526 4.86 -5.71 12.93
CA LYS A 526 4.53 -7.10 13.27
C LYS A 526 3.03 -7.30 13.44
N ASP A 527 2.45 -8.12 12.57
CA ASP A 527 1.04 -8.46 12.66
C ASP A 527 0.75 -9.14 13.99
N VAL A 528 0.07 -8.45 14.88
CA VAL A 528 -0.26 -9.02 16.19
C VAL A 528 -1.77 -9.08 16.46
N THR A 529 -2.55 -9.24 15.40
CA THR A 529 -3.99 -9.45 15.53
C THR A 529 -4.27 -10.51 16.59
N PRO A 530 -4.95 -10.13 17.69
CA PRO A 530 -5.31 -11.10 18.73
C PRO A 530 -6.13 -12.26 18.17
N LYS A 531 -6.08 -13.39 18.86
CA LYS A 531 -6.79 -14.59 18.43
C LYS A 531 -8.27 -14.53 18.80
N ASP A 532 -8.91 -13.41 18.48
CA ASP A 532 -10.30 -13.18 18.88
C ASP A 532 -11.19 -12.90 17.68
N GLU A 533 -12.40 -13.46 17.69
CA GLU A 533 -13.35 -13.26 16.60
C GLU A 533 -13.73 -11.79 16.43
N PHE A 534 -13.45 -10.99 17.45
CA PHE A 534 -13.73 -9.57 17.38
C PHE A 534 -12.90 -8.89 16.30
N PHE A 535 -11.64 -9.32 16.19
CA PHE A 535 -10.69 -8.65 15.30
C PHE A 535 -10.74 -9.17 13.86
N GLN A 536 -11.78 -9.92 13.54
CA GLN A 536 -11.96 -10.39 12.17
C GLN A 536 -12.14 -9.21 11.22
N ASN A 537 -12.67 -8.11 11.73
CA ASN A 537 -12.91 -6.91 10.90
C ASN A 537 -12.08 -5.70 11.33
N SER A 538 -11.51 -5.02 10.35
CA SER A 538 -10.71 -3.84 10.63
C SER A 538 -11.57 -2.74 11.25
N LEU A 539 -11.20 -2.33 12.46
CA LEU A 539 -11.96 -1.36 13.22
C LEU A 539 -11.53 0.06 12.85
N VAL A 540 -12.48 0.87 12.39
CA VAL A 540 -12.18 2.22 11.90
C VAL A 540 -12.46 3.33 12.91
N SER A 541 -11.45 4.19 13.10
CA SER A 541 -11.58 5.37 13.97
C SER A 541 -12.13 5.07 15.35
N ALA A 542 -11.54 4.09 16.02
CA ALA A 542 -11.90 3.77 17.39
C ALA A 542 -11.03 4.55 18.37
N GLY A 543 -11.34 4.42 19.66
CA GLY A 543 -10.52 5.03 20.69
C GLY A 543 -9.55 3.99 21.20
N LEU A 544 -8.34 4.42 21.55
CA LEU A 544 -7.29 3.49 21.93
C LEU A 544 -6.24 4.14 22.81
N GLU A 545 -6.20 3.73 24.07
CA GLU A 545 -5.12 4.15 24.95
C GLU A 545 -4.56 2.99 25.76
N PHE A 546 -3.39 3.20 26.34
CA PHE A 546 -2.75 2.21 27.19
C PHE A 546 -2.26 2.88 28.47
N ASP A 547 -2.44 2.20 29.60
CA ASP A 547 -1.97 2.73 30.88
C ASP A 547 -0.82 1.88 31.40
N PRO A 548 0.37 2.49 31.53
CA PRO A 548 1.58 1.79 31.98
C PRO A 548 1.41 1.22 33.39
N VAL A 549 0.69 1.98 34.22
CA VAL A 549 0.46 1.59 35.61
C VAL A 549 -0.35 0.30 35.70
N SER A 550 -1.64 0.37 35.36
CA SER A 550 -2.51 -0.80 35.45
C SER A 550 -2.14 -1.88 34.43
N LYS A 551 -1.04 -1.67 33.73
CA LYS A 551 -0.49 -2.66 32.80
C LYS A 551 -1.49 -3.19 31.78
N GLN A 552 -2.43 -2.32 31.38
CA GLN A 552 -3.41 -2.70 30.37
C GLN A 552 -3.84 -1.50 29.52
N GLY A 553 -4.68 -1.77 28.52
CA GLY A 553 -5.14 -0.73 27.61
C GLY A 553 -6.53 -1.02 27.10
N ILE A 554 -7.22 0.01 26.59
CA ILE A 554 -8.59 -0.13 26.13
C ILE A 554 -8.78 0.17 24.64
N ILE A 555 -9.72 -0.53 24.01
CA ILE A 555 -10.22 -0.20 22.69
C ILE A 555 -11.69 0.18 22.83
N LEU A 556 -12.08 1.35 22.35
CA LEU A 556 -13.42 1.88 22.57
C LEU A 556 -14.14 2.20 21.27
N GLY A 557 -15.35 1.66 21.12
CA GLY A 557 -16.18 1.97 19.96
C GLY A 557 -15.52 1.60 18.66
N GLY A 558 -15.71 2.44 17.64
CA GLY A 558 -15.13 2.21 16.33
C GLY A 558 -16.12 1.67 15.32
N GLY A 559 -15.89 1.96 14.05
CA GLY A 559 -16.79 1.51 13.00
C GLY A 559 -16.15 0.47 12.11
N PHE A 560 -16.95 -0.11 11.22
CA PHE A 560 -16.41 -1.11 10.29
C PHE A 560 -16.43 -0.59 8.85
N MET A 561 -15.83 -1.35 7.95
CA MET A 561 -15.58 -0.87 6.59
C MET A 561 -16.82 -0.88 5.71
N ASP A 562 -17.93 -1.39 6.23
CA ASP A 562 -19.22 -1.29 5.55
C ASP A 562 -19.85 0.08 5.77
N GLN A 563 -19.16 0.93 6.52
CA GLN A 563 -19.61 2.29 6.79
C GLN A 563 -21.03 2.33 7.37
N THR A 564 -21.45 1.21 7.95
CA THR A 564 -22.81 1.11 8.47
C THR A 564 -22.81 0.61 9.91
N THR A 565 -21.92 -0.31 10.21
CA THR A 565 -21.84 -0.90 11.55
C THR A 565 -20.89 -0.12 12.44
N VAL A 566 -21.20 -0.09 13.74
CA VAL A 566 -20.34 0.58 14.71
C VAL A 566 -20.29 -0.22 16.01
N SER A 567 -19.11 -0.73 16.34
CA SER A 567 -18.92 -1.49 17.56
C SER A 567 -19.45 -0.72 18.76
N ASP A 568 -20.10 -1.45 19.67
CA ASP A 568 -20.58 -0.87 20.92
C ASP A 568 -19.76 -1.42 22.07
N LYS A 569 -18.58 -1.94 21.75
CA LYS A 569 -17.76 -2.66 22.71
C LYS A 569 -16.60 -1.83 23.24
N ALA A 570 -16.31 -2.00 24.52
CA ALA A 570 -15.09 -1.51 25.14
C ALA A 570 -14.18 -2.70 25.42
N ILE A 571 -13.04 -2.73 24.74
CA ILE A 571 -12.14 -3.88 24.80
C ILE A 571 -10.93 -3.64 25.68
N ILE A 572 -10.81 -4.42 26.76
CA ILE A 572 -9.66 -4.35 27.63
C ILE A 572 -8.64 -5.40 27.20
N PHE A 573 -7.37 -5.01 27.13
CA PHE A 573 -6.32 -5.94 26.74
C PHE A 573 -5.05 -5.70 27.55
N LYS A 574 -4.11 -6.64 27.42
CA LYS A 574 -2.79 -6.53 28.05
C LYS A 574 -1.69 -6.63 27.01
N TYR A 575 -0.46 -6.32 27.42
CA TYR A 575 0.69 -6.37 26.53
C TYR A 575 1.85 -7.16 27.13
N ASP A 576 2.07 -8.36 26.61
CA ASP A 576 3.20 -9.19 27.03
C ASP A 576 4.41 -8.90 26.15
N ALA A 577 5.29 -8.02 26.62
CA ALA A 577 6.44 -7.58 25.83
C ALA A 577 7.40 -8.72 25.45
N GLU A 578 7.51 -9.70 26.33
CA GLU A 578 8.44 -10.81 26.12
C GLU A 578 7.85 -11.86 25.18
N ASN A 579 6.61 -11.67 24.77
CA ASN A 579 5.94 -12.61 23.87
C ASN A 579 5.93 -12.08 22.43
N ALA A 580 6.36 -12.93 21.49
CA ALA A 580 6.50 -12.51 20.09
C ALA A 580 5.59 -13.27 19.13
N THR A 581 4.38 -13.58 19.60
CA THR A 581 3.37 -14.20 18.74
C THR A 581 1.98 -13.88 19.28
N GLU A 582 1.92 -13.59 20.57
CA GLU A 582 0.69 -13.10 21.20
C GLU A 582 1.05 -12.06 22.26
N PRO A 583 1.61 -10.92 21.84
CA PRO A 583 1.91 -9.84 22.78
C PRO A 583 0.62 -9.25 23.31
N ILE A 584 -0.41 -9.20 22.47
CA ILE A 584 -1.69 -8.62 22.81
C ILE A 584 -2.74 -9.70 23.06
N THR A 585 -3.37 -9.65 24.23
CA THR A 585 -4.44 -10.58 24.58
C THR A 585 -5.62 -9.83 25.17
N VAL A 586 -6.83 -10.31 24.91
CA VAL A 586 -8.03 -9.66 25.41
C VAL A 586 -8.38 -10.12 26.82
N ILE A 587 -8.41 -9.19 27.76
CA ILE A 587 -8.80 -9.50 29.12
C ILE A 587 -10.30 -9.66 29.25
N LYS A 588 -11.04 -8.70 28.70
CA LYS A 588 -12.47 -8.60 28.92
C LYS A 588 -13.12 -7.70 27.86
N LYS A 589 -14.40 -7.94 27.58
CA LYS A 589 -15.16 -7.12 26.63
C LYS A 589 -16.40 -6.55 27.30
N LEU A 590 -16.50 -5.22 27.34
CA LEU A 590 -17.68 -4.57 27.92
C LEU A 590 -18.60 -4.00 26.83
N GLN A 591 -19.89 -3.99 27.10
CA GLN A 591 -20.88 -3.51 26.13
C GLN A 591 -21.80 -2.46 26.73
N HIS A 592 -22.19 -1.48 25.91
CA HIS A 592 -23.09 -0.40 26.35
C HIS A 592 -23.33 0.58 25.21
N PRO A 593 -24.58 1.03 25.04
CA PRO A 593 -24.96 1.84 23.88
C PRO A 593 -24.11 3.09 23.73
N LEU A 594 -23.66 3.65 24.85
CA LEU A 594 -22.89 4.90 24.81
C LEU A 594 -21.44 4.66 24.41
N PHE A 595 -21.09 3.39 24.20
CA PHE A 595 -19.77 3.04 23.69
C PHE A 595 -19.77 3.10 22.16
N GLN A 596 -20.96 2.96 21.59
CA GLN A 596 -21.12 2.90 20.14
C GLN A 596 -20.80 4.24 19.47
N ARG A 597 -19.51 4.57 19.45
CA ARG A 597 -19.04 5.85 18.90
C ARG A 597 -18.08 5.65 17.73
N TYR A 598 -18.11 6.59 16.79
CA TYR A 598 -17.22 6.55 15.65
C TYR A 598 -16.51 7.87 15.53
N GLY A 599 -15.18 7.84 15.62
CA GLY A 599 -14.38 9.03 15.51
C GLY A 599 -14.16 9.70 16.85
N SER A 600 -14.19 8.89 17.91
CA SER A 600 -13.95 9.37 19.26
C SER A 600 -12.48 9.25 19.63
N GLN A 601 -12.10 9.84 20.76
CA GLN A 601 -10.76 9.67 21.31
C GLN A 601 -10.89 9.40 22.80
N ILE A 602 -10.20 8.37 23.28
CA ILE A 602 -10.22 8.07 24.71
C ILE A 602 -8.88 8.39 25.34
N LYS A 603 -8.86 8.44 26.67
CA LYS A 603 -7.64 8.77 27.39
C LYS A 603 -7.81 8.46 28.88
N TYR A 604 -6.70 8.12 29.55
CA TYR A 604 -6.73 7.81 30.97
C TYR A 604 -6.53 9.07 31.80
N ILE A 605 -7.57 9.49 32.51
CA ILE A 605 -7.44 10.57 33.48
C ILE A 605 -6.64 10.00 34.65
N THR A 606 -7.06 8.82 35.11
CA THR A 606 -6.35 8.07 36.12
C THR A 606 -6.38 6.61 35.71
N PRO A 607 -5.54 5.77 36.32
CA PRO A 607 -5.54 4.33 36.03
C PRO A 607 -6.91 3.67 36.20
N ARG A 608 -7.84 4.37 36.86
CA ARG A 608 -9.13 3.80 37.18
C ARG A 608 -10.29 4.63 36.65
N LYS A 609 -10.03 5.40 35.59
CA LYS A 609 -11.04 6.28 35.03
C LYS A 609 -10.66 6.72 33.61
N LEU A 610 -11.39 6.20 32.62
CA LEU A 610 -11.09 6.46 31.20
C LEU A 610 -12.00 7.51 30.57
N LEU A 611 -11.42 8.64 30.21
CA LEU A 611 -12.16 9.72 29.55
C LEU A 611 -12.52 9.39 28.11
N ILE A 612 -13.81 9.19 27.86
CA ILE A 612 -14.33 8.94 26.53
C ILE A 612 -14.91 10.22 25.96
N VAL A 613 -14.43 10.64 24.78
CA VAL A 613 -14.82 11.95 24.25
C VAL A 613 -15.32 11.93 22.80
N GLY A 614 -16.44 12.62 22.58
CA GLY A 614 -16.90 12.93 21.24
C GLY A 614 -17.28 11.79 20.33
N GLY A 615 -17.19 12.05 19.02
CA GLY A 615 -17.55 11.09 18.00
C GLY A 615 -19.03 11.12 17.66
N THR A 616 -19.40 10.42 16.60
CA THR A 616 -20.80 10.29 16.21
C THR A 616 -21.26 8.86 16.39
N SER A 617 -22.57 8.64 16.26
CA SER A 617 -23.15 7.32 16.49
C SER A 617 -24.30 7.05 15.52
N PRO A 618 -24.46 5.78 15.12
CA PRO A 618 -25.56 5.42 14.21
C PRO A 618 -26.90 5.44 14.92
N SER A 619 -26.89 5.45 16.26
CA SER A 619 -28.11 5.31 17.05
C SER A 619 -28.85 6.64 17.21
N GLY A 620 -28.15 7.65 17.68
CA GLY A 620 -28.73 8.97 17.86
C GLY A 620 -27.67 10.03 17.99
N LEU A 621 -28.09 11.23 18.41
CA LEU A 621 -27.17 12.33 18.62
C LEU A 621 -26.75 12.36 20.08
N PHE A 622 -25.51 12.79 20.33
CA PHE A 622 -25.03 12.91 21.70
C PHE A 622 -25.44 14.28 22.18
N ASP A 623 -25.86 14.36 23.43
CA ASP A 623 -26.28 15.62 24.05
C ASP A 623 -25.27 16.14 25.07
N ARG A 624 -25.70 17.08 25.90
CA ARG A 624 -24.80 17.71 26.85
C ARG A 624 -24.44 16.76 27.99
N THR A 625 -25.23 15.72 28.15
CA THR A 625 -25.03 14.77 29.25
C THR A 625 -24.08 13.63 28.88
N ASN A 626 -24.00 13.31 27.59
CA ASN A 626 -23.27 12.12 27.18
C ASN A 626 -22.32 12.29 26.00
N SER A 627 -22.05 13.53 25.61
CA SER A 627 -21.03 13.77 24.60
C SER A 627 -19.67 13.40 25.18
N ILE A 628 -19.52 13.67 26.48
CA ILE A 628 -18.30 13.33 27.21
C ILE A 628 -18.65 12.53 28.46
N ILE A 629 -18.02 11.38 28.63
CA ILE A 629 -18.27 10.55 29.80
C ILE A 629 -16.98 9.91 30.31
N SER A 630 -17.11 9.04 31.31
CA SER A 630 -15.97 8.31 31.85
C SER A 630 -16.40 6.92 32.30
N LEU A 631 -15.50 5.95 32.21
CA LEU A 631 -15.82 4.59 32.61
C LEU A 631 -14.76 4.04 33.55
N ASP A 632 -15.21 3.25 34.54
CA ASP A 632 -14.31 2.58 35.46
C ASP A 632 -14.19 1.12 35.04
N PRO A 633 -13.06 0.74 34.45
CA PRO A 633 -12.83 -0.56 33.80
C PRO A 633 -12.99 -1.77 34.71
N LEU A 634 -12.70 -1.63 36.00
CA LEU A 634 -12.87 -2.75 36.92
C LEU A 634 -14.21 -2.68 37.66
N SER A 635 -14.71 -1.47 37.88
CA SER A 635 -15.99 -1.27 38.55
C SER A 635 -17.15 -1.44 37.59
N GLU A 636 -16.89 -1.15 36.32
CA GLU A 636 -17.89 -1.23 35.27
C GLU A 636 -19.01 -0.23 35.51
N THR A 637 -18.63 0.98 35.90
CA THR A 637 -19.59 2.05 36.13
C THR A 637 -19.38 3.18 35.14
N LEU A 638 -20.48 3.83 34.75
CA LEU A 638 -20.41 4.97 33.83
C LEU A 638 -20.78 6.26 34.56
N THR A 639 -19.91 7.26 34.45
CA THR A 639 -20.19 8.57 35.00
C THR A 639 -20.19 9.58 33.87
N SER A 640 -21.04 10.59 33.97
CA SER A 640 -21.17 11.58 32.92
C SER A 640 -20.49 12.89 33.27
N ILE A 641 -19.69 13.41 32.35
CA ILE A 641 -19.12 14.75 32.51
C ILE A 641 -19.89 15.74 31.65
N PRO A 642 -20.90 16.40 32.23
CA PRO A 642 -21.80 17.31 31.51
C PRO A 642 -21.11 18.56 30.98
N ILE A 643 -21.58 19.06 29.84
CA ILE A 643 -21.15 20.34 29.30
C ILE A 643 -22.17 21.41 29.69
N SER A 644 -21.69 22.53 30.21
CA SER A 644 -22.57 23.60 30.66
C SER A 644 -23.46 24.09 29.53
N ARG A 645 -24.69 24.49 29.88
CA ARG A 645 -25.63 25.02 28.90
C ARG A 645 -24.99 26.15 28.10
N ARG A 646 -24.12 26.92 28.75
CA ARG A 646 -23.44 28.02 28.09
C ARG A 646 -22.59 27.51 26.92
N ILE A 647 -21.63 26.65 27.24
CA ILE A 647 -20.72 26.13 26.24
C ILE A 647 -21.49 25.43 25.12
N TRP A 648 -22.59 24.77 25.48
CA TRP A 648 -23.46 24.13 24.50
C TRP A 648 -24.03 25.16 23.54
N GLU A 649 -24.66 26.20 24.08
CA GLU A 649 -25.40 27.17 23.27
C GLU A 649 -24.54 28.26 22.63
N ASP A 650 -23.62 28.82 23.41
CA ASP A 650 -22.94 30.06 22.99
C ASP A 650 -21.69 29.82 22.15
N HIS A 651 -20.89 28.83 22.51
CA HIS A 651 -19.66 28.55 21.80
C HIS A 651 -19.82 27.44 20.76
N SER A 652 -18.90 27.42 19.79
CA SER A 652 -18.94 26.43 18.72
C SER A 652 -18.28 25.13 19.12
N LEU A 653 -19.10 24.11 19.39
CA LEU A 653 -18.59 22.81 19.79
C LEU A 653 -19.02 21.72 18.80
N MET A 654 -18.04 21.08 18.16
CA MET A 654 -18.30 19.99 17.23
C MET A 654 -17.25 18.90 17.40
N LEU A 655 -17.60 17.84 18.12
CA LEU A 655 -16.62 16.82 18.47
C LEU A 655 -16.38 15.79 17.35
N ALA A 656 -15.62 16.21 16.34
CA ALA A 656 -15.26 15.34 15.22
C ALA A 656 -14.00 15.86 14.55
N GLY A 657 -12.92 15.10 14.63
CA GLY A 657 -11.65 15.50 14.05
C GLY A 657 -10.74 16.10 15.10
N PHE A 658 -11.21 16.09 16.34
CA PHE A 658 -10.51 16.67 17.47
C PHE A 658 -9.43 15.74 18.00
N SER A 659 -8.70 16.19 19.02
CA SER A 659 -7.65 15.39 19.62
C SER A 659 -7.54 15.64 21.13
N LEU A 660 -6.88 14.73 21.83
CA LEU A 660 -6.65 14.87 23.27
C LEU A 660 -5.16 15.03 23.60
N VAL A 661 -4.84 16.06 24.38
CA VAL A 661 -3.47 16.32 24.83
C VAL A 661 -3.46 16.46 26.34
N SER A 662 -2.39 16.01 26.97
CA SER A 662 -2.30 16.02 28.43
C SER A 662 -0.94 16.50 28.96
N THR A 663 -0.99 17.48 29.87
CA THR A 663 0.21 17.97 30.56
C THR A 663 -0.14 18.58 31.91
N GLY A 666 -2.97 16.14 35.20
CA GLY A 666 -4.35 16.06 35.67
C GLY A 666 -5.32 16.88 34.84
N THR A 667 -4.91 17.23 33.62
CA THR A 667 -5.75 18.00 32.71
C THR A 667 -5.62 17.51 31.27
N ILE A 668 -6.75 17.32 30.60
CA ILE A 668 -6.78 16.83 29.24
C ILE A 668 -7.50 17.84 28.35
N HIS A 669 -6.80 18.41 27.38
CA HIS A 669 -7.40 19.39 26.49
C HIS A 669 -8.05 18.76 25.25
N ILE A 670 -9.19 19.30 24.87
CA ILE A 670 -9.90 18.85 23.68
C ILE A 670 -9.71 19.87 22.57
N ILE A 671 -8.75 19.61 21.69
CA ILE A 671 -8.33 20.60 20.72
C ILE A 671 -8.61 20.19 19.27
N GLY A 672 -8.67 21.17 18.38
CA GLY A 672 -8.92 20.93 16.98
C GLY A 672 -10.27 20.27 16.72
N GLY A 673 -10.73 20.31 15.48
CA GLY A 673 -11.96 19.63 15.11
C GLY A 673 -12.97 20.50 14.39
N GLY A 674 -13.75 19.88 13.52
CA GLY A 674 -14.76 20.60 12.77
C GLY A 674 -15.61 19.70 11.89
N ALA A 675 -16.52 20.31 11.14
CA ALA A 675 -17.41 19.59 10.24
C ALA A 675 -18.06 20.60 9.31
N THR A 676 -18.30 20.22 8.06
CA THR A 676 -18.88 21.16 7.10
C THR A 676 -20.43 21.11 7.10
N CYS A 677 -20.99 20.26 7.95
CA CYS A 677 -22.43 20.26 8.20
C CYS A 677 -23.30 20.28 6.95
N TYR A 678 -22.99 19.44 5.97
CA TYR A 678 -23.90 19.19 4.86
C TYR A 678 -24.25 20.45 4.08
N GLY A 679 -23.25 21.26 3.74
CA GLY A 679 -23.52 22.49 3.02
C GLY A 679 -24.47 23.43 3.73
N PHE A 680 -24.46 23.39 5.06
CA PHE A 680 -25.15 24.41 5.85
C PHE A 680 -24.08 25.31 6.49
N GLY A 681 -22.88 25.26 5.94
CA GLY A 681 -21.76 26.01 6.46
C GLY A 681 -20.84 25.17 7.33
N SER A 682 -19.68 25.69 7.66
CA SER A 682 -18.72 24.96 8.46
C SER A 682 -18.82 25.32 9.93
N VAL A 683 -18.22 24.48 10.76
CA VAL A 683 -18.12 24.75 12.18
C VAL A 683 -16.74 24.33 12.67
N THR A 684 -16.23 25.02 13.68
CA THR A 684 -14.94 24.69 14.24
C THR A 684 -15.05 24.48 15.74
N ASN A 685 -14.50 23.37 16.20
CA ASN A 685 -14.41 23.10 17.62
C ASN A 685 -13.43 24.08 18.24
N VAL A 686 -13.91 24.98 19.08
CA VAL A 686 -13.07 26.02 19.64
C VAL A 686 -12.03 25.46 20.60
N GLY A 687 -12.43 24.45 21.36
CA GLY A 687 -11.53 23.83 22.32
C GLY A 687 -12.09 23.82 23.73
N LEU A 688 -11.78 22.76 24.47
CA LEU A 688 -12.24 22.61 25.84
C LEU A 688 -11.12 22.02 26.68
N LYS A 689 -11.27 22.07 28.00
CA LYS A 689 -10.31 21.42 28.89
C LYS A 689 -11.01 20.73 30.04
N LEU A 690 -10.47 19.60 30.45
CA LEU A 690 -11.02 18.84 31.57
C LEU A 690 -10.10 18.93 32.76
N ILE A 691 -10.51 19.71 33.75
CA ILE A 691 -9.71 19.91 34.95
C ILE A 691 -10.30 19.16 36.13
N ALA A 692 -9.50 19.03 37.19
CA ALA A 692 -10.01 18.47 38.44
C ALA A 692 -10.96 19.48 39.07
N ILE A 693 -11.90 19.00 39.86
CA ILE A 693 -12.88 19.88 40.47
C ILE A 693 -12.37 20.39 41.81
N ALA A 694 -12.46 21.70 42.02
CA ALA A 694 -11.97 22.33 43.25
C ALA A 694 -12.58 21.68 44.50
N ASN B 11 56.51 3.15 28.47
CA ASN B 11 55.82 2.10 29.23
C ASN B 11 54.84 1.30 28.37
N LYS B 12 53.56 1.43 28.70
CA LYS B 12 52.49 0.76 27.97
C LYS B 12 52.11 1.55 26.73
N ASN B 13 52.33 2.87 26.80
CA ASN B 13 52.13 3.75 25.66
C ASN B 13 52.95 3.28 24.47
N VAL B 14 54.05 2.58 24.78
CA VAL B 14 54.94 2.01 23.77
C VAL B 14 54.34 0.78 23.10
N LYS B 15 53.42 0.11 23.81
CA LYS B 15 52.73 -1.05 23.25
C LYS B 15 51.49 -0.62 22.46
N GLN B 16 50.96 0.56 22.78
CA GLN B 16 49.81 1.10 22.07
C GLN B 16 50.23 1.78 20.77
N GLU B 17 51.25 2.64 20.86
CA GLU B 17 51.74 3.39 19.70
C GLU B 17 52.18 2.47 18.57
N ARG B 18 52.51 1.22 18.92
CA ARG B 18 52.98 0.27 17.92
C ARG B 18 51.82 -0.44 17.25
N ARG B 19 50.71 -0.59 17.96
CA ARG B 19 49.53 -1.23 17.40
C ARG B 19 48.90 -0.34 16.32
N LYS B 20 49.14 0.97 16.43
CA LYS B 20 48.60 1.92 15.46
C LYS B 20 49.38 1.92 14.15
N LYS B 21 50.70 1.75 14.24
CA LYS B 21 51.54 1.73 13.05
C LYS B 21 51.19 0.53 12.17
N TYR B 22 51.06 -0.63 12.79
CA TYR B 22 50.74 -1.86 12.07
C TYR B 22 49.26 -1.91 11.71
N ALA B 23 48.47 -1.04 12.34
CA ALA B 23 47.07 -0.91 11.99
C ALA B 23 46.93 -0.08 10.71
N ASP B 24 48.06 0.45 10.25
CA ASP B 24 48.11 1.14 8.96
C ASP B 24 48.79 0.24 7.95
N LEU B 25 49.80 -0.50 8.41
CA LEU B 25 50.55 -1.41 7.56
C LEU B 25 49.70 -2.61 7.18
N ALA B 26 48.61 -2.81 7.91
CA ALA B 26 47.62 -3.83 7.58
C ALA B 26 46.50 -3.18 6.80
N ILE B 27 45.99 -2.08 7.34
CA ILE B 27 44.93 -1.31 6.69
C ILE B 27 45.33 -0.90 5.28
N GLN B 28 46.32 -0.02 5.16
CA GLN B 28 46.73 0.45 3.85
C GLN B 28 48.23 0.29 3.60
N GLY B 29 48.61 -0.68 2.78
CA GLY B 29 47.70 -1.69 2.25
C GLY B 29 46.57 -1.21 1.37
N THR B 30 45.52 -2.02 1.28
CA THR B 30 44.29 -1.67 0.57
C THR B 30 43.09 -2.16 1.38
N ASN B 31 42.34 -1.23 1.95
CA ASN B 31 41.25 -1.57 2.87
C ASN B 31 40.01 -2.02 2.12
N ASN B 32 40.18 -2.36 0.84
CA ASN B 32 39.07 -2.84 0.01
C ASN B 32 39.13 -4.35 -0.15
N SER B 33 39.87 -4.99 0.75
CA SER B 33 40.04 -6.43 0.71
C SER B 33 38.80 -7.18 1.18
N SER B 34 38.79 -8.48 0.93
CA SER B 34 37.71 -9.34 1.39
C SER B 34 37.59 -9.26 2.91
N ILE B 35 38.70 -8.94 3.57
CA ILE B 35 38.72 -8.81 5.01
C ILE B 35 37.80 -7.68 5.49
N ALA B 36 37.82 -6.57 4.77
CA ALA B 36 36.97 -5.44 5.11
C ALA B 36 35.50 -5.80 4.88
N SER B 37 35.22 -6.38 3.72
CA SER B 37 33.87 -6.79 3.40
C SER B 37 33.32 -7.79 4.41
N LYS B 38 34.20 -8.61 4.96
CA LYS B 38 33.79 -9.55 6.00
C LYS B 38 33.48 -8.78 7.27
N ARG B 39 34.25 -7.73 7.53
CA ARG B 39 33.99 -6.85 8.66
C ARG B 39 32.59 -6.26 8.53
N SER B 40 32.25 -5.80 7.32
CA SER B 40 30.91 -5.32 7.04
C SER B 40 29.88 -6.31 7.54
N VAL B 41 29.98 -7.55 7.08
CA VAL B 41 29.06 -8.62 7.48
C VAL B 41 29.04 -8.84 8.99
N GLU B 42 30.21 -8.69 9.62
CA GLU B 42 30.32 -8.89 11.07
C GLU B 42 29.49 -7.88 11.86
N LEU B 43 29.50 -6.64 11.39
CA LEU B 43 28.73 -5.57 12.03
C LEU B 43 27.24 -5.73 11.78
N LEU B 44 26.84 -5.65 10.51
CA LEU B 44 25.42 -5.66 10.16
C LEU B 44 24.76 -7.02 10.33
N TYR B 45 25.04 -7.95 9.42
CA TYR B 45 24.38 -9.26 9.41
C TYR B 45 24.49 -10.07 10.70
N LEU B 46 25.72 -10.41 11.08
CA LEU B 46 25.96 -11.42 12.11
C LEU B 46 25.19 -11.24 13.44
N PRO B 47 25.06 -10.00 13.93
CA PRO B 47 24.33 -9.82 15.19
C PRO B 47 22.81 -10.03 15.05
N LYS B 48 22.29 -9.90 13.82
CA LYS B 48 20.85 -10.05 13.57
C LYS B 48 20.46 -11.47 13.17
N LEU B 49 21.32 -12.44 13.47
CA LEU B 49 21.09 -13.81 13.00
C LEU B 49 21.02 -14.86 14.09
N SER B 50 20.30 -15.94 13.80
CA SER B 50 20.08 -17.02 14.76
C SER B 50 21.39 -17.68 15.20
N SER B 51 21.30 -18.49 16.25
CA SER B 51 22.42 -19.27 16.74
C SER B 51 23.11 -20.00 15.59
N ALA B 52 22.30 -20.55 14.69
CA ALA B 52 22.83 -21.37 13.60
C ALA B 52 23.90 -20.67 12.76
N ASN B 53 23.61 -19.49 12.23
CA ASN B 53 24.44 -18.90 11.20
C ASN B 53 25.18 -17.62 11.59
N ASN B 54 25.44 -17.42 12.88
CA ASN B 54 26.13 -16.20 13.30
C ASN B 54 27.62 -16.38 13.60
N PHE B 55 28.09 -17.63 13.56
CA PHE B 55 29.52 -17.93 13.62
C PHE B 55 30.22 -17.56 14.94
N GLN B 56 29.89 -16.39 15.48
CA GLN B 56 30.59 -15.87 16.66
C GLN B 56 29.62 -15.28 17.67
N MET B 57 29.44 -15.99 18.78
CA MET B 57 28.49 -15.60 19.80
C MET B 57 28.79 -16.38 21.07
N ASP B 58 28.79 -15.71 22.21
CA ASP B 58 29.16 -16.38 23.46
C ASP B 58 27.98 -16.97 24.22
N LYS B 59 28.22 -17.34 25.47
CA LYS B 59 27.22 -17.95 26.32
C LYS B 59 26.12 -16.96 26.72
N ASN B 60 26.45 -15.67 26.67
CA ASN B 60 25.50 -14.61 26.97
C ASN B 60 24.82 -14.09 25.70
N ASN B 61 25.05 -14.76 24.59
CA ASN B 61 24.53 -14.33 23.30
C ASN B 61 24.97 -12.91 22.93
N LYS B 62 26.24 -12.61 23.23
CA LYS B 62 26.84 -11.33 22.86
C LYS B 62 27.72 -11.54 21.64
N LEU B 63 27.22 -11.21 20.46
CA LEU B 63 28.02 -11.35 19.24
C LEU B 63 29.47 -11.00 19.50
N LEU B 64 30.36 -11.97 19.29
CA LEU B 64 31.80 -11.75 19.44
C LEU B 64 32.41 -11.29 18.13
N GLU B 65 33.32 -10.34 18.20
CA GLU B 65 33.93 -9.79 16.99
C GLU B 65 35.38 -10.22 16.84
N TYR B 66 35.77 -10.58 15.62
CA TYR B 66 37.15 -10.99 15.34
C TYR B 66 37.78 -10.19 14.19
N PHE B 67 37.01 -9.95 13.14
CA PHE B 67 37.51 -9.16 12.02
C PHE B 67 37.85 -7.72 12.43
N LYS B 68 37.32 -7.30 13.59
CA LYS B 68 37.57 -5.96 14.08
C LYS B 68 39.04 -5.76 14.39
N PHE B 69 39.73 -6.85 14.70
CA PHE B 69 41.13 -6.80 15.08
C PHE B 69 42.04 -6.39 13.92
N PHE B 70 41.56 -6.57 12.70
CA PHE B 70 42.37 -6.28 11.52
C PHE B 70 41.73 -5.19 10.66
N VAL B 71 40.43 -4.99 10.84
CA VAL B 71 39.75 -3.84 10.26
C VAL B 71 38.79 -3.30 11.31
N PRO B 72 39.24 -2.28 12.06
CA PRO B 72 38.52 -1.76 13.22
C PRO B 72 37.36 -0.85 12.82
N LYS B 73 37.60 0.06 11.90
CA LYS B 73 36.57 1.01 11.47
C LYS B 73 35.31 0.30 10.96
N LYS B 74 34.15 0.85 11.29
CA LYS B 74 32.89 0.27 10.85
C LYS B 74 32.77 0.33 9.32
N ILE B 75 32.62 -0.84 8.71
CA ILE B 75 32.60 -0.93 7.25
C ILE B 75 31.19 -1.10 6.67
N LYS B 76 30.91 -0.36 5.60
CA LYS B 76 29.61 -0.42 4.95
C LYS B 76 29.76 -0.99 3.54
N ARG B 77 28.84 -1.87 3.17
CA ARG B 77 28.84 -2.44 1.83
C ARG B 77 27.43 -2.46 1.29
N SER B 78 27.28 -2.59 -0.02
CA SER B 78 25.95 -2.74 -0.61
C SER B 78 25.30 -4.01 -0.08
N PRO B 79 23.96 -4.10 -0.14
CA PRO B 79 23.28 -5.30 0.34
C PRO B 79 23.73 -6.53 -0.44
N CYS B 80 24.10 -6.32 -1.70
CA CYS B 80 24.58 -7.37 -2.58
C CYS B 80 25.89 -7.95 -2.04
N ILE B 81 26.94 -7.14 -2.07
CA ILE B 81 28.25 -7.53 -1.58
C ILE B 81 28.18 -8.09 -0.16
N ASN B 82 27.23 -7.61 0.64
CA ASN B 82 27.04 -8.10 1.99
C ASN B 82 26.52 -9.53 1.99
N ARG B 83 25.56 -9.81 1.12
CA ARG B 83 24.98 -11.14 1.02
C ARG B 83 26.00 -12.12 0.46
N GLY B 84 26.72 -11.70 -0.58
CA GLY B 84 27.75 -12.52 -1.16
C GLY B 84 28.81 -12.88 -0.14
N TYR B 85 29.19 -11.92 0.69
CA TYR B 85 30.24 -12.17 1.66
C TYR B 85 29.79 -13.00 2.85
N TRP B 86 28.49 -13.01 3.12
CA TRP B 86 27.98 -13.93 4.12
C TRP B 86 28.08 -15.34 3.54
N LEU B 87 27.73 -15.48 2.27
CA LEU B 87 27.83 -16.76 1.59
C LEU B 87 29.27 -17.28 1.65
N ARG B 88 30.22 -16.36 1.52
CA ARG B 88 31.63 -16.77 1.52
C ARG B 88 32.11 -17.23 2.90
N LEU B 89 31.47 -16.74 3.95
CA LEU B 89 31.80 -17.23 5.29
C LEU B 89 31.10 -18.57 5.51
N PHE B 90 29.91 -18.70 4.93
CA PHE B 90 29.13 -19.93 5.01
C PHE B 90 29.82 -21.03 4.21
N ALA B 91 30.32 -20.67 3.03
CA ALA B 91 31.05 -21.60 2.19
C ALA B 91 32.15 -22.29 3.01
N ILE B 92 33.10 -21.52 3.52
CA ILE B 92 34.22 -22.08 4.28
C ILE B 92 33.78 -22.79 5.55
N ARG B 93 32.87 -22.19 6.31
CA ARG B 93 32.43 -22.77 7.58
C ARG B 93 31.65 -24.08 7.39
N SER B 94 30.76 -24.12 6.40
CA SER B 94 29.97 -25.31 6.14
C SER B 94 30.87 -26.47 5.70
N ARG B 95 31.84 -26.18 4.83
CA ARG B 95 32.79 -27.19 4.39
C ARG B 95 33.57 -27.70 5.61
N LEU B 96 34.22 -26.79 6.32
CA LEU B 96 34.94 -27.14 7.54
C LEU B 96 34.07 -27.96 8.48
N ASN B 97 32.80 -27.60 8.60
CA ASN B 97 31.88 -28.32 9.47
C ASN B 97 31.74 -29.78 9.05
N SER B 98 31.45 -30.00 7.77
CA SER B 98 31.20 -31.35 7.27
C SER B 98 32.38 -32.27 7.58
N ILE B 99 33.57 -31.67 7.60
CA ILE B 99 34.78 -32.42 7.92
C ILE B 99 34.88 -32.70 9.41
N ILE B 100 34.70 -31.67 10.23
CA ILE B 100 34.75 -31.86 11.67
C ILE B 100 33.70 -32.86 12.14
N GLU B 101 32.58 -32.93 11.44
CA GLU B 101 31.47 -33.78 11.85
C GLU B 101 31.75 -35.26 11.56
N GLN B 102 32.37 -35.51 10.41
CA GLN B 102 32.52 -36.87 9.90
C GLN B 102 33.86 -37.51 10.27
N THR B 103 34.64 -36.81 11.08
CA THR B 103 35.94 -37.33 11.52
C THR B 103 35.90 -37.78 12.96
N PRO B 104 36.25 -39.05 13.22
CA PRO B 104 36.29 -39.64 14.56
C PRO B 104 36.94 -38.72 15.60
N GLN B 105 36.34 -38.63 16.78
CA GLN B 105 36.80 -37.73 17.83
C GLN B 105 38.27 -37.92 18.20
N ASP B 106 38.81 -39.09 17.92
CA ASP B 106 40.20 -39.38 18.24
C ASP B 106 41.17 -38.64 17.32
N LYS B 107 40.97 -38.77 16.02
CA LYS B 107 41.82 -38.10 15.04
C LYS B 107 41.98 -36.61 15.36
N LYS B 108 43.14 -36.05 15.04
CA LYS B 108 43.34 -34.62 15.20
C LYS B 108 43.32 -33.98 13.81
N ILE B 109 42.76 -32.78 13.73
CA ILE B 109 42.56 -32.11 12.44
C ILE B 109 43.45 -30.90 12.35
N VAL B 110 43.86 -30.53 11.14
CA VAL B 110 44.66 -29.34 10.93
C VAL B 110 44.18 -28.58 9.70
N VAL B 111 43.90 -27.28 9.88
CA VAL B 111 43.48 -26.42 8.80
C VAL B 111 44.63 -25.53 8.34
N VAL B 112 44.91 -25.54 7.04
CA VAL B 112 46.04 -24.80 6.50
C VAL B 112 45.60 -23.78 5.45
N ASN B 113 45.76 -22.50 5.78
CA ASN B 113 45.30 -21.41 4.93
C ASN B 113 46.41 -20.91 4.01
N LEU B 114 46.28 -21.19 2.72
CA LEU B 114 47.28 -20.78 1.73
C LEU B 114 47.06 -19.34 1.25
N GLY B 115 47.89 -18.43 1.73
CA GLY B 115 47.69 -17.01 1.46
C GLY B 115 46.58 -16.50 2.36
N CYS B 116 46.72 -16.73 3.66
CA CYS B 116 45.68 -16.42 4.64
C CYS B 116 45.43 -14.92 4.78
N GLY B 117 46.28 -14.11 4.17
CA GLY B 117 46.21 -12.68 4.37
C GLY B 117 46.01 -12.37 5.84
N TYR B 118 45.11 -11.42 6.14
CA TYR B 118 44.86 -11.04 7.52
C TYR B 118 43.66 -11.76 8.11
N ASP B 119 43.21 -12.80 7.42
CA ASP B 119 42.07 -13.61 7.84
C ASP B 119 42.26 -14.14 9.27
N PRO B 120 41.31 -13.82 10.17
CA PRO B 120 41.35 -14.22 11.58
C PRO B 120 40.53 -15.48 11.84
N LEU B 121 40.36 -16.30 10.82
CA LEU B 121 39.56 -17.52 10.96
C LEU B 121 40.03 -18.45 12.08
N PRO B 122 41.36 -18.64 12.22
CA PRO B 122 41.88 -19.50 13.29
C PRO B 122 41.43 -19.07 14.68
N PHE B 123 41.47 -17.77 14.94
CA PHE B 123 41.11 -17.25 16.24
C PHE B 123 39.61 -17.38 16.50
N GLN B 124 38.82 -17.15 15.46
CA GLN B 124 37.37 -17.28 15.56
C GLN B 124 36.98 -18.67 16.03
N LEU B 125 37.78 -19.66 15.63
CA LEU B 125 37.44 -21.06 15.87
C LEU B 125 38.08 -21.61 17.14
N LEU B 126 39.21 -21.05 17.52
CA LEU B 126 39.92 -21.52 18.70
C LEU B 126 39.41 -20.88 19.98
N ASP B 127 38.89 -19.67 19.85
CA ASP B 127 38.36 -18.92 20.99
C ASP B 127 37.45 -19.81 21.84
N THR B 128 37.81 -19.97 23.11
CA THR B 128 37.02 -20.77 24.03
C THR B 128 35.70 -20.09 24.36
N ASN B 129 35.71 -18.76 24.40
CA ASN B 129 34.49 -17.98 24.65
C ASN B 129 33.39 -18.26 23.63
N ASN B 130 33.76 -18.28 22.36
CA ASN B 130 32.82 -18.54 21.27
C ASN B 130 32.23 -19.94 21.32
N ILE B 131 30.97 -20.03 21.74
CA ILE B 131 30.30 -21.33 21.84
C ILE B 131 29.76 -21.77 20.49
N GLN B 132 29.98 -20.96 19.46
CA GLN B 132 29.49 -21.29 18.12
C GLN B 132 30.51 -22.10 17.33
N SER B 133 31.75 -22.11 17.82
CA SER B 133 32.80 -22.93 17.22
C SER B 133 33.32 -23.98 18.21
N GLN B 134 32.42 -24.58 18.99
CA GLN B 134 32.80 -25.56 20.00
C GLN B 134 33.44 -26.83 19.44
N GLN B 135 33.06 -27.20 18.22
CA GLN B 135 33.62 -28.40 17.59
C GLN B 135 35.08 -28.19 17.22
N TYR B 136 35.57 -26.96 17.41
CA TYR B 136 36.93 -26.60 16.99
C TYR B 136 37.81 -26.22 18.17
N HIS B 137 37.42 -26.62 19.38
CA HIS B 137 38.11 -26.19 20.59
C HIS B 137 39.19 -27.15 21.05
N ASP B 138 39.01 -28.43 20.75
CA ASP B 138 39.83 -29.48 21.35
C ASP B 138 40.94 -30.02 20.44
N ARG B 139 40.57 -30.39 19.23
CA ARG B 139 41.45 -31.20 18.39
C ARG B 139 41.79 -30.55 17.04
N VAL B 140 41.47 -29.28 16.87
CA VAL B 140 41.70 -28.62 15.59
C VAL B 140 42.85 -27.61 15.67
N SER B 141 43.78 -27.74 14.73
CA SER B 141 44.95 -26.87 14.69
C SER B 141 44.92 -26.07 13.39
N PHE B 142 45.66 -24.95 13.37
CA PHE B 142 45.70 -24.09 12.20
C PHE B 142 47.10 -23.67 11.81
N ILE B 143 47.34 -23.55 10.51
CA ILE B 143 48.61 -23.06 10.00
C ILE B 143 48.40 -21.95 8.99
N ASP B 144 48.73 -20.72 9.38
CA ASP B 144 48.67 -19.59 8.46
C ASP B 144 49.89 -19.61 7.55
N ILE B 145 49.68 -19.41 6.26
CA ILE B 145 50.78 -19.37 5.31
C ILE B 145 50.63 -18.23 4.31
N ASP B 146 51.60 -17.33 4.30
CA ASP B 146 51.59 -16.17 3.40
C ASP B 146 53.03 -15.65 3.25
N TYR B 147 53.23 -14.68 2.37
CA TYR B 147 54.55 -14.07 2.16
CA TYR B 147 54.58 -14.16 2.18
C TYR B 147 55.14 -13.58 3.48
N SER B 148 56.47 -13.46 3.53
CA SER B 148 57.16 -13.05 4.75
C SER B 148 56.74 -11.68 5.27
N ASP B 149 56.89 -10.65 4.44
CA ASP B 149 56.60 -9.28 4.86
C ASP B 149 55.22 -9.11 5.51
N LEU B 150 54.29 -9.98 5.15
CA LEU B 150 52.92 -9.87 5.66
C LEU B 150 52.72 -10.57 6.99
N LEU B 151 53.21 -11.80 7.10
CA LEU B 151 53.08 -12.56 8.34
C LEU B 151 53.77 -11.82 9.49
N LYS B 152 54.78 -11.03 9.14
CA LYS B 152 55.45 -10.18 10.12
C LYS B 152 54.43 -9.27 10.78
N ILE B 153 53.77 -8.45 9.97
CA ILE B 153 52.75 -7.53 10.44
C ILE B 153 51.67 -8.25 11.24
N LYS B 154 51.22 -9.39 10.74
CA LYS B 154 50.19 -10.16 11.42
C LYS B 154 50.79 -10.90 12.60
N GLU B 156 52.74 -9.60 14.64
CA GLU B 156 52.80 -8.35 15.41
C GLU B 156 51.44 -8.05 16.05
N LEU B 157 50.41 -7.92 15.21
CA LEU B 157 49.07 -7.64 15.70
C LEU B 157 48.57 -8.76 16.61
N ILE B 158 49.12 -9.96 16.43
CA ILE B 158 48.71 -11.11 17.23
C ILE B 158 49.30 -11.04 18.64
N LYS B 159 50.41 -10.33 18.77
CA LYS B 159 51.08 -10.20 20.06
C LYS B 159 50.58 -8.97 20.85
N THR B 160 50.46 -7.84 20.16
CA THR B 160 50.06 -6.59 20.81
C THR B 160 48.56 -6.49 21.06
N ILE B 161 47.80 -7.45 20.54
CA ILE B 161 46.37 -7.52 20.79
C ILE B 161 46.06 -8.67 21.75
N PRO B 162 45.99 -8.35 23.05
CA PRO B 162 45.79 -9.32 24.14
C PRO B 162 44.72 -10.36 23.83
N GLU B 163 43.59 -9.91 23.31
CA GLU B 163 42.47 -10.81 23.00
C GLU B 163 42.90 -11.96 22.07
N LEU B 164 43.74 -11.64 21.09
CA LEU B 164 44.30 -12.65 20.19
C LEU B 164 45.34 -13.53 20.89
N SER B 165 46.43 -12.90 21.35
CA SER B 165 47.48 -13.59 22.09
C SER B 165 46.90 -14.57 23.11
N LYS B 166 45.80 -14.19 23.76
CA LYS B 166 45.22 -15.02 24.81
C LYS B 166 44.63 -16.32 24.26
N ILE B 167 43.98 -16.24 23.11
CA ILE B 167 43.33 -17.40 22.50
C ILE B 167 44.31 -18.55 22.31
N ILE B 168 45.47 -18.23 21.76
CA ILE B 168 46.48 -19.24 21.47
C ILE B 168 47.55 -19.33 22.57
N GLY B 169 47.30 -18.68 23.70
CA GLY B 169 48.15 -18.81 24.87
C GLY B 169 49.49 -18.12 24.79
N LEU B 170 49.53 -16.94 24.19
CA LEU B 170 50.74 -16.13 24.16
C LEU B 170 50.84 -15.25 25.41
N SER B 171 52.07 -14.87 25.76
CA SER B 171 52.30 -13.98 26.91
C SER B 171 51.38 -12.76 26.87
N VAL B 177 57.34 -6.27 25.87
CA VAL B 177 57.42 -5.82 24.50
C VAL B 177 58.48 -6.61 23.73
N ASP B 178 58.17 -6.94 22.47
CA ASP B 178 59.09 -7.67 21.62
C ASP B 178 59.29 -6.94 20.29
N ASP B 179 60.53 -6.86 19.83
CA ASP B 179 60.84 -6.12 18.61
C ASP B 179 61.69 -6.95 17.64
N SER B 180 61.42 -8.26 17.61
CA SER B 180 62.18 -9.17 16.76
C SER B 180 61.69 -9.19 15.31
N ASN B 181 60.43 -8.81 15.12
CA ASN B 181 59.84 -8.77 13.78
C ASN B 181 59.96 -10.10 13.03
N VAL B 182 59.87 -11.21 13.76
CA VAL B 182 59.92 -12.53 13.15
C VAL B 182 58.74 -12.73 12.22
N ASP B 183 58.88 -13.62 11.24
CA ASP B 183 57.82 -13.86 10.28
C ASP B 183 57.13 -15.19 10.54
N PHE B 184 57.34 -15.74 11.72
CA PHE B 184 56.74 -17.02 12.08
C PHE B 184 56.36 -17.08 13.54
N LEU B 185 55.61 -18.11 13.91
CA LEU B 185 55.12 -18.24 15.28
C LEU B 185 54.75 -19.68 15.57
N THR B 186 55.10 -20.17 16.75
CA THR B 186 54.73 -21.53 17.13
C THR B 186 54.01 -21.61 18.47
N THR B 187 52.76 -22.06 18.42
CA THR B 187 51.96 -22.29 19.62
C THR B 187 51.34 -23.68 19.50
N PRO B 188 50.79 -24.20 20.61
CA PRO B 188 50.20 -25.54 20.59
C PRO B 188 49.22 -25.79 19.44
N LYS B 189 48.35 -24.83 19.15
CA LYS B 189 47.31 -25.07 18.14
C LYS B 189 47.38 -24.14 16.91
N TYR B 190 48.24 -23.12 16.95
CA TYR B 190 48.34 -22.17 15.84
C TYR B 190 49.78 -21.87 15.39
N LEU B 191 50.06 -22.12 14.11
CA LEU B 191 51.38 -21.86 13.54
C LEU B 191 51.32 -20.84 12.40
N ALA B 192 52.35 -20.02 12.30
CA ALA B 192 52.53 -19.13 11.16
C ALA B 192 53.82 -19.50 10.45
N ARG B 193 53.71 -19.84 9.18
CA ARG B 193 54.87 -20.28 8.40
C ARG B 193 54.98 -19.52 7.09
N PRO B 194 55.98 -18.65 6.99
CA PRO B 194 56.20 -17.86 5.77
C PRO B 194 56.43 -18.78 4.58
N CYS B 195 56.21 -18.28 3.37
CA CYS B 195 56.41 -19.06 2.17
C CYS B 195 56.01 -18.30 0.92
N ASP B 196 56.76 -18.50 -0.15
CA ASP B 196 56.41 -17.97 -1.45
C ASP B 196 55.66 -19.07 -2.21
N LEU B 197 54.38 -18.87 -2.43
CA LEU B 197 53.56 -19.91 -3.04
C LEU B 197 53.91 -20.15 -4.50
N ASN B 198 54.61 -19.18 -5.10
CA ASN B 198 55.11 -19.37 -6.45
C ASN B 198 56.34 -20.30 -6.48
N ASP B 199 56.88 -20.58 -5.30
CA ASP B 199 58.04 -21.46 -5.15
C ASP B 199 57.61 -22.86 -4.73
N SER B 200 57.37 -23.71 -5.73
CA SER B 200 56.89 -25.07 -5.49
C SER B 200 57.82 -25.85 -4.57
N LYS B 201 59.12 -25.68 -4.75
CA LYS B 201 60.11 -26.35 -3.90
C LYS B 201 59.96 -25.93 -2.44
N MET B 202 59.96 -24.63 -2.19
CA MET B 202 59.85 -24.11 -0.84
C MET B 202 58.54 -24.56 -0.15
N PHE B 203 57.48 -24.69 -0.94
CA PHE B 203 56.21 -25.15 -0.38
C PHE B 203 56.24 -26.64 -0.03
N SER B 204 56.67 -27.45 -0.99
CA SER B 204 56.80 -28.89 -0.77
C SER B 204 57.69 -29.20 0.44
N THR B 205 58.75 -28.41 0.61
CA THR B 205 59.60 -28.50 1.79
C THR B 205 58.83 -28.14 3.06
N LEU B 206 58.00 -27.10 2.95
CA LEU B 206 57.22 -26.63 4.10
C LEU B 206 56.26 -27.70 4.59
N LEU B 207 55.55 -28.34 3.66
CA LEU B 207 54.63 -29.40 4.02
C LEU B 207 55.33 -30.45 4.90
N ASN B 208 56.52 -30.86 4.49
CA ASN B 208 57.25 -31.90 5.22
C ASN B 208 57.78 -31.39 6.54
N GLU B 209 58.37 -30.21 6.53
CA GLU B 209 58.82 -29.58 7.77
C GLU B 209 57.72 -29.58 8.82
N CYS B 210 56.48 -29.31 8.39
CA CYS B 210 55.33 -29.24 9.28
C CYS B 210 54.76 -30.62 9.59
N GLN B 211 55.32 -31.65 8.98
CA GLN B 211 54.91 -33.04 9.24
C GLN B 211 53.48 -33.32 8.77
N LEU B 212 53.11 -32.73 7.65
CA LEU B 212 51.77 -32.89 7.10
C LEU B 212 51.59 -34.24 6.44
N TYR B 213 52.70 -34.96 6.22
CA TYR B 213 52.67 -36.28 5.61
C TYR B 213 51.98 -37.30 6.51
N ASP B 214 51.99 -37.02 7.82
CA ASP B 214 51.38 -37.91 8.82
C ASP B 214 49.96 -38.27 8.44
N PRO B 215 49.72 -39.57 8.19
CA PRO B 215 48.39 -40.07 7.83
C PRO B 215 47.38 -39.88 8.96
N ASN B 216 47.81 -40.07 10.20
CA ASN B 216 46.92 -40.02 11.36
C ASN B 216 46.34 -38.64 11.67
N VAL B 217 46.84 -37.64 10.96
CA VAL B 217 46.34 -36.27 11.09
C VAL B 217 45.60 -35.91 9.81
N VAL B 218 44.42 -35.31 9.95
CA VAL B 218 43.63 -34.93 8.80
C VAL B 218 43.91 -33.50 8.37
N LYS B 219 44.27 -33.31 7.12
CA LYS B 219 44.59 -32.00 6.59
C LYS B 219 43.39 -31.41 5.87
N VAL B 220 43.23 -30.09 6.01
CA VAL B 220 42.26 -29.36 5.21
C VAL B 220 42.95 -28.14 4.64
N PHE B 221 43.20 -28.15 3.34
CA PHE B 221 43.86 -27.04 2.67
C PHE B 221 42.82 -26.08 2.11
N VAL B 222 42.85 -24.84 2.57
CA VAL B 222 41.90 -23.82 2.15
C VAL B 222 42.60 -22.74 1.33
N ALA B 223 42.14 -22.54 0.10
CA ALA B 223 42.70 -21.51 -0.78
C ALA B 223 41.63 -20.49 -1.16
N GLU B 224 41.41 -19.51 -0.29
CA GLU B 224 40.32 -18.54 -0.48
C GLU B 224 40.78 -17.35 -1.32
N VAL B 225 40.37 -17.36 -2.58
CA VAL B 225 40.69 -16.30 -3.53
C VAL B 225 42.10 -15.76 -3.36
N SER B 226 43.09 -16.64 -3.47
CA SER B 226 44.48 -16.23 -3.37
C SER B 226 45.33 -16.98 -4.39
N LEU B 227 45.04 -18.27 -4.55
CA LEU B 227 45.62 -19.06 -5.64
C LEU B 227 44.97 -18.66 -6.96
N ALA B 228 44.04 -17.71 -6.90
CA ALA B 228 43.38 -17.22 -8.11
C ALA B 228 44.23 -16.17 -8.80
N TYR B 229 45.16 -15.59 -8.05
CA TYR B 229 46.03 -14.55 -8.55
C TYR B 229 47.27 -15.16 -9.20
N MET B 230 47.60 -16.38 -8.79
CA MET B 230 48.75 -17.09 -9.31
C MET B 230 48.47 -17.65 -10.69
N LYS B 231 49.49 -17.67 -11.55
CA LYS B 231 49.39 -18.33 -12.84
C LYS B 231 49.01 -19.79 -12.61
N PRO B 232 48.30 -20.39 -13.58
CA PRO B 232 47.77 -21.76 -13.42
C PRO B 232 48.80 -22.77 -12.95
N GLU B 233 49.97 -22.79 -13.58
CA GLU B 233 50.99 -23.79 -13.26
C GLU B 233 51.49 -23.70 -11.83
N ARG B 234 51.65 -22.48 -11.31
CA ARG B 234 52.10 -22.30 -9.93
C ARG B 234 51.04 -22.77 -8.93
N SER B 235 49.78 -22.53 -9.23
CA SER B 235 48.70 -22.92 -8.33
C SER B 235 48.38 -24.42 -8.46
N ASP B 236 48.40 -24.92 -9.69
CA ASP B 236 48.29 -26.36 -9.91
C ASP B 236 49.38 -27.06 -9.11
N SER B 237 50.57 -26.46 -9.10
CA SER B 237 51.71 -27.07 -8.41
C SER B 237 51.47 -27.13 -6.91
N ILE B 238 50.81 -26.13 -6.35
CA ILE B 238 50.48 -26.14 -4.94
C ILE B 238 49.43 -27.20 -4.66
N ILE B 239 48.39 -27.24 -5.49
CA ILE B 239 47.33 -28.23 -5.35
C ILE B 239 47.93 -29.64 -5.32
N GLU B 240 48.82 -29.89 -6.27
CA GLU B 240 49.43 -31.22 -6.41
C GLU B 240 50.29 -31.57 -5.20
N ALA B 241 51.14 -30.64 -4.80
CA ALA B 241 51.96 -30.84 -3.62
C ALA B 241 51.15 -31.37 -2.44
N THR B 242 49.93 -30.89 -2.29
CA THR B 242 49.10 -31.28 -1.15
C THR B 242 48.48 -32.66 -1.37
N SER B 243 48.20 -33.01 -2.62
CA SER B 243 47.61 -34.30 -2.95
C SER B 243 48.44 -35.47 -2.42
N LYS B 244 49.76 -35.33 -2.46
CA LYS B 244 50.66 -36.40 -2.03
C LYS B 244 50.77 -36.46 -0.51
N MET B 245 49.79 -35.89 0.17
CA MET B 245 49.79 -35.87 1.62
C MET B 245 48.53 -36.55 2.13
N GLU B 246 48.65 -37.84 2.41
CA GLU B 246 47.47 -38.69 2.65
C GLU B 246 46.41 -38.14 3.62
N ASN B 247 45.14 -38.36 3.28
CA ASN B 247 44.01 -37.92 4.08
C ASN B 247 43.88 -36.40 4.10
N SER B 248 43.72 -35.82 2.92
CA SER B 248 43.64 -34.38 2.80
C SER B 248 42.39 -33.90 2.08
N HIS B 249 41.85 -32.77 2.54
CA HIS B 249 40.80 -32.10 1.82
C HIS B 249 41.40 -30.84 1.24
N PHE B 250 40.96 -30.49 0.04
CA PHE B 250 41.31 -29.20 -0.52
C PHE B 250 40.05 -28.38 -0.79
N ILE B 251 39.91 -27.27 -0.07
CA ILE B 251 38.75 -26.39 -0.23
C ILE B 251 39.18 -25.13 -0.96
N ILE B 252 38.84 -25.04 -2.23
CA ILE B 252 39.21 -23.88 -3.01
C ILE B 252 37.98 -23.00 -3.32
N LEU B 253 38.15 -21.70 -3.15
CA LEU B 253 37.08 -20.74 -3.41
C LEU B 253 37.67 -19.61 -4.22
N GLU B 254 37.29 -19.52 -5.48
CA GLU B 254 37.87 -18.52 -6.37
C GLU B 254 36.94 -18.20 -7.53
N GLN B 255 37.36 -17.25 -8.35
CA GLN B 255 36.50 -16.73 -9.41
C GLN B 255 36.38 -17.69 -10.59
N LEU B 256 35.29 -17.55 -11.34
CA LEU B 256 35.07 -18.29 -12.58
C LEU B 256 34.78 -17.29 -13.69
N ILE B 257 34.93 -17.71 -14.94
CA ILE B 257 34.40 -16.96 -16.08
C ILE B 257 33.69 -17.92 -17.06
N PRO B 258 32.58 -18.50 -16.63
CA PRO B 258 31.91 -19.63 -17.29
C PRO B 258 31.60 -19.42 -18.77
N LYS B 259 31.52 -18.18 -19.22
CA LYS B 259 31.18 -17.91 -20.61
C LYS B 259 32.23 -17.11 -21.35
N GLY B 260 33.43 -17.07 -20.78
CA GLY B 260 34.54 -16.38 -21.41
C GLY B 260 34.90 -15.07 -20.74
N PRO B 261 36.03 -14.49 -21.16
CA PRO B 261 36.56 -13.24 -20.60
C PRO B 261 35.82 -12.01 -21.09
N PHE B 262 34.78 -12.22 -21.91
CA PHE B 262 34.07 -11.09 -22.50
C PHE B 262 32.60 -11.01 -22.08
N GLU B 263 32.17 -11.96 -21.26
CA GLU B 263 30.81 -11.93 -20.73
C GLU B 263 30.58 -10.63 -19.95
N PRO B 264 29.43 -9.98 -20.16
CA PRO B 264 29.07 -8.69 -19.58
C PRO B 264 29.66 -8.43 -18.19
N PHE B 265 29.37 -9.32 -17.25
CA PHE B 265 29.91 -9.21 -15.89
C PHE B 265 31.41 -9.53 -15.87
N SER B 266 31.79 -10.70 -16.39
CA SER B 266 33.19 -11.12 -16.45
C SER B 266 34.10 -10.03 -17.01
N LYS B 267 33.76 -9.52 -18.19
CA LYS B 267 34.53 -8.47 -18.82
C LYS B 267 34.91 -7.41 -17.79
N GLN B 268 33.95 -7.00 -16.98
CA GLN B 268 34.18 -6.01 -15.93
C GLN B 268 35.00 -6.54 -14.74
N MET B 269 34.67 -7.73 -14.27
CA MET B 269 35.40 -8.32 -13.13
C MET B 269 36.90 -8.43 -13.42
N LEU B 270 37.25 -8.89 -14.62
CA LEU B 270 38.64 -9.01 -15.00
C LEU B 270 39.34 -7.66 -15.08
N ALA B 271 38.61 -6.64 -15.52
CA ALA B 271 39.18 -5.30 -15.63
C ALA B 271 39.58 -4.77 -14.26
N HIS B 272 38.66 -4.89 -13.31
CA HIS B 272 38.91 -4.49 -11.92
C HIS B 272 40.27 -4.97 -11.43
N PHE B 273 40.48 -6.28 -11.48
CA PHE B 273 41.71 -6.86 -10.95
C PHE B 273 42.96 -6.45 -11.71
N LYS B 274 42.86 -6.28 -13.02
CA LYS B 274 43.97 -5.72 -13.79
C LYS B 274 44.27 -4.31 -13.30
N ARG B 275 43.23 -3.52 -13.09
CA ARG B 275 43.41 -2.14 -12.66
C ARG B 275 44.10 -2.04 -11.29
N ASN B 276 43.85 -3.01 -10.43
CA ASN B 276 44.49 -3.05 -9.11
C ASN B 276 45.86 -3.69 -9.16
N ASP B 277 46.33 -3.99 -10.37
CA ASP B 277 47.63 -4.60 -10.59
C ASP B 277 47.75 -5.93 -9.83
N SER B 278 46.76 -6.80 -10.03
CA SER B 278 46.78 -8.13 -9.44
C SER B 278 45.68 -8.97 -10.10
N PRO B 279 45.86 -9.25 -11.40
CA PRO B 279 44.85 -9.88 -12.27
C PRO B 279 44.56 -11.31 -11.88
N LEU B 280 43.33 -11.75 -12.14
CA LEU B 280 42.97 -13.15 -11.99
C LEU B 280 43.60 -13.90 -13.15
N GLN B 281 44.46 -14.87 -12.84
CA GLN B 281 45.20 -15.60 -13.87
C GLN B 281 44.77 -17.06 -14.03
N SER B 282 44.66 -17.80 -12.94
CA SER B 282 44.20 -19.19 -13.01
C SER B 282 42.85 -19.31 -13.72
N VAL B 283 41.95 -18.37 -13.43
CA VAL B 283 40.60 -18.40 -13.98
C VAL B 283 40.62 -18.45 -15.51
N LEU B 284 41.67 -17.90 -16.12
CA LEU B 284 41.77 -17.88 -17.57
C LEU B 284 41.93 -19.30 -18.10
N LYS B 285 42.61 -20.13 -17.32
CA LYS B 285 42.80 -21.54 -17.66
C LYS B 285 41.59 -22.37 -17.22
N TYR B 286 40.99 -21.97 -16.09
CA TYR B 286 39.85 -22.70 -15.54
C TYR B 286 38.59 -21.84 -15.44
N ASN B 287 37.83 -21.83 -16.54
CA ASN B 287 36.61 -21.04 -16.62
C ASN B 287 35.49 -21.59 -15.78
N THR B 288 35.22 -22.87 -15.93
CA THR B 288 33.94 -23.44 -15.50
C THR B 288 34.00 -24.30 -14.24
N ILE B 289 32.80 -24.66 -13.77
CA ILE B 289 32.65 -25.53 -12.62
C ILE B 289 33.28 -26.88 -12.89
N GLU B 290 33.02 -27.41 -14.08
CA GLU B 290 33.53 -28.72 -14.48
C GLU B 290 35.03 -28.64 -14.78
N SER B 291 35.50 -27.47 -15.19
CA SER B 291 36.92 -27.31 -15.49
C SER B 291 37.74 -27.47 -14.21
N GLN B 292 37.17 -27.04 -13.08
CA GLN B 292 37.80 -27.25 -11.79
C GLN B 292 37.82 -28.75 -11.45
N VAL B 293 36.72 -29.42 -11.77
CA VAL B 293 36.59 -30.86 -11.54
C VAL B 293 37.67 -31.66 -12.25
N GLN B 294 37.87 -31.39 -13.54
CA GLN B 294 38.96 -32.02 -14.28
C GLN B 294 40.27 -31.67 -13.62
N ARG B 295 40.45 -30.37 -13.36
CA ARG B 295 41.65 -29.87 -12.71
C ARG B 295 42.04 -30.71 -11.49
N PHE B 296 41.16 -30.79 -10.50
CA PHE B 296 41.49 -31.51 -9.27
C PHE B 296 41.71 -33.01 -9.46
N ASN B 297 40.97 -33.62 -10.37
CA ASN B 297 41.21 -35.02 -10.69
C ASN B 297 42.63 -35.24 -11.18
N LYS B 298 43.02 -34.45 -12.18
CA LYS B 298 44.34 -34.54 -12.79
C LYS B 298 45.47 -34.25 -11.79
N LEU B 299 45.14 -33.61 -10.68
CA LEU B 299 46.16 -33.19 -9.73
C LEU B 299 46.19 -34.03 -8.46
N GLY B 300 45.47 -35.14 -8.47
CA GLY B 300 45.54 -36.10 -7.38
C GLY B 300 44.33 -36.18 -6.47
N PHE B 301 43.32 -35.37 -6.76
CA PHE B 301 42.08 -35.39 -6.00
C PHE B 301 40.94 -35.94 -6.86
N ALA B 302 40.63 -37.21 -6.66
CA ALA B 302 39.65 -37.88 -7.50
C ALA B 302 38.22 -37.63 -7.01
N TYR B 303 38.08 -37.46 -5.70
CA TYR B 303 36.77 -37.25 -5.09
C TYR B 303 36.49 -35.77 -4.96
N VAL B 304 35.70 -35.25 -5.89
CA VAL B 304 35.39 -33.82 -5.92
C VAL B 304 33.91 -33.53 -5.73
N ASN B 305 33.63 -32.42 -5.05
CA ASN B 305 32.28 -31.89 -4.91
C ASN B 305 32.31 -30.39 -5.15
N VAL B 306 31.83 -29.96 -6.32
CA VAL B 306 32.00 -28.57 -6.73
C VAL B 306 30.66 -27.90 -7.10
N GLY B 307 30.57 -26.59 -6.87
CA GLY B 307 29.37 -25.83 -7.18
C GLY B 307 29.57 -24.34 -6.98
N ASP B 308 28.76 -23.52 -7.64
CA ASP B 308 28.93 -22.07 -7.50
C ASP B 308 28.06 -21.46 -6.39
N MET B 309 28.33 -20.21 -6.07
CA MET B 309 27.74 -19.56 -4.90
C MET B 309 26.22 -19.61 -4.85
N PHE B 310 25.56 -19.58 -6.00
CA PHE B 310 24.11 -19.64 -5.98
C PHE B 310 23.60 -21.02 -5.60
N GLN B 311 24.34 -22.05 -5.98
CA GLN B 311 23.98 -23.40 -5.59
C GLN B 311 24.20 -23.55 -4.11
N LEU B 312 25.24 -22.90 -3.62
CA LEU B 312 25.50 -22.84 -2.18
C LEU B 312 24.32 -22.14 -1.49
N TRP B 313 23.77 -21.14 -2.16
CA TRP B 313 22.64 -20.38 -1.62
C TRP B 313 21.42 -21.29 -1.54
N GLU B 314 21.08 -21.92 -2.66
CA GLU B 314 19.95 -22.84 -2.72
C GLU B 314 20.06 -23.93 -1.68
N SER B 315 21.29 -24.27 -1.30
CA SER B 315 21.54 -25.36 -0.37
C SER B 315 21.28 -24.97 1.08
N ALA B 316 20.99 -23.70 1.31
CA ALA B 316 20.66 -23.23 2.66
C ALA B 316 19.25 -23.73 3.01
N ASP B 317 18.98 -23.83 4.31
CA ASP B 317 17.65 -24.27 4.77
C ASP B 317 16.66 -23.09 4.76
N GLU B 318 15.38 -23.41 4.57
CA GLU B 318 14.35 -22.40 4.50
C GLU B 318 14.40 -21.40 5.66
N ALA B 319 14.85 -21.88 6.82
CA ALA B 319 14.97 -21.00 7.98
C ALA B 319 16.05 -19.96 7.73
N THR B 320 17.17 -20.42 7.20
CA THR B 320 18.31 -19.56 6.90
C THR B 320 17.96 -18.45 5.93
N LYS B 321 17.37 -18.80 4.79
CA LYS B 321 17.08 -17.80 3.77
C LYS B 321 16.06 -16.76 4.24
N LYS B 322 15.00 -17.21 4.90
CA LYS B 322 14.03 -16.30 5.48
C LYS B 322 14.74 -15.30 6.39
N GLU B 323 15.80 -15.76 7.04
CA GLU B 323 16.53 -14.91 7.98
C GLU B 323 17.39 -13.87 7.26
N LEU B 324 18.08 -14.31 6.21
CA LEU B 324 18.95 -13.43 5.42
C LEU B 324 18.12 -12.41 4.64
N LEU B 325 16.94 -12.82 4.21
CA LEU B 325 16.04 -11.89 3.53
C LEU B 325 15.66 -10.74 4.46
N LYS B 326 15.50 -11.04 5.75
CA LYS B 326 15.11 -10.03 6.74
C LYS B 326 16.27 -9.15 7.22
N VAL B 327 17.49 -9.64 7.08
CA VAL B 327 18.66 -8.92 7.60
C VAL B 327 18.71 -7.46 7.16
N GLU B 328 18.51 -7.20 5.88
CA GLU B 328 18.49 -5.83 5.37
C GLU B 328 17.65 -5.73 4.10
N PRO B 329 17.19 -4.51 3.76
CA PRO B 329 16.45 -4.37 2.51
C PRO B 329 17.35 -4.75 1.34
N PHE B 330 16.85 -5.61 0.46
CA PHE B 330 17.62 -6.10 -0.67
C PHE B 330 16.77 -6.16 -1.93
N ASP B 331 17.31 -5.67 -3.04
CA ASP B 331 16.63 -5.78 -4.32
C ASP B 331 17.59 -5.65 -5.50
N GLU B 332 18.59 -6.54 -5.55
CA GLU B 332 19.57 -6.54 -6.63
C GLU B 332 19.83 -7.98 -7.08
N LEU B 333 18.78 -8.69 -7.47
CA LEU B 333 18.93 -10.08 -7.82
C LEU B 333 19.75 -10.24 -9.09
N GLU B 334 19.49 -9.42 -10.11
CA GLU B 334 20.28 -9.51 -11.34
C GLU B 334 21.76 -9.57 -11.01
N GLU B 335 22.20 -8.68 -10.13
CA GLU B 335 23.60 -8.66 -9.75
C GLU B 335 23.96 -9.93 -8.98
N PHE B 336 23.28 -10.18 -7.88
CA PHE B 336 23.54 -11.37 -7.08
C PHE B 336 23.65 -12.63 -7.94
N HIS B 337 22.84 -12.72 -9.00
CA HIS B 337 22.90 -13.87 -9.89
C HIS B 337 24.25 -13.92 -10.61
N LEU B 338 24.63 -12.81 -11.22
CA LEU B 338 25.90 -12.71 -11.92
C LEU B 338 27.05 -13.03 -10.98
N PHE B 339 27.18 -12.25 -9.92
CA PHE B 339 28.19 -12.51 -8.91
C PHE B 339 28.30 -14.00 -8.57
N CYS B 340 27.18 -14.60 -8.19
CA CYS B 340 27.20 -15.99 -7.72
C CYS B 340 27.73 -17.00 -8.73
N HIS B 341 27.50 -16.75 -10.01
CA HIS B 341 27.95 -17.65 -11.05
C HIS B 341 29.42 -17.45 -11.37
N HIS B 342 30.05 -16.49 -10.68
CA HIS B 342 31.42 -16.14 -10.97
C HIS B 342 32.37 -16.51 -9.83
N TYR B 343 31.82 -17.08 -8.76
CA TYR B 343 32.64 -17.60 -7.68
C TYR B 343 32.30 -19.06 -7.42
N VAL B 344 33.31 -19.92 -7.45
CA VAL B 344 33.08 -21.34 -7.24
C VAL B 344 33.56 -21.79 -5.86
N LEU B 345 32.87 -22.77 -5.29
CA LEU B 345 33.29 -23.41 -4.06
C LEU B 345 33.58 -24.86 -4.40
N CYS B 346 34.87 -25.21 -4.42
CA CYS B 346 35.28 -26.54 -4.85
C CYS B 346 35.94 -27.34 -3.71
N HIS B 347 35.25 -28.40 -3.30
CA HIS B 347 35.72 -29.27 -2.22
C HIS B 347 36.23 -30.58 -2.79
N ALA B 348 37.55 -30.78 -2.78
CA ALA B 348 38.12 -32.03 -3.27
C ALA B 348 38.79 -32.80 -2.14
N THR B 349 38.97 -34.10 -2.36
CA THR B 349 39.65 -34.95 -1.38
C THR B 349 40.45 -36.08 -2.05
N ASN B 350 41.37 -36.66 -1.29
CA ASN B 350 42.18 -37.76 -1.79
C ASN B 350 41.97 -39.06 -1.01
N TYR B 351 40.74 -39.27 -0.53
CA TYR B 351 40.42 -40.52 0.16
C TYR B 351 38.93 -40.92 0.23
N LYS B 352 38.64 -42.06 -0.36
CA LYS B 352 37.29 -42.62 -0.48
C LYS B 352 36.42 -42.56 0.77
N GLU B 353 37.03 -42.70 1.94
CA GLU B 353 36.26 -42.83 3.17
C GLU B 353 35.38 -41.61 3.48
N PHE B 354 35.83 -40.43 3.04
CA PHE B 354 35.03 -39.23 3.24
C PHE B 354 33.80 -39.23 2.35
N ALA B 355 32.67 -38.84 2.91
CA ALA B 355 31.40 -38.83 2.20
C ALA B 355 30.89 -37.41 2.03
N PHE B 356 30.45 -37.09 0.81
CA PHE B 356 29.73 -35.85 0.57
C PHE B 356 28.25 -36.13 0.86
N THR B 357 27.88 -36.04 2.13
CA THR B 357 26.50 -36.28 2.55
C THR B 357 25.57 -35.32 1.81
N GLN B 358 24.26 -35.54 1.93
CA GLN B 358 23.29 -34.77 1.15
C GLN B 358 23.25 -33.27 1.51
N GLY B 359 23.46 -32.97 2.78
CA GLY B 359 23.48 -31.58 3.22
C GLY B 359 24.57 -30.76 2.55
N PHE B 360 25.60 -31.44 2.06
CA PHE B 360 26.75 -30.75 1.49
C PHE B 360 26.97 -31.07 0.00
N LEU B 361 26.27 -32.07 -0.49
CA LEU B 361 26.41 -32.48 -1.89
C LEU B 361 25.85 -31.40 -2.82
N PHE B 362 26.52 -31.18 -3.94
CA PHE B 362 26.01 -30.31 -4.98
C PHE B 362 25.44 -31.14 -6.12
N ASP B 363 24.49 -30.57 -6.86
CA ASP B 363 23.89 -31.27 -7.99
C ASP B 363 24.53 -30.84 -9.31
N ARG B 364 25.38 -31.70 -9.86
CA ARG B 364 26.06 -31.41 -11.13
C ARG B 364 25.17 -30.68 -12.11
N SER B 365 25.79 -29.86 -12.96
CA SER B 365 25.06 -29.00 -13.88
C SER B 365 24.50 -29.74 -15.10
N ILE B 366 23.26 -29.42 -15.44
CA ILE B 366 22.58 -30.02 -16.59
C ILE B 366 23.01 -29.35 -17.89
N SER B 367 23.45 -30.14 -18.85
CA SER B 367 23.94 -29.63 -20.14
C SER B 367 22.97 -28.61 -20.77
N GLU B 368 23.53 -27.65 -21.50
CA GLU B 368 22.74 -26.59 -22.11
C GLU B 368 22.41 -26.91 -23.57
N ILE B 369 21.14 -26.74 -23.94
CA ILE B 369 20.65 -27.11 -25.27
C ILE B 369 20.87 -26.02 -26.32
N ASN B 370 21.76 -26.28 -27.28
CA ASN B 370 22.06 -25.32 -28.35
C ASN B 370 20.92 -25.17 -29.36
N LEU B 371 20.56 -23.93 -29.66
CA LEU B 371 19.37 -23.62 -30.47
C LEU B 371 19.67 -23.15 -31.90
N THR B 372 18.67 -23.34 -32.77
CA THR B 372 18.77 -22.95 -34.17
C THR B 372 18.97 -21.45 -34.32
N VAL B 373 19.94 -21.06 -35.13
CA VAL B 373 20.08 -19.64 -35.49
C VAL B 373 18.82 -19.16 -36.22
N ASP B 374 18.43 -17.92 -35.99
CA ASP B 374 17.26 -17.37 -36.65
C ASP B 374 17.63 -16.78 -38.01
N GLU B 375 16.69 -16.87 -38.96
CA GLU B 375 16.94 -16.50 -40.34
C GLU B 375 16.39 -15.12 -40.68
N ASP B 376 15.47 -14.62 -39.85
CA ASP B 376 14.70 -13.42 -40.19
C ASP B 376 15.17 -12.14 -39.51
N TYR B 377 15.74 -12.25 -38.32
CA TYR B 377 16.12 -11.05 -37.55
C TYR B 377 17.56 -11.07 -37.05
N GLN B 378 18.09 -9.88 -36.78
CA GLN B 378 19.49 -9.73 -36.40
C GLN B 378 19.70 -8.55 -35.46
N LEU B 379 20.65 -8.68 -34.53
CA LEU B 379 21.03 -7.59 -33.65
C LEU B 379 21.96 -6.61 -34.34
N LEU B 380 21.84 -5.33 -33.98
CA LEU B 380 22.76 -4.31 -34.46
C LEU B 380 23.15 -3.41 -33.30
N GLU B 381 23.65 -2.22 -33.63
CA GLU B 381 23.98 -1.23 -32.61
C GLU B 381 23.15 0.01 -32.84
N CYS B 382 22.65 0.59 -31.77
CA CYS B 382 21.95 1.86 -31.84
C CYS B 382 22.11 2.60 -30.53
N GLU B 383 23.30 3.15 -30.34
CA GLU B 383 23.66 3.83 -29.10
C GLU B 383 22.47 4.57 -28.51
N CYS B 384 22.07 4.14 -27.32
CA CYS B 384 21.00 4.79 -26.58
C CYS B 384 21.49 5.13 -25.19
N PRO B 385 22.18 6.27 -25.08
CA PRO B 385 22.81 6.68 -23.83
C PRO B 385 21.80 7.38 -22.92
N ILE B 386 20.70 6.70 -22.62
CA ILE B 386 19.71 7.26 -21.71
C ILE B 386 20.25 7.24 -20.29
N ASN B 387 21.18 6.31 -20.03
CA ASN B 387 21.95 6.36 -18.80
C ASN B 387 21.09 6.14 -17.57
N ARG B 388 20.20 5.15 -17.63
CA ARG B 388 19.39 4.79 -16.47
C ARG B 388 18.80 3.39 -16.53
N LYS B 389 18.53 2.83 -15.37
CA LYS B 389 18.03 1.46 -15.28
C LYS B 389 16.77 1.38 -14.41
N PHE B 390 15.92 0.40 -14.70
CA PHE B 390 14.74 0.14 -13.89
C PHE B 390 13.78 1.32 -13.86
N GLY B 391 13.69 2.03 -14.99
CA GLY B 391 12.64 2.98 -15.22
C GLY B 391 11.60 2.29 -16.09
N ASP B 392 10.85 3.06 -16.86
CA ASP B 392 9.94 2.49 -17.84
C ASP B 392 9.67 3.47 -18.98
N VAL B 393 9.18 2.94 -20.08
CA VAL B 393 9.05 3.71 -21.31
C VAL B 393 7.80 3.24 -22.05
N ASP B 394 7.15 4.12 -22.79
CA ASP B 394 6.04 3.72 -23.63
C ASP B 394 5.75 4.69 -24.76
N VAL B 395 5.16 4.19 -25.84
CA VAL B 395 4.89 4.98 -27.03
C VAL B 395 3.53 5.67 -26.97
N ALA B 396 3.53 6.98 -27.22
CA ALA B 396 2.29 7.74 -27.23
C ALA B 396 2.07 8.37 -28.60
N GLY B 397 1.51 7.57 -29.50
CA GLY B 397 1.24 8.04 -30.85
C GLY B 397 2.47 7.93 -31.73
N ASN B 398 3.32 8.95 -31.67
CA ASN B 398 4.59 8.92 -32.39
C ASN B 398 5.76 9.15 -31.44
N ASP B 399 5.48 9.81 -30.32
CA ASP B 399 6.51 10.18 -29.35
C ASP B 399 6.79 9.05 -28.36
N VAL B 400 8.01 9.06 -27.81
CA VAL B 400 8.43 8.05 -26.85
C VAL B 400 8.86 8.73 -25.55
N PHE B 401 8.38 8.22 -24.42
CA PHE B 401 8.67 8.84 -23.12
C PHE B 401 9.21 7.84 -22.10
N TYR B 402 10.40 8.14 -21.58
CA TYR B 402 11.01 7.32 -20.54
C TYR B 402 10.80 8.04 -19.21
N MET B 403 10.56 7.30 -18.15
CA MET B 403 10.25 7.92 -16.88
C MET B 403 10.83 7.18 -15.67
N GLY B 404 11.48 7.92 -14.79
CA GLY B 404 11.98 7.38 -13.54
C GLY B 404 13.19 6.48 -13.71
N GLY B 405 13.53 5.77 -12.64
CA GLY B 405 14.69 4.88 -12.65
C GLY B 405 15.85 5.48 -11.87
N SER B 406 16.97 4.75 -11.84
CA SER B 406 18.18 5.21 -11.19
C SER B 406 19.28 5.47 -12.21
N ASN B 407 20.17 6.41 -11.91
CA ASN B 407 21.19 6.82 -12.87
C ASN B 407 22.60 7.09 -12.32
N PRO B 408 23.03 6.34 -11.28
CA PRO B 408 22.44 5.24 -10.52
C PRO B 408 21.55 5.69 -9.37
N TYR B 409 21.30 6.98 -9.27
CA TYR B 409 20.42 7.47 -8.22
C TYR B 409 18.99 7.61 -8.74
N ARG B 410 18.02 7.33 -7.87
CA ARG B 410 16.62 7.29 -8.31
C ARG B 410 16.11 8.66 -8.74
N VAL B 411 15.34 8.69 -9.82
CA VAL B 411 14.82 9.94 -10.36
C VAL B 411 13.32 9.89 -10.65
N ASN B 412 12.72 11.07 -10.83
CA ASN B 412 11.32 11.16 -11.23
C ASN B 412 11.17 11.88 -12.56
N GLU B 413 12.29 11.97 -13.29
CA GLU B 413 12.35 12.73 -14.54
C GLU B 413 11.74 12.01 -15.72
N ILE B 414 11.20 12.79 -16.66
CA ILE B 414 10.72 12.25 -17.91
C ILE B 414 11.66 12.67 -19.04
N LEU B 415 12.02 11.72 -19.89
CA LEU B 415 12.85 11.99 -21.05
C LEU B 415 12.06 11.68 -22.32
N GLN B 416 12.08 12.59 -23.29
CA GLN B 416 11.48 12.30 -24.59
C GLN B 416 12.53 11.74 -25.53
N LEU B 417 12.46 10.44 -25.78
CA LEU B 417 13.43 9.75 -26.63
C LEU B 417 13.07 9.89 -28.11
N SER B 418 13.95 10.55 -28.85
CA SER B 418 13.79 10.70 -30.30
C SER B 418 14.64 9.64 -31.01
N ILE B 419 13.96 8.66 -31.60
CA ILE B 419 14.63 7.54 -32.25
C ILE B 419 15.10 7.86 -33.67
N HIS B 420 16.35 7.54 -33.94
CA HIS B 420 16.90 7.62 -35.28
C HIS B 420 17.60 6.32 -35.62
N TYR B 421 18.05 6.18 -36.86
CA TYR B 421 18.66 4.94 -37.31
C TYR B 421 19.87 4.54 -36.47
N ASP B 422 20.76 5.50 -36.22
CA ASP B 422 22.04 5.22 -35.58
C ASP B 422 22.06 5.54 -34.09
N LYS B 423 21.20 6.46 -33.66
CA LYS B 423 21.30 7.01 -32.32
C LYS B 423 19.95 7.34 -31.71
N ILE B 424 19.98 7.75 -30.45
CA ILE B 424 18.80 8.28 -29.77
C ILE B 424 19.11 9.66 -29.18
N ASP B 425 18.29 10.65 -29.54
CA ASP B 425 18.40 11.99 -28.96
C ASP B 425 17.41 12.12 -27.80
N MET B 426 17.77 12.89 -26.79
CA MET B 426 16.95 12.98 -25.59
C MET B 426 16.85 14.40 -25.07
N LYS B 427 15.64 14.80 -24.72
CA LYS B 427 15.38 16.09 -24.10
C LYS B 427 14.58 15.87 -22.82
N ASN B 428 14.96 16.58 -21.76
CA ASN B 428 14.18 16.53 -20.53
C ASN B 428 12.83 17.21 -20.72
N ILE B 429 11.77 16.61 -20.18
CA ILE B 429 10.45 17.23 -20.21
C ILE B 429 10.17 17.95 -18.90
N GLU B 430 9.98 19.27 -18.98
CA GLU B 430 9.68 20.09 -17.81
C GLU B 430 8.22 19.91 -17.43
N VAL B 431 7.98 19.42 -16.22
CA VAL B 431 6.62 19.27 -15.73
C VAL B 431 6.05 20.62 -15.30
N SER B 432 4.79 20.87 -15.65
CA SER B 432 4.14 22.14 -15.38
C SER B 432 3.50 22.21 -13.98
N SER B 433 3.05 21.06 -13.48
CA SER B 433 2.41 21.02 -12.17
C SER B 433 3.44 21.19 -11.04
N SER B 434 2.93 21.41 -9.83
CA SER B 434 3.79 21.59 -8.67
C SER B 434 3.94 20.27 -7.92
N GLU B 435 2.84 19.52 -7.83
CA GLU B 435 2.86 18.16 -7.28
C GLU B 435 3.51 17.22 -8.28
N VAL B 436 4.50 16.45 -7.82
CA VAL B 436 5.11 15.42 -8.66
C VAL B 436 5.33 14.12 -7.88
N PRO B 437 5.31 12.99 -8.60
CA PRO B 437 5.65 11.67 -8.06
C PRO B 437 7.09 11.63 -7.57
N VAL B 438 7.30 11.08 -6.37
CA VAL B 438 8.64 10.96 -5.81
C VAL B 438 9.53 10.11 -6.73
N ALA B 439 10.82 10.41 -6.73
CA ALA B 439 11.80 9.62 -7.50
C ALA B 439 11.71 8.15 -7.08
N ARG B 440 11.60 7.27 -8.07
CA ARG B 440 11.34 5.87 -7.80
C ARG B 440 11.94 4.98 -8.88
N MET B 441 11.88 3.67 -8.65
CA MET B 441 12.33 2.69 -9.63
C MET B 441 11.48 1.43 -9.55
N CYS B 442 11.52 0.63 -10.61
CA CYS B 442 10.79 -0.63 -10.65
C CYS B 442 9.28 -0.39 -10.64
N HIS B 443 8.88 0.65 -11.37
CA HIS B 443 7.48 1.02 -11.54
C HIS B 443 7.14 0.66 -12.96
N THR B 444 5.95 1.04 -13.40
CA THR B 444 5.59 0.86 -14.80
C THR B 444 5.09 2.16 -15.39
N PHE B 445 5.29 2.34 -16.69
CA PHE B 445 4.86 3.56 -17.36
C PHE B 445 4.15 3.17 -18.65
N THR B 446 2.82 3.28 -18.63
CA THR B 446 2.00 2.74 -19.72
C THR B 446 1.11 3.81 -20.34
N THR B 447 0.93 3.74 -21.66
CA THR B 447 0.10 4.72 -22.35
C THR B 447 -1.38 4.39 -22.20
N ILE B 448 -2.17 5.39 -21.80
CA ILE B 448 -3.62 5.26 -21.69
C ILE B 448 -4.31 6.40 -22.42
N SER B 449 -5.64 6.45 -22.33
CA SER B 449 -6.43 7.55 -22.89
C SER B 449 -6.19 7.76 -24.39
N ARG B 450 -6.28 6.70 -25.18
CA ARG B 450 -6.01 6.79 -26.61
C ARG B 450 -4.71 7.53 -26.92
N ASN B 451 -3.65 7.19 -26.19
CA ASN B 451 -2.33 7.74 -26.46
C ASN B 451 -2.13 9.22 -26.13
N ASN B 452 -2.91 9.73 -25.18
CA ASN B 452 -2.77 11.13 -24.77
C ASN B 452 -2.19 11.29 -23.37
N GLN B 453 -2.05 10.18 -22.64
CA GLN B 453 -1.56 10.22 -21.27
C GLN B 453 -0.66 9.04 -20.94
N LEU B 454 -0.13 9.03 -19.71
CA LEU B 454 0.77 7.97 -19.27
C LEU B 454 0.49 7.58 -17.82
N LEU B 455 0.35 6.27 -17.61
CA LEU B 455 -0.01 5.72 -16.31
C LEU B 455 1.19 5.24 -15.50
N LEU B 456 1.42 5.87 -14.35
CA LEU B 456 2.48 5.45 -13.45
C LEU B 456 1.90 4.59 -12.34
N ILE B 457 2.44 3.39 -12.17
CA ILE B 457 1.97 2.50 -11.13
C ILE B 457 3.11 2.02 -10.22
N GLY B 458 2.96 2.23 -8.93
CA GLY B 458 3.87 1.67 -7.94
C GLY B 458 5.32 2.12 -8.03
N GLY B 459 6.22 1.15 -7.93
CA GLY B 459 7.64 1.43 -7.88
C GLY B 459 8.10 1.47 -6.44
N ARG B 460 9.35 1.88 -6.23
CA ARG B 460 9.91 1.93 -4.90
C ARG B 460 11.01 2.97 -4.81
N LYS B 461 11.38 3.31 -3.58
CA LYS B 461 12.58 4.09 -3.33
C LYS B 461 13.67 3.10 -2.94
N ALA B 462 13.95 2.98 -1.65
CA ALA B 462 14.80 1.89 -1.18
C ALA B 462 13.94 0.63 -1.15
N PRO B 463 14.57 -0.55 -1.08
CA PRO B 463 13.83 -1.82 -1.19
C PRO B 463 12.81 -2.03 -0.05
N HIS B 464 12.95 -1.29 1.05
CA HIS B 464 11.98 -1.40 2.14
C HIS B 464 10.91 -0.33 2.03
N GLN B 465 11.00 0.48 0.97
CA GLN B 465 10.06 1.56 0.75
C GLN B 465 9.27 1.36 -0.54
N GLY B 466 8.51 0.28 -0.61
CA GLY B 466 7.60 0.07 -1.73
C GLY B 466 6.57 1.20 -1.81
N LEU B 467 6.14 1.50 -3.03
CA LEU B 467 5.20 2.60 -3.24
C LEU B 467 3.76 2.14 -3.54
N SER B 468 2.79 2.95 -3.15
CA SER B 468 1.39 2.65 -3.43
C SER B 468 0.75 3.77 -4.24
N ASP B 469 1.39 4.93 -4.25
CA ASP B 469 0.84 6.10 -4.93
C ASP B 469 1.02 6.05 -6.45
N ASN B 470 -0.11 5.99 -7.16
CA ASN B 470 -0.10 5.97 -8.61
C ASN B 470 -0.39 7.34 -9.19
N TRP B 471 0.10 7.60 -10.40
CA TRP B 471 -0.02 8.92 -11.03
C TRP B 471 -0.32 8.82 -12.51
N ILE B 472 -0.88 9.88 -13.08
CA ILE B 472 -1.05 9.99 -14.52
C ILE B 472 -0.38 11.26 -15.01
N PHE B 473 0.28 11.16 -16.15
CA PHE B 473 0.96 12.31 -16.73
C PHE B 473 0.28 12.72 -18.03
N ASP B 474 -0.18 13.97 -18.08
CA ASP B 474 -0.84 14.46 -19.28
C ASP B 474 0.16 15.08 -20.22
N MET B 475 0.26 14.55 -21.43
CA MET B 475 1.25 15.00 -22.40
C MET B 475 1.04 16.46 -22.80
N LYS B 476 -0.20 16.84 -23.04
CA LYS B 476 -0.50 18.19 -23.52
C LYS B 476 -0.19 19.26 -22.46
N THR B 477 -0.76 19.10 -21.27
CA THR B 477 -0.57 20.04 -20.18
C THR B 477 0.75 19.84 -19.46
N ARG B 478 1.42 18.73 -19.74
CA ARG B 478 2.65 18.36 -19.05
C ARG B 478 2.46 18.41 -17.54
N GLU B 479 1.38 17.79 -17.07
CA GLU B 479 1.03 17.84 -15.65
C GLU B 479 0.84 16.46 -15.04
N TRP B 480 1.41 16.28 -13.85
CA TRP B 480 1.23 15.06 -13.08
C TRP B 480 0.01 15.21 -12.18
N SER B 481 -0.78 14.14 -12.09
CA SER B 481 -1.94 14.14 -11.20
C SER B 481 -1.99 12.80 -10.50
N MET B 482 -2.02 12.81 -9.17
CA MET B 482 -2.06 11.55 -8.45
C MET B 482 -3.48 10.97 -8.49
N ILE B 483 -3.63 9.78 -9.07
CA ILE B 483 -4.94 9.13 -9.16
C ILE B 483 -5.21 8.26 -7.93
N LYS B 484 -6.02 7.22 -8.10
CA LYS B 484 -6.31 6.29 -7.01
C LYS B 484 -5.10 5.44 -6.68
N SER B 485 -4.88 5.20 -5.40
CA SER B 485 -3.71 4.44 -4.98
C SER B 485 -4.01 2.95 -4.74
N LEU B 486 -2.97 2.13 -4.85
CA LEU B 486 -3.11 0.69 -4.62
C LEU B 486 -3.31 0.44 -3.13
N SER B 487 -4.00 -0.65 -2.80
CA SER B 487 -4.23 -0.99 -1.41
C SER B 487 -2.98 -1.63 -0.83
N HIS B 488 -2.17 -2.19 -1.73
CA HIS B 488 -0.93 -2.84 -1.37
C HIS B 488 0.19 -2.17 -2.14
N THR B 489 1.31 -1.93 -1.46
CA THR B 489 2.49 -1.42 -2.16
C THR B 489 2.96 -2.51 -3.09
N ARG B 490 3.46 -2.11 -4.26
CA ARG B 490 3.85 -3.06 -5.28
C ARG B 490 4.94 -2.48 -6.19
N PHE B 491 6.05 -3.21 -6.33
CA PHE B 491 7.11 -2.83 -7.26
C PHE B 491 7.76 -4.04 -7.95
N ARG B 492 8.35 -3.78 -9.11
CA ARG B 492 8.95 -4.82 -9.94
C ARG B 492 7.87 -5.66 -10.61
N HIS B 493 6.65 -5.17 -10.55
CA HIS B 493 5.53 -5.75 -11.30
C HIS B 493 5.78 -5.52 -12.78
N SER B 494 4.98 -6.16 -13.62
CA SER B 494 5.04 -5.92 -15.06
C SER B 494 3.66 -5.48 -15.53
N ALA B 495 3.62 -4.66 -16.58
CA ALA B 495 2.35 -4.12 -17.05
C ALA B 495 2.31 -4.04 -18.57
N CYS B 496 1.09 -3.99 -19.11
CA CYS B 496 0.89 -3.90 -20.55
C CYS B 496 -0.50 -3.39 -20.85
N SER B 497 -0.61 -2.54 -21.87
CA SER B 497 -1.90 -1.94 -22.21
C SER B 497 -2.74 -2.90 -23.04
N LEU B 498 -4.04 -2.90 -22.78
CA LEU B 498 -4.97 -3.76 -23.51
C LEU B 498 -5.68 -2.96 -24.59
N PRO B 499 -6.41 -3.64 -25.49
CA PRO B 499 -7.09 -2.93 -26.58
C PRO B 499 -8.26 -2.06 -26.13
N ASP B 500 -8.94 -2.45 -25.05
CA ASP B 500 -10.04 -1.63 -24.54
C ASP B 500 -9.50 -0.35 -23.89
N GLY B 501 -8.18 -0.23 -23.83
CA GLY B 501 -7.55 0.96 -23.30
C GLY B 501 -7.18 0.83 -21.83
N ASN B 502 -7.51 -0.32 -21.25
CA ASN B 502 -7.19 -0.58 -19.86
C ASN B 502 -5.78 -1.12 -19.68
N VAL B 503 -5.35 -1.25 -18.44
CA VAL B 503 -3.98 -1.69 -18.15
C VAL B 503 -3.97 -2.96 -17.33
N LEU B 504 -3.10 -3.89 -17.70
CA LEU B 504 -2.95 -5.13 -16.97
C LEU B 504 -1.71 -5.03 -16.10
N ILE B 505 -1.81 -5.48 -14.86
CA ILE B 505 -0.70 -5.41 -13.91
C ILE B 505 -0.43 -6.78 -13.31
N LEU B 506 0.84 -7.19 -13.31
CA LEU B 506 1.20 -8.55 -12.92
C LEU B 506 2.30 -8.63 -11.86
N GLY B 507 1.96 -9.26 -10.74
CA GLY B 507 2.92 -9.64 -9.72
C GLY B 507 3.75 -8.52 -9.11
N GLY B 508 5.04 -8.80 -8.94
CA GLY B 508 5.95 -7.88 -8.28
C GLY B 508 6.03 -8.21 -6.80
N VAL B 509 6.93 -7.54 -6.10
CA VAL B 509 7.08 -7.72 -4.66
C VAL B 509 5.89 -7.08 -3.94
N THR B 510 4.89 -7.88 -3.59
CA THR B 510 3.67 -7.33 -3.01
C THR B 510 2.83 -8.34 -2.23
N GLU B 511 2.08 -7.83 -1.25
CA GLU B 511 1.14 -8.68 -0.51
C GLU B 511 -0.21 -8.66 -1.23
N GLY B 512 -0.29 -7.94 -2.33
CA GLY B 512 -1.51 -7.82 -3.09
C GLY B 512 -1.75 -8.95 -4.08
N PRO B 513 -2.90 -8.93 -4.76
CA PRO B 513 -3.28 -9.91 -5.78
C PRO B 513 -2.17 -10.18 -6.80
N ALA B 514 -2.12 -11.41 -7.27
CA ALA B 514 -1.11 -11.83 -8.24
C ALA B 514 -1.31 -11.15 -9.59
N MET B 515 -2.45 -10.50 -9.77
CA MET B 515 -2.74 -9.82 -11.02
C MET B 515 -3.86 -8.79 -10.86
N LEU B 516 -3.69 -7.65 -11.51
CA LEU B 516 -4.63 -6.55 -11.39
C LEU B 516 -4.97 -5.99 -12.76
N LEU B 517 -6.20 -5.50 -12.89
CA LEU B 517 -6.63 -4.83 -14.10
C LEU B 517 -7.16 -3.45 -13.75
N TYR B 518 -6.41 -2.42 -14.10
CA TYR B 518 -6.85 -1.06 -13.88
C TYR B 518 -7.73 -0.59 -15.03
N ASN B 519 -8.97 -0.20 -14.71
CA ASN B 519 -9.88 0.35 -15.70
C ASN B 519 -9.75 1.86 -15.79
N VAL B 520 -9.19 2.35 -16.89
CA VAL B 520 -8.86 3.76 -17.00
C VAL B 520 -10.07 4.70 -16.91
N THR B 521 -11.14 4.36 -17.63
CA THR B 521 -12.34 5.20 -17.64
C THR B 521 -13.13 5.12 -16.33
N GLU B 522 -13.00 3.98 -15.65
CA GLU B 522 -13.79 3.71 -14.47
C GLU B 522 -13.02 4.08 -13.20
N GLU B 523 -11.72 4.25 -13.34
CA GLU B 523 -10.83 4.56 -12.22
C GLU B 523 -10.96 3.54 -11.10
N ILE B 524 -10.89 2.26 -11.46
CA ILE B 524 -10.96 1.19 -10.47
C ILE B 524 -9.91 0.11 -10.73
N PHE B 525 -9.42 -0.51 -9.66
CA PHE B 525 -8.50 -1.62 -9.78
C PHE B 525 -9.26 -2.90 -9.49
N LYS B 526 -9.08 -3.92 -10.31
CA LYS B 526 -9.77 -5.19 -10.12
C LYS B 526 -8.80 -6.37 -9.99
N ASP B 527 -9.11 -7.27 -9.06
CA ASP B 527 -8.34 -8.49 -8.87
C ASP B 527 -8.75 -9.50 -9.93
N VAL B 528 -7.86 -9.75 -10.88
CA VAL B 528 -8.18 -10.67 -11.97
C VAL B 528 -7.31 -11.91 -11.92
N THR B 529 -6.82 -12.25 -10.73
CA THR B 529 -6.00 -13.45 -10.54
C THR B 529 -6.71 -14.68 -11.08
N PRO B 530 -6.10 -15.33 -12.09
CA PRO B 530 -6.66 -16.53 -12.70
C PRO B 530 -6.82 -17.67 -11.68
N LYS B 531 -7.78 -18.55 -11.95
CA LYS B 531 -8.05 -19.69 -11.08
C LYS B 531 -6.83 -20.60 -10.94
N ASP B 532 -5.90 -20.49 -11.87
CA ASP B 532 -4.75 -21.38 -11.96
C ASP B 532 -3.89 -21.40 -10.69
N GLU B 533 -3.50 -22.59 -10.25
CA GLU B 533 -2.66 -22.76 -9.08
C GLU B 533 -1.29 -22.08 -9.27
N PHE B 534 -0.95 -21.83 -10.53
CA PHE B 534 0.30 -21.16 -10.87
C PHE B 534 0.41 -19.80 -10.17
N PHE B 535 -0.67 -19.04 -10.18
CA PHE B 535 -0.68 -17.69 -9.61
C PHE B 535 -0.88 -17.70 -8.09
N GLN B 536 -0.49 -18.80 -7.46
CA GLN B 536 -0.51 -18.89 -6.00
C GLN B 536 0.47 -17.89 -5.40
N ASN B 537 1.60 -17.71 -6.06
CA ASN B 537 2.66 -16.83 -5.59
C ASN B 537 2.92 -15.68 -6.58
N SER B 538 3.28 -14.52 -6.05
CA SER B 538 3.46 -13.33 -6.89
C SER B 538 4.74 -13.42 -7.73
N LEU B 539 4.64 -12.96 -8.97
CA LEU B 539 5.72 -13.12 -9.96
C LEU B 539 6.57 -11.86 -10.11
N VAL B 540 7.72 -11.84 -9.46
CA VAL B 540 8.61 -10.68 -9.50
C VAL B 540 9.31 -10.55 -10.84
N SER B 541 9.42 -9.31 -11.32
CA SER B 541 10.10 -9.00 -12.58
C SER B 541 10.06 -10.11 -13.63
N ALA B 542 8.89 -10.31 -14.22
CA ALA B 542 8.74 -11.25 -15.32
C ALA B 542 8.45 -10.52 -16.62
N GLY B 543 8.64 -11.19 -17.73
CA GLY B 543 8.33 -10.62 -19.03
C GLY B 543 6.83 -10.67 -19.22
N LEU B 544 6.30 -9.64 -19.87
CA LEU B 544 4.85 -9.56 -20.11
C LEU B 544 4.60 -8.68 -21.32
N GLU B 545 3.79 -9.20 -22.24
CA GLU B 545 3.46 -8.50 -23.46
C GLU B 545 2.11 -8.99 -23.97
N PHE B 546 1.48 -8.21 -24.83
CA PHE B 546 0.14 -8.54 -25.27
C PHE B 546 -0.06 -8.30 -26.76
N ASP B 547 -0.66 -9.28 -27.42
CA ASP B 547 -1.04 -9.16 -28.82
C ASP B 547 -2.49 -8.67 -28.94
N PRO B 548 -2.68 -7.44 -29.46
CA PRO B 548 -4.01 -6.84 -29.64
C PRO B 548 -4.91 -7.67 -30.55
N VAL B 549 -4.36 -8.16 -31.66
CA VAL B 549 -5.15 -8.96 -32.60
C VAL B 549 -5.66 -10.26 -31.98
N SER B 550 -4.74 -11.12 -31.54
CA SER B 550 -5.11 -12.40 -30.94
C SER B 550 -5.71 -12.22 -29.56
N LYS B 551 -5.71 -10.97 -29.07
CA LYS B 551 -6.13 -10.67 -27.71
C LYS B 551 -5.63 -11.77 -26.78
N GLN B 552 -4.38 -12.15 -27.00
CA GLN B 552 -3.69 -13.20 -26.25
C GLN B 552 -2.38 -12.58 -25.77
N GLY B 553 -1.81 -13.12 -24.70
CA GLY B 553 -0.56 -12.59 -24.16
C GLY B 553 0.30 -13.61 -23.44
N ILE B 554 1.60 -13.36 -23.39
CA ILE B 554 2.54 -14.28 -22.76
C ILE B 554 3.06 -13.78 -21.41
N ILE B 555 3.49 -14.71 -20.57
CA ILE B 555 4.17 -14.38 -19.32
C ILE B 555 5.49 -15.17 -19.22
N LEU B 556 6.60 -14.50 -19.45
CA LEU B 556 7.89 -15.17 -19.53
C LEU B 556 8.63 -15.12 -18.19
N GLY B 557 8.89 -16.29 -17.62
CA GLY B 557 9.72 -16.40 -16.43
C GLY B 557 9.26 -15.59 -15.23
N GLY B 558 10.22 -14.98 -14.54
CA GLY B 558 9.94 -14.22 -13.34
C GLY B 558 10.27 -15.02 -12.09
N GLY B 559 10.57 -14.32 -11.00
CA GLY B 559 10.94 -15.00 -9.76
C GLY B 559 9.88 -14.90 -8.69
N PHE B 560 10.08 -15.64 -7.59
CA PHE B 560 9.17 -15.54 -6.46
C PHE B 560 9.85 -14.74 -5.37
N MET B 561 9.10 -14.45 -4.31
CA MET B 561 9.57 -13.57 -3.25
C MET B 561 10.50 -14.27 -2.25
N ASP B 562 10.87 -15.51 -2.56
CA ASP B 562 11.89 -16.21 -1.79
C ASP B 562 13.27 -15.81 -2.32
N GLN B 563 13.27 -15.00 -3.37
CA GLN B 563 14.50 -14.51 -3.99
C GLN B 563 15.42 -15.67 -4.38
N THR B 564 14.80 -16.80 -4.75
CA THR B 564 15.54 -18.00 -5.07
C THR B 564 14.94 -18.68 -6.29
N THR B 565 13.69 -19.10 -6.16
CA THR B 565 12.99 -19.80 -7.24
C THR B 565 12.72 -18.89 -8.43
N VAL B 566 12.92 -19.41 -9.63
CA VAL B 566 12.63 -18.68 -10.86
C VAL B 566 11.75 -19.51 -11.79
N SER B 567 10.68 -18.90 -12.28
CA SER B 567 9.73 -19.55 -13.18
C SER B 567 10.42 -19.88 -14.50
N ASP B 568 10.28 -21.11 -14.96
CA ASP B 568 10.81 -21.51 -16.26
C ASP B 568 9.69 -21.63 -17.28
N LYS B 569 8.49 -21.27 -16.84
CA LYS B 569 7.28 -21.43 -17.64
C LYS B 569 6.95 -20.22 -18.49
N ALA B 570 6.62 -20.46 -19.75
CA ALA B 570 6.03 -19.44 -20.60
C ALA B 570 4.54 -19.70 -20.62
N ILE B 571 3.75 -18.68 -20.29
CA ILE B 571 2.31 -18.87 -20.19
C ILE B 571 1.57 -17.99 -21.18
N ILE B 572 0.65 -18.59 -21.93
CA ILE B 572 -0.18 -17.83 -22.85
C ILE B 572 -1.59 -17.67 -22.29
N PHE B 573 -2.10 -16.45 -22.27
CA PHE B 573 -3.42 -16.17 -21.71
C PHE B 573 -4.32 -15.38 -22.65
N LYS B 574 -5.62 -15.51 -22.46
CA LYS B 574 -6.61 -14.80 -23.25
C LYS B 574 -7.27 -13.71 -22.41
N TYR B 575 -7.64 -12.61 -23.05
CA TYR B 575 -8.33 -11.53 -22.33
C TYR B 575 -9.74 -11.29 -22.86
N ASP B 576 -10.73 -11.72 -22.08
CA ASP B 576 -12.13 -11.49 -22.41
C ASP B 576 -12.65 -10.28 -21.62
N ALA B 577 -12.96 -9.20 -22.34
CA ALA B 577 -13.45 -7.99 -21.70
C ALA B 577 -14.93 -8.08 -21.36
N GLU B 578 -15.70 -8.81 -22.17
CA GLU B 578 -17.11 -8.99 -21.91
C GLU B 578 -17.28 -9.71 -20.57
N ASN B 579 -16.52 -10.79 -20.40
CA ASN B 579 -16.47 -11.50 -19.12
C ASN B 579 -15.90 -10.59 -18.03
N ALA B 580 -16.67 -10.38 -16.96
CA ALA B 580 -16.28 -9.39 -15.94
C ALA B 580 -15.90 -9.98 -14.58
N THR B 581 -16.06 -11.29 -14.41
CA THR B 581 -15.62 -11.94 -13.17
C THR B 581 -14.28 -12.68 -13.36
N GLU B 582 -13.99 -13.05 -14.60
CA GLU B 582 -12.78 -13.79 -14.92
C GLU B 582 -12.33 -13.51 -16.36
N PRO B 583 -11.84 -12.29 -16.62
CA PRO B 583 -11.41 -11.82 -17.94
C PRO B 583 -10.08 -12.41 -18.39
N ILE B 584 -9.37 -13.08 -17.48
CA ILE B 584 -8.06 -13.65 -17.81
C ILE B 584 -8.06 -15.15 -17.57
N THR B 585 -7.75 -15.90 -18.63
CA THR B 585 -7.76 -17.36 -18.58
C THR B 585 -6.50 -17.98 -19.19
N VAL B 586 -5.94 -18.96 -18.48
CA VAL B 586 -4.74 -19.64 -18.93
C VAL B 586 -5.02 -20.58 -20.11
N ILE B 587 -4.32 -20.34 -21.22
CA ILE B 587 -4.46 -21.19 -22.39
C ILE B 587 -3.43 -22.32 -22.33
N LYS B 588 -2.18 -21.99 -22.62
CA LYS B 588 -1.11 -22.98 -22.65
C LYS B 588 -0.03 -22.61 -21.63
N LYS B 589 0.67 -23.62 -21.12
CA LYS B 589 1.77 -23.38 -20.19
C LYS B 589 3.05 -24.11 -20.61
N LEU B 590 3.86 -23.43 -21.43
CA LEU B 590 5.09 -24.00 -21.96
C LEU B 590 6.21 -24.06 -20.92
N GLN B 591 7.28 -24.79 -21.25
CA GLN B 591 8.39 -24.93 -20.31
C GLN B 591 9.73 -25.19 -20.99
N HIS B 592 10.59 -24.18 -21.03
CA HIS B 592 11.96 -24.35 -21.51
C HIS B 592 12.96 -23.82 -20.50
N PRO B 593 14.04 -24.57 -20.25
CA PRO B 593 15.12 -24.10 -19.37
C PRO B 593 15.67 -22.71 -19.75
N LEU B 594 15.41 -22.27 -20.98
CA LEU B 594 15.84 -20.94 -21.41
C LEU B 594 14.76 -19.90 -21.12
N PHE B 595 13.67 -20.33 -20.50
CA PHE B 595 12.61 -19.40 -20.10
C PHE B 595 12.84 -18.94 -18.67
N GLN B 596 13.77 -19.60 -17.98
CA GLN B 596 14.01 -19.29 -16.57
C GLN B 596 14.82 -18.00 -16.41
N ARG B 597 14.16 -16.87 -16.58
CA ARG B 597 14.82 -15.57 -16.50
C ARG B 597 14.23 -14.71 -15.40
N TYR B 598 15.07 -13.85 -14.83
CA TYR B 598 14.64 -12.86 -13.86
C TYR B 598 15.04 -11.49 -14.39
N GLY B 599 14.06 -10.64 -14.64
CA GLY B 599 14.33 -9.30 -15.12
C GLY B 599 14.39 -9.19 -16.63
N SER B 600 13.70 -10.09 -17.32
CA SER B 600 13.65 -10.07 -18.77
C SER B 600 12.60 -9.09 -19.28
N GLN B 601 12.59 -8.86 -20.58
CA GLN B 601 11.55 -8.08 -21.23
C GLN B 601 11.24 -8.75 -22.55
N ILE B 602 9.95 -8.93 -22.85
CA ILE B 602 9.55 -9.56 -24.10
C ILE B 602 8.70 -8.61 -24.94
N LYS B 603 8.69 -8.85 -26.25
CA LYS B 603 7.94 -8.03 -27.19
C LYS B 603 7.73 -8.77 -28.51
N TYR B 604 6.60 -8.54 -29.16
CA TYR B 604 6.30 -9.18 -30.43
C TYR B 604 6.95 -8.44 -31.60
N ILE B 605 7.82 -9.15 -32.33
CA ILE B 605 8.36 -8.63 -33.58
C ILE B 605 7.24 -8.69 -34.62
N THR B 606 6.51 -9.80 -34.60
CA THR B 606 5.30 -9.97 -35.39
C THR B 606 4.35 -10.85 -34.57
N PRO B 607 3.05 -10.87 -34.94
CA PRO B 607 2.06 -11.63 -34.17
C PRO B 607 2.41 -13.11 -34.03
N ARG B 608 3.45 -13.55 -34.71
CA ARG B 608 3.87 -14.95 -34.69
C ARG B 608 5.20 -15.18 -33.98
N LYS B 609 6.05 -14.15 -33.96
CA LYS B 609 7.37 -14.29 -33.34
C LYS B 609 7.57 -13.36 -32.15
N LEU B 610 7.85 -13.96 -30.99
CA LEU B 610 8.05 -13.21 -29.76
C LEU B 610 9.52 -13.13 -29.37
N LEU B 611 10.06 -11.91 -29.32
CA LEU B 611 11.44 -11.70 -28.90
C LEU B 611 11.57 -11.79 -27.39
N ILE B 612 12.60 -12.49 -26.93
CA ILE B 612 12.90 -12.57 -25.51
C ILE B 612 14.31 -12.02 -25.28
N VAL B 613 14.42 -11.03 -24.40
CA VAL B 613 15.69 -10.34 -24.22
C VAL B 613 16.19 -10.32 -22.77
N GLY B 614 17.48 -10.63 -22.60
CA GLY B 614 18.18 -10.43 -21.34
C GLY B 614 17.58 -11.08 -20.10
N GLY B 615 17.95 -10.55 -18.94
CA GLY B 615 17.56 -11.13 -17.68
C GLY B 615 18.64 -12.05 -17.15
N THR B 616 18.55 -12.41 -15.88
CA THR B 616 19.50 -13.35 -15.31
C THR B 616 18.84 -14.68 -15.00
N SER B 617 19.58 -15.59 -14.38
CA SER B 617 19.08 -16.93 -14.12
C SER B 617 19.87 -17.58 -12.99
N PRO B 618 19.23 -18.46 -12.22
CA PRO B 618 19.89 -19.20 -11.14
C PRO B 618 20.60 -20.45 -11.69
N SER B 619 20.36 -20.74 -12.96
CA SER B 619 20.87 -21.95 -13.58
C SER B 619 22.25 -21.72 -14.18
N GLY B 620 22.57 -20.47 -14.46
CA GLY B 620 23.84 -20.13 -15.07
C GLY B 620 23.82 -18.76 -15.74
N LEU B 621 24.62 -18.62 -16.79
CA LEU B 621 24.81 -17.33 -17.44
C LEU B 621 24.49 -17.40 -18.91
N PHE B 622 23.67 -16.48 -19.39
CA PHE B 622 23.38 -16.39 -20.81
C PHE B 622 24.65 -15.98 -21.56
N ASP B 623 24.71 -16.34 -22.85
CA ASP B 623 25.89 -16.07 -23.66
C ASP B 623 25.50 -15.39 -24.97
N ARG B 624 26.40 -15.40 -25.94
CA ARG B 624 26.13 -14.75 -27.22
C ARG B 624 24.90 -15.30 -27.91
N THR B 625 24.56 -16.56 -27.65
CA THR B 625 23.54 -17.24 -28.42
C THR B 625 22.15 -17.26 -27.79
N ASN B 626 22.08 -17.24 -26.45
CA ASN B 626 20.79 -17.35 -25.78
C ASN B 626 20.38 -16.13 -24.94
N SER B 627 21.16 -15.06 -24.99
CA SER B 627 20.79 -13.84 -24.31
C SER B 627 19.51 -13.29 -24.95
N ILE B 628 19.46 -13.41 -26.27
CA ILE B 628 18.31 -12.96 -27.03
C ILE B 628 17.81 -14.07 -27.94
N ILE B 629 16.62 -14.58 -27.66
CA ILE B 629 16.03 -15.64 -28.46
C ILE B 629 14.64 -15.26 -28.94
N SER B 630 13.92 -16.22 -29.51
CA SER B 630 12.57 -15.96 -29.99
C SER B 630 11.68 -17.20 -29.85
N LEU B 631 10.45 -16.99 -29.40
CA LEU B 631 9.50 -18.08 -29.24
C LEU B 631 8.27 -17.84 -30.11
N ASP B 632 7.99 -18.79 -30.99
CA ASP B 632 6.77 -18.75 -31.79
C ASP B 632 5.65 -19.41 -30.98
N PRO B 633 4.70 -18.60 -30.49
CA PRO B 633 3.64 -19.07 -29.59
C PRO B 633 3.04 -20.42 -30.00
N LEU B 634 2.35 -20.46 -31.14
CA LEU B 634 1.68 -21.69 -31.59
C LEU B 634 2.67 -22.76 -32.02
N SER B 635 3.67 -22.36 -32.79
CA SER B 635 4.66 -23.31 -33.31
C SER B 635 5.44 -23.98 -32.19
N GLU B 636 5.76 -23.20 -31.15
CA GLU B 636 6.57 -23.68 -30.04
C GLU B 636 8.03 -23.94 -30.46
N THR B 637 8.51 -23.11 -31.39
CA THR B 637 9.87 -23.25 -31.89
C THR B 637 10.74 -22.06 -31.48
N LEU B 638 11.96 -22.35 -31.01
CA LEU B 638 12.88 -21.31 -30.57
C LEU B 638 13.99 -21.07 -31.60
N THR B 639 14.26 -19.81 -31.89
CA THR B 639 15.42 -19.47 -32.70
C THR B 639 16.30 -18.49 -31.93
N SER B 640 17.61 -18.73 -31.98
CA SER B 640 18.57 -17.85 -31.33
C SER B 640 18.84 -16.61 -32.16
N ILE B 641 18.72 -15.44 -31.55
CA ILE B 641 19.21 -14.22 -32.17
C ILE B 641 20.61 -13.98 -31.64
N PRO B 642 21.62 -14.40 -32.42
CA PRO B 642 23.02 -14.34 -31.99
C PRO B 642 23.57 -12.92 -31.91
N ILE B 643 24.30 -12.63 -30.85
CA ILE B 643 25.02 -11.37 -30.75
C ILE B 643 26.40 -11.56 -31.36
N SER B 644 26.73 -10.75 -32.36
CA SER B 644 28.01 -10.87 -33.05
C SER B 644 29.19 -10.76 -32.07
N ARG B 645 30.32 -11.35 -32.44
CA ARG B 645 31.52 -11.34 -31.61
C ARG B 645 31.97 -9.91 -31.33
N ARG B 646 31.73 -9.03 -32.30
CA ARG B 646 32.19 -7.65 -32.24
C ARG B 646 31.28 -6.77 -31.37
N ILE B 647 30.15 -7.31 -30.94
CA ILE B 647 29.26 -6.57 -30.07
C ILE B 647 29.36 -7.13 -28.65
N TRP B 648 29.43 -8.45 -28.58
CA TRP B 648 29.61 -9.14 -27.31
C TRP B 648 30.92 -8.70 -26.66
N GLU B 649 31.96 -8.52 -27.49
CA GLU B 649 33.30 -8.20 -27.01
C GLU B 649 33.60 -6.71 -26.91
N ASP B 650 33.23 -5.95 -27.93
CA ASP B 650 33.68 -4.56 -28.03
C ASP B 650 32.78 -3.55 -27.33
N HIS B 651 31.50 -3.85 -27.24
CA HIS B 651 30.55 -2.90 -26.69
C HIS B 651 29.99 -3.31 -25.33
N SER B 652 29.76 -2.31 -24.48
CA SER B 652 29.28 -2.55 -23.12
C SER B 652 27.86 -3.10 -23.15
N LEU B 653 27.71 -4.33 -22.67
CA LEU B 653 26.41 -4.99 -22.69
C LEU B 653 26.06 -5.46 -21.28
N MET B 654 24.86 -5.11 -20.83
CA MET B 654 24.39 -5.52 -19.51
C MET B 654 22.88 -5.48 -19.54
N LEU B 655 22.27 -6.59 -19.93
CA LEU B 655 20.82 -6.67 -20.09
C LEU B 655 20.12 -6.92 -18.75
N ALA B 656 20.17 -5.90 -17.90
CA ALA B 656 19.46 -5.91 -16.63
C ALA B 656 18.93 -4.50 -16.35
N GLY B 657 17.63 -4.38 -16.12
CA GLY B 657 17.02 -3.08 -15.89
C GLY B 657 16.87 -2.31 -17.18
N PHE B 658 16.96 -3.01 -18.31
CA PHE B 658 16.75 -2.40 -19.61
C PHE B 658 15.27 -2.40 -19.94
N SER B 659 14.92 -1.84 -21.10
CA SER B 659 13.53 -1.79 -21.53
C SER B 659 13.46 -2.06 -23.03
N LEU B 660 12.24 -2.27 -23.52
CA LEU B 660 12.04 -2.51 -24.94
C LEU B 660 11.10 -1.48 -25.55
N VAL B 661 11.57 -0.81 -26.59
CA VAL B 661 10.78 0.19 -27.29
C VAL B 661 10.65 -0.21 -28.75
N SER B 662 9.47 -0.02 -29.31
CA SER B 662 9.25 -0.40 -30.69
C SER B 662 8.52 0.68 -31.48
N THR B 663 9.28 1.48 -32.22
CA THR B 663 8.66 2.27 -33.27
C THR B 663 8.41 1.29 -34.41
N SER B 664 7.12 1.08 -34.68
CA SER B 664 6.58 -0.13 -35.31
C SER B 664 7.35 -0.82 -36.45
N MET B 665 7.32 -2.15 -36.42
CA MET B 665 7.83 -2.98 -37.51
C MET B 665 6.68 -3.81 -38.08
N THR B 667 11.64 -3.43 -35.74
CA THR B 667 12.65 -2.49 -35.25
C THR B 667 12.48 -2.21 -33.77
N ILE B 668 12.88 -3.18 -32.94
CA ILE B 668 12.85 -3.02 -31.50
C ILE B 668 14.19 -2.52 -30.98
N HIS B 669 14.16 -1.54 -30.09
CA HIS B 669 15.39 -1.01 -29.49
C HIS B 669 15.56 -1.47 -28.05
N ILE B 670 16.62 -2.23 -27.78
CA ILE B 670 16.96 -2.57 -26.41
C ILE B 670 17.71 -1.39 -25.80
N ILE B 671 17.00 -0.55 -25.05
CA ILE B 671 17.60 0.65 -24.47
C ILE B 671 17.60 0.59 -22.95
N GLY B 672 18.40 1.45 -22.34
CA GLY B 672 18.56 1.47 -20.89
C GLY B 672 19.26 0.24 -20.35
N GLY B 673 19.48 0.21 -19.04
CA GLY B 673 20.06 -0.95 -18.38
C GLY B 673 21.42 -0.63 -17.79
N GLY B 674 21.92 -1.51 -16.93
CA GLY B 674 23.22 -1.34 -16.30
C GLY B 674 23.31 -2.10 -14.98
N ALA B 675 24.52 -2.18 -14.44
CA ALA B 675 24.75 -2.92 -13.20
C ALA B 675 26.01 -2.41 -12.50
N THR B 676 26.05 -2.55 -11.18
CA THR B 676 27.22 -2.14 -10.41
C THR B 676 28.34 -3.18 -10.44
N CYS B 677 27.99 -4.40 -10.79
CA CYS B 677 28.98 -5.47 -10.95
C CYS B 677 29.78 -5.76 -9.67
N TYR B 678 29.10 -5.76 -8.53
CA TYR B 678 29.70 -6.25 -7.29
C TYR B 678 30.97 -5.47 -6.93
N GLY B 679 30.97 -4.18 -7.24
CA GLY B 679 32.06 -3.30 -6.86
C GLY B 679 33.22 -3.29 -7.85
N PHE B 680 33.17 -4.15 -8.86
CA PHE B 680 34.25 -4.25 -9.84
C PHE B 680 34.16 -3.14 -10.90
N GLY B 681 33.26 -2.19 -10.67
CA GLY B 681 33.07 -1.10 -11.61
C GLY B 681 31.72 -1.24 -12.28
N SER B 682 31.01 -0.12 -12.43
CA SER B 682 29.68 -0.16 -13.00
C SER B 682 29.68 -0.07 -14.52
N VAL B 683 28.82 -0.87 -15.15
CA VAL B 683 28.69 -0.87 -16.60
C VAL B 683 27.28 -0.41 -17.03
N THR B 684 27.25 0.38 -18.10
CA THR B 684 26.02 0.93 -18.64
C THR B 684 25.72 0.30 -19.99
N ASN B 685 24.61 -0.46 -20.07
CA ASN B 685 24.21 -1.11 -21.31
C ASN B 685 24.04 -0.07 -22.41
N VAL B 686 24.79 -0.25 -23.50
CA VAL B 686 25.01 0.85 -24.43
C VAL B 686 23.92 1.03 -25.50
N GLY B 687 23.30 -0.06 -25.94
CA GLY B 687 22.19 0.06 -26.87
C GLY B 687 22.28 -0.80 -28.12
N LEU B 688 21.30 -1.67 -28.28
CA LEU B 688 21.19 -2.54 -29.45
C LEU B 688 19.82 -2.38 -30.10
N LYS B 689 19.78 -2.40 -31.43
CA LYS B 689 18.53 -2.43 -32.16
C LYS B 689 18.33 -3.80 -32.81
N LEU B 690 17.10 -4.13 -33.17
CA LEU B 690 16.80 -5.40 -33.82
C LEU B 690 15.97 -5.17 -35.08
N ILE B 691 16.46 -5.63 -36.21
CA ILE B 691 15.73 -5.48 -37.47
C ILE B 691 15.81 -6.75 -38.31
N ALA B 692 14.90 -6.85 -39.28
CA ALA B 692 14.87 -8.00 -40.18
C ALA B 692 16.10 -8.01 -41.10
N ILE B 693 16.09 -8.89 -42.08
CA ILE B 693 17.20 -8.99 -43.03
C ILE B 693 16.71 -9.04 -44.49
N ALA B 694 17.60 -8.68 -45.41
CA ALA B 694 17.28 -8.69 -46.83
C ALA B 694 16.62 -10.01 -47.24
#